data_1GW0
#
_entry.id   1GW0
#
_cell.length_a   62.510
_cell.length_b   72.300
_cell.length_c   88.940
_cell.angle_alpha   110.40
_cell.angle_beta   95.23
_cell.angle_gamma   109.74
#
_symmetry.space_group_name_H-M   'P 1'
#
loop_
_entity.id
_entity.type
_entity.pdbx_description
1 polymer LACCASE-1
2 branched alpha-D-mannopyranose-(1-3)-[beta-D-mannopyranose-(1-6)]alpha-D-mannopyranose-(1-6)-[alpha-D-mannopyranose-(1-3)]beta-D-mannopyranose-(1-4)-2-acetamido-2-deoxy-beta-D-glucopyranose-(1-4)-2-acetamido-2-deoxy-beta-D-glucopyranose
3 branched beta-D-mannopyranose-(1-4)-2-acetamido-2-deoxy-beta-D-glucopyranose-(1-4)-2-acetamido-2-deoxy-beta-D-glucopyranose
4 branched alpha-D-mannopyranose-(1-2)-alpha-D-mannopyranose-(1-3)-beta-D-mannopyranose-(1-4)-2-acetamido-2-deoxy-beta-D-glucopyranose-(1-4)-2-acetamido-2-deoxy-beta-D-glucopyranose
5 branched 2-acetamido-2-deoxy-beta-D-glucopyranose-(1-4)-2-acetamido-2-deoxy-beta-D-glucopyranose
6 branched alpha-D-mannopyranose-(1-3)-alpha-D-mannopyranose-(1-6)-[alpha-D-mannopyranose-(1-3)]beta-D-mannopyranose-(1-4)-2-acetamido-2-deoxy-beta-D-glucopyranose-(1-4)-2-acetamido-2-deoxy-beta-D-glucopyranose
7 non-polymer 'OXYGEN MOLECULE'
8 non-polymer 'COPPER (II) ION'
9 non-polymer 'CHLORIDE ION'
10 non-polymer 2-acetamido-2-deoxy-beta-D-glucopyranose
11 non-polymer 'SULFATE ION'
12 water water
#
_entity_poly.entity_id   1
_entity_poly.type   'polypeptide(L)'
_entity_poly.pdbx_seq_one_letter_code
;EPTCNTPSNRACWSDGFDINTDYEVSTPDTGVTQSYVFNLTEVDNWMGPDGVVKEKVMLINGNIMGPNIVANWGDTVEVT
VINNLVTNGTSIHWHGIHQKDTNLHDGANGVTECPIPPKGGQRTYRWRARQYGTSWYHSHFSAQYGNGVVGTIQINGPAS
LPYDIDLGVFPITDYYYRAADDLVHFTQNNAPPFSDNVLINGTAVNPNTGEGQYANVTLTPGKRHRLRILNTSTENHFQV
SLVNHTMTVIAADMVPVNAMTVDSLFLAVGQRYDVVIDASRAPDNYWFNVTFGGQAACGGSLNPHPAAIFHYAGAPGGLP
TDEGTPPVDHQCLDTLDVRPVVPRSVPVNSFVKRPDNTLPVALDLTGTPLFVWKVNGSDINVDWGKPIIDYILTGNTSYP
VSDNIVQVDAVDQWTYWLIENDPEGPFSLPHPMHLHGHDFLVLGRSPDVPAASQQRFVFDPAVDLARLNGDNPPRRDTTM
LPAGGWLLLAFRTDNPGAWLFHCHIAWHVSGGLSVDFLERPADLRQRISQEDEDDFNRVCDEWRAYWPTNPYPKIDSGL
;
_entity_poly.pdbx_strand_id   A,B
#
loop_
_chem_comp.id
_chem_comp.type
_chem_comp.name
_chem_comp.formula
BMA D-saccharide, beta linking beta-D-mannopyranose 'C6 H12 O6'
CL non-polymer 'CHLORIDE ION' 'Cl -1'
CU non-polymer 'COPPER (II) ION' 'Cu 2'
MAN D-saccharide, alpha linking alpha-D-mannopyranose 'C6 H12 O6'
NAG D-saccharide, beta linking 2-acetamido-2-deoxy-beta-D-glucopyranose 'C8 H15 N O6'
OXY non-polymer 'OXYGEN MOLECULE' O2
SO4 non-polymer 'SULFATE ION' 'O4 S -2'
#
# COMPACT_ATOMS: atom_id res chain seq x y z
N GLU A 1 49.18 -2.49 5.18
CA GLU A 1 48.06 -3.11 5.94
C GLU A 1 48.11 -2.70 7.43
N PRO A 2 47.20 -3.24 8.26
CA PRO A 2 47.17 -2.90 9.70
C PRO A 2 48.38 -3.33 10.52
N THR A 3 48.62 -2.61 11.61
CA THR A 3 49.73 -2.91 12.51
C THR A 3 49.33 -2.67 13.98
N CYS A 4 48.42 -1.71 14.19
CA CYS A 4 47.95 -1.36 15.53
C CYS A 4 46.43 -1.49 15.70
N ASN A 5 45.78 -2.16 14.77
CA ASN A 5 44.34 -2.36 14.84
C ASN A 5 44.06 -3.55 15.76
N THR A 6 43.66 -3.27 17.00
CA THR A 6 43.39 -4.32 17.97
C THR A 6 41.96 -4.28 18.50
N PRO A 7 41.49 -5.40 19.09
CA PRO A 7 40.13 -5.48 19.62
C PRO A 7 39.71 -4.29 20.50
N SER A 8 40.64 -3.79 21.31
CA SER A 8 40.32 -2.68 22.20
C SER A 8 40.69 -1.32 21.61
N ASN A 9 41.29 -1.32 20.42
CA ASN A 9 41.68 -0.09 19.74
C ASN A 9 41.52 -0.22 18.23
N ARG A 10 40.28 -0.21 17.76
CA ARG A 10 39.99 -0.34 16.34
C ARG A 10 40.19 0.99 15.62
N ALA A 11 40.33 2.07 16.39
CA ALA A 11 40.52 3.39 15.81
C ALA A 11 41.89 3.48 15.13
N CYS A 12 42.83 2.69 15.63
CA CYS A 12 44.19 2.69 15.09
C CYS A 12 44.32 1.78 13.88
N TRP A 13 45.13 2.19 12.90
CA TRP A 13 45.34 1.37 11.71
C TRP A 13 46.82 1.17 11.38
N SER A 14 47.49 2.24 10.98
CA SER A 14 48.92 2.22 10.66
C SER A 14 49.43 3.63 10.86
N ASP A 15 50.74 3.81 10.90
CA ASP A 15 51.29 5.15 11.11
C ASP A 15 50.76 6.14 10.09
N GLY A 16 50.15 7.22 10.59
CA GLY A 16 49.60 8.24 9.72
C GLY A 16 48.20 7.97 9.21
N PHE A 17 47.60 6.85 9.64
CA PHE A 17 46.24 6.51 9.19
C PHE A 17 45.40 5.91 10.32
N ASP A 18 44.32 6.60 10.66
CA ASP A 18 43.41 6.15 11.70
C ASP A 18 41.99 6.55 11.36
N ILE A 19 41.06 6.25 12.26
CA ILE A 19 39.65 6.56 12.05
C ILE A 19 39.36 8.03 11.79
N ASN A 20 40.26 8.91 12.21
CA ASN A 20 40.06 10.35 12.02
C ASN A 20 40.71 10.91 10.76
N THR A 21 41.48 10.08 10.06
CA THR A 21 42.15 10.50 8.84
C THR A 21 41.09 10.76 7.77
N ASP A 22 41.23 11.86 7.04
CA ASP A 22 40.28 12.19 5.98
C ASP A 22 40.58 11.26 4.82
N TYR A 23 39.99 10.07 4.85
CA TYR A 23 40.18 9.05 3.83
C TYR A 23 39.85 9.50 2.41
N GLU A 24 39.15 10.62 2.28
CA GLU A 24 38.78 11.10 0.96
C GLU A 24 39.90 11.83 0.24
N VAL A 25 40.94 12.23 0.96
CA VAL A 25 42.05 12.94 0.34
C VAL A 25 43.41 12.34 0.65
N SER A 26 43.44 11.38 1.58
CA SER A 26 44.68 10.72 1.96
C SER A 26 44.48 9.21 1.96
N THR A 27 45.31 8.51 1.18
CA THR A 27 45.23 7.07 1.07
C THR A 27 46.58 6.42 1.35
N PRO A 28 46.57 5.32 2.11
CA PRO A 28 47.84 4.66 2.40
C PRO A 28 48.22 3.82 1.18
N ASP A 29 49.47 3.86 0.74
CA ASP A 29 49.82 3.04 -0.40
C ASP A 29 50.54 1.80 0.12
N THR A 30 49.90 0.65 -0.06
CA THR A 30 50.45 -0.62 0.41
C THR A 30 51.25 -1.31 -0.68
N GLY A 31 51.04 -0.88 -1.93
CA GLY A 31 51.74 -1.50 -3.03
C GLY A 31 51.17 -2.88 -3.34
N VAL A 32 50.17 -3.29 -2.55
CA VAL A 32 49.51 -4.58 -2.68
C VAL A 32 48.28 -4.56 -3.61
N THR A 33 48.10 -5.65 -4.35
CA THR A 33 46.98 -5.80 -5.29
C THR A 33 46.26 -7.13 -5.04
N GLN A 34 44.93 -7.07 -4.98
CA GLN A 34 44.11 -8.27 -4.77
C GLN A 34 43.38 -8.58 -6.09
N SER A 35 43.71 -9.72 -6.69
CA SER A 35 43.10 -10.11 -7.96
C SER A 35 42.00 -11.13 -7.85
N TYR A 36 41.09 -11.08 -8.83
CA TYR A 36 39.96 -11.98 -8.92
C TYR A 36 39.63 -12.17 -10.40
N VAL A 37 38.95 -13.27 -10.69
CA VAL A 37 38.53 -13.55 -12.06
C VAL A 37 37.06 -13.93 -12.00
N PHE A 38 36.22 -13.22 -12.75
CA PHE A 38 34.79 -13.48 -12.77
C PHE A 38 34.35 -14.18 -14.06
N ASN A 39 33.90 -15.42 -13.92
CA ASN A 39 33.42 -16.21 -15.06
C ASN A 39 31.89 -16.18 -14.99
N LEU A 40 31.26 -15.53 -15.95
CA LEU A 40 29.80 -15.43 -15.98
C LEU A 40 29.12 -16.47 -16.86
N THR A 41 28.31 -17.33 -16.25
CA THR A 41 27.60 -18.33 -17.03
C THR A 41 26.09 -18.19 -16.87
N GLU A 42 25.38 -18.70 -17.86
CA GLU A 42 23.93 -18.68 -17.90
C GLU A 42 23.50 -20.12 -17.62
N VAL A 43 22.84 -20.34 -16.49
CA VAL A 43 22.38 -21.65 -16.07
C VAL A 43 20.86 -21.81 -16.09
N ASP A 44 20.38 -22.79 -16.87
CA ASP A 44 18.96 -23.05 -16.98
C ASP A 44 18.48 -24.08 -15.97
N ASN A 45 17.26 -23.88 -15.45
CA ASN A 45 16.67 -24.79 -14.47
C ASN A 45 17.60 -25.05 -13.31
N TRP A 46 18.00 -23.97 -12.66
CA TRP A 46 18.91 -24.01 -11.52
C TRP A 46 18.09 -24.10 -10.24
N MET A 47 18.44 -25.04 -9.37
CA MET A 47 17.71 -25.16 -8.11
C MET A 47 18.21 -24.14 -7.11
N GLY A 48 17.28 -23.33 -6.58
CA GLY A 48 17.65 -22.31 -5.63
C GLY A 48 17.78 -22.80 -4.20
N PRO A 49 18.15 -21.91 -3.27
CA PRO A 49 18.31 -22.25 -1.86
C PRO A 49 17.05 -22.59 -1.05
N ASP A 50 15.86 -22.32 -1.58
CA ASP A 50 14.65 -22.65 -0.83
C ASP A 50 13.91 -23.85 -1.40
N GLY A 51 14.47 -24.45 -2.44
CA GLY A 51 13.87 -25.63 -3.04
C GLY A 51 13.31 -25.45 -4.44
N VAL A 52 12.91 -24.23 -4.77
CA VAL A 52 12.35 -23.95 -6.08
C VAL A 52 13.42 -23.86 -7.17
N VAL A 53 13.09 -24.40 -8.33
CA VAL A 53 13.99 -24.38 -9.48
C VAL A 53 13.67 -23.18 -10.36
N LYS A 54 14.59 -22.22 -10.43
CA LYS A 54 14.35 -21.05 -11.26
C LYS A 54 14.58 -21.44 -12.71
N GLU A 55 13.82 -20.79 -13.60
CA GLU A 55 13.90 -21.03 -15.03
C GLU A 55 15.29 -20.72 -15.61
N LYS A 56 15.90 -19.64 -15.13
CA LYS A 56 17.21 -19.21 -15.61
C LYS A 56 17.89 -18.25 -14.64
N VAL A 57 19.20 -18.40 -14.51
CA VAL A 57 19.98 -17.52 -13.65
C VAL A 57 21.32 -17.22 -14.31
N MET A 58 21.98 -16.15 -13.86
CA MET A 58 23.27 -15.78 -14.40
C MET A 58 24.20 -15.71 -13.20
N LEU A 59 25.23 -16.56 -13.22
CA LEU A 59 26.13 -16.67 -12.10
C LEU A 59 27.58 -16.34 -12.34
N ILE A 60 28.20 -15.84 -11.28
CA ILE A 60 29.61 -15.53 -11.31
C ILE A 60 30.25 -16.75 -10.63
N ASN A 61 31.08 -17.45 -11.39
CA ASN A 61 31.77 -18.63 -10.91
C ASN A 61 30.87 -19.71 -10.31
N GLY A 62 29.72 -19.94 -10.96
CA GLY A 62 28.78 -20.96 -10.54
C GLY A 62 28.13 -20.88 -9.17
N ASN A 63 28.22 -19.74 -8.49
CA ASN A 63 27.59 -19.62 -7.18
C ASN A 63 26.50 -18.54 -7.21
N ILE A 64 25.56 -18.63 -6.28
CA ILE A 64 24.47 -17.67 -6.24
C ILE A 64 25.01 -16.24 -6.21
N MET A 65 26.16 -16.06 -5.58
CA MET A 65 26.79 -14.76 -5.54
C MET A 65 28.24 -14.90 -5.94
N GLY A 66 28.81 -13.80 -6.44
CA GLY A 66 30.19 -13.83 -6.85
C GLY A 66 31.03 -13.95 -5.59
N PRO A 67 32.35 -14.06 -5.72
CA PRO A 67 33.21 -14.18 -4.54
C PRO A 67 33.28 -12.88 -3.75
N ASN A 68 33.40 -13.00 -2.43
CA ASN A 68 33.50 -11.83 -1.58
C ASN A 68 34.86 -11.16 -1.80
N ILE A 69 34.85 -9.91 -2.25
CA ILE A 69 36.09 -9.21 -2.46
C ILE A 69 36.58 -8.77 -1.09
N VAL A 70 37.87 -8.96 -0.84
CA VAL A 70 38.47 -8.60 0.44
C VAL A 70 39.84 -7.97 0.26
N ALA A 71 40.04 -6.81 0.87
CA ALA A 71 41.31 -6.10 0.77
C ALA A 71 41.50 -5.13 1.93
N ASN A 72 42.68 -4.50 1.95
CA ASN A 72 43.01 -3.53 2.99
C ASN A 72 42.93 -2.12 2.43
N TRP A 73 42.68 -1.19 3.33
CA TRP A 73 42.60 0.21 2.99
C TRP A 73 43.89 0.64 2.29
N GLY A 74 43.76 1.04 1.01
CA GLY A 74 44.91 1.48 0.24
C GLY A 74 45.45 0.52 -0.82
N ASP A 75 44.98 -0.72 -0.82
CA ASP A 75 45.42 -1.69 -1.83
C ASP A 75 44.73 -1.38 -3.15
N THR A 76 45.09 -2.16 -4.15
CA THR A 76 44.46 -2.03 -5.46
C THR A 76 43.66 -3.31 -5.66
N VAL A 77 42.44 -3.17 -6.18
CA VAL A 77 41.59 -4.32 -6.46
C VAL A 77 41.52 -4.45 -7.97
N GLU A 78 41.70 -5.67 -8.46
CA GLU A 78 41.68 -5.93 -9.88
C GLU A 78 40.81 -7.16 -10.13
N VAL A 79 39.89 -7.04 -11.09
CA VAL A 79 38.99 -8.12 -11.43
C VAL A 79 38.86 -8.28 -12.94
N THR A 80 39.14 -9.49 -13.43
CA THR A 80 39.01 -9.80 -14.84
C THR A 80 37.63 -10.42 -15.01
N VAL A 81 36.78 -9.78 -15.79
CA VAL A 81 35.43 -10.28 -16.01
C VAL A 81 35.33 -10.90 -17.39
N ILE A 82 35.07 -12.19 -17.43
CA ILE A 82 34.92 -12.93 -18.67
C ILE A 82 33.45 -13.24 -18.82
N ASN A 83 32.85 -12.70 -19.88
CA ASN A 83 31.42 -12.86 -20.14
C ASN A 83 31.06 -14.06 -21.00
N ASN A 84 30.65 -15.14 -20.35
CA ASN A 84 30.25 -16.36 -21.05
C ASN A 84 28.73 -16.56 -21.12
N LEU A 85 27.98 -15.46 -21.05
CA LEU A 85 26.54 -15.54 -21.16
C LEU A 85 26.25 -15.82 -22.63
N VAL A 86 25.03 -16.24 -22.95
CA VAL A 86 24.67 -16.55 -24.33
C VAL A 86 24.43 -15.33 -25.23
N THR A 87 23.61 -14.39 -24.79
CA THR A 87 23.34 -13.20 -25.61
C THR A 87 23.70 -11.88 -24.94
N ASN A 88 23.39 -11.75 -23.66
CA ASN A 88 23.65 -10.53 -22.90
C ASN A 88 25.07 -9.96 -22.91
N GLY A 89 25.15 -8.64 -22.91
CA GLY A 89 26.43 -7.97 -22.81
C GLY A 89 26.49 -7.85 -21.29
N THR A 90 27.54 -7.24 -20.73
CA THR A 90 27.58 -7.11 -19.28
C THR A 90 28.53 -6.02 -18.83
N SER A 91 28.33 -5.57 -17.59
CA SER A 91 29.14 -4.52 -16.98
C SER A 91 29.04 -4.67 -15.48
N ILE A 92 30.18 -4.63 -14.79
CA ILE A 92 30.17 -4.75 -13.35
C ILE A 92 30.46 -3.40 -12.73
N HIS A 93 29.50 -2.88 -11.98
CA HIS A 93 29.65 -1.60 -11.31
C HIS A 93 29.99 -1.89 -9.86
N TRP A 94 30.91 -1.10 -9.31
CA TRP A 94 31.37 -1.26 -7.94
C TRP A 94 30.70 -0.22 -7.06
N HIS A 95 29.49 -0.56 -6.62
CA HIS A 95 28.63 0.28 -5.79
C HIS A 95 29.28 0.73 -4.48
N GLY A 96 29.64 2.01 -4.40
CA GLY A 96 30.25 2.51 -3.19
C GLY A 96 31.68 2.97 -3.43
N ILE A 97 32.26 2.46 -4.51
CA ILE A 97 33.63 2.78 -4.88
C ILE A 97 33.61 4.00 -5.79
N HIS A 98 34.00 5.16 -5.26
CA HIS A 98 33.97 6.41 -6.02
C HIS A 98 34.78 6.49 -7.30
N GLN A 99 35.76 5.61 -7.48
CA GLN A 99 36.57 5.62 -8.71
C GLN A 99 37.18 7.00 -8.97
N LYS A 100 37.94 7.51 -8.01
CA LYS A 100 38.53 8.83 -8.15
C LYS A 100 39.55 8.90 -9.28
N ASP A 101 39.16 9.59 -10.35
CA ASP A 101 39.97 9.78 -11.56
C ASP A 101 40.06 8.51 -12.39
N THR A 102 39.20 7.55 -12.08
CA THR A 102 39.19 6.29 -12.82
C THR A 102 37.77 6.02 -13.32
N ASN A 103 37.11 7.08 -13.79
CA ASN A 103 35.74 7.00 -14.29
C ASN A 103 35.50 5.81 -15.21
N LEU A 104 36.43 5.54 -16.12
CA LEU A 104 36.24 4.42 -17.05
C LEU A 104 36.23 3.02 -16.44
N HIS A 105 36.38 2.91 -15.12
CA HIS A 105 36.33 1.62 -14.45
C HIS A 105 35.08 1.53 -13.56
N ASP A 106 34.17 2.48 -13.75
CA ASP A 106 32.94 2.53 -12.95
C ASP A 106 31.95 1.43 -13.31
N GLY A 107 32.00 0.95 -14.54
CA GLY A 107 31.12 -0.14 -14.96
C GLY A 107 29.70 0.28 -15.33
N ALA A 108 29.54 1.51 -15.79
CA ALA A 108 28.23 2.03 -16.18
C ALA A 108 28.09 1.91 -17.70
N ASN A 109 27.62 0.77 -18.18
CA ASN A 109 27.49 0.61 -19.63
C ASN A 109 26.64 1.68 -20.29
N GLY A 110 27.11 2.15 -21.44
CA GLY A 110 26.42 3.19 -22.16
C GLY A 110 26.86 4.55 -21.67
N VAL A 111 27.57 4.57 -20.54
CA VAL A 111 28.06 5.80 -19.94
C VAL A 111 29.59 5.84 -19.90
N THR A 112 30.21 4.91 -19.19
CA THR A 112 31.67 4.88 -19.09
C THR A 112 32.29 3.75 -19.88
N GLU A 113 31.48 2.97 -20.58
CA GLU A 113 32.00 1.84 -21.36
C GLU A 113 30.90 1.12 -22.12
N CYS A 114 31.30 0.37 -23.13
CA CYS A 114 30.37 -0.43 -23.90
C CYS A 114 30.33 -1.73 -23.10
N PRO A 115 29.26 -2.53 -23.24
CA PRO A 115 29.17 -3.78 -22.50
C PRO A 115 30.17 -4.79 -23.04
N ILE A 116 30.64 -5.68 -22.17
CA ILE A 116 31.56 -6.74 -22.57
C ILE A 116 30.69 -7.73 -23.35
N PRO A 117 31.00 -7.96 -24.63
CA PRO A 117 30.18 -8.90 -25.42
C PRO A 117 30.11 -10.29 -24.82
N PRO A 118 29.07 -11.06 -25.18
CA PRO A 118 28.90 -12.42 -24.67
C PRO A 118 29.82 -13.44 -25.33
N LYS A 119 29.61 -14.70 -24.96
CA LYS A 119 30.37 -15.82 -25.51
C LYS A 119 31.89 -15.69 -25.49
N GLY A 120 32.46 -15.15 -24.41
CA GLY A 120 33.90 -15.04 -24.33
C GLY A 120 34.50 -13.66 -24.16
N GLY A 121 33.70 -12.62 -24.32
CA GLY A 121 34.24 -11.28 -24.15
C GLY A 121 34.84 -11.09 -22.76
N GLN A 122 35.87 -10.27 -22.66
CA GLN A 122 36.49 -10.02 -21.37
C GLN A 122 37.10 -8.62 -21.26
N ARG A 123 37.30 -8.19 -20.02
CA ARG A 123 37.88 -6.88 -19.74
C ARG A 123 38.26 -6.90 -18.27
N THR A 124 39.36 -6.25 -17.92
CA THR A 124 39.80 -6.24 -16.52
C THR A 124 39.59 -4.88 -15.86
N TYR A 125 38.83 -4.88 -14.77
CA TYR A 125 38.57 -3.66 -14.03
C TYR A 125 39.68 -3.49 -13.00
N ARG A 126 40.02 -2.24 -12.72
CA ARG A 126 41.07 -1.94 -11.76
C ARG A 126 40.79 -0.60 -11.08
N TRP A 127 40.75 -0.61 -9.75
CA TRP A 127 40.49 0.60 -8.98
C TRP A 127 41.22 0.54 -7.64
N ARG A 128 41.50 1.70 -7.07
CA ARG A 128 42.20 1.81 -5.80
C ARG A 128 41.20 1.80 -4.64
N ALA A 129 41.57 1.14 -3.54
CA ALA A 129 40.70 1.07 -2.37
C ALA A 129 40.95 2.31 -1.51
N ARG A 130 40.34 3.42 -1.89
CA ARG A 130 40.53 4.67 -1.17
C ARG A 130 39.55 4.88 -0.01
N GLN A 131 38.66 3.92 0.20
CA GLN A 131 37.69 4.03 1.28
C GLN A 131 37.53 2.66 1.94
N TYR A 132 37.41 2.66 3.27
CA TYR A 132 37.26 1.40 3.99
C TYR A 132 35.86 1.23 4.57
N GLY A 133 35.33 0.01 4.43
CA GLY A 133 34.00 -0.28 4.92
C GLY A 133 33.38 -1.42 4.16
N THR A 134 32.05 -1.42 4.05
CA THR A 134 31.34 -2.47 3.35
C THR A 134 30.57 -1.95 2.16
N SER A 135 30.78 -2.59 1.01
CA SER A 135 30.09 -2.21 -0.22
C SER A 135 29.73 -3.46 -1.01
N TRP A 136 29.38 -3.30 -2.28
CA TRP A 136 29.01 -4.45 -3.09
C TRP A 136 29.12 -4.13 -4.57
N TYR A 137 29.00 -5.15 -5.42
CA TYR A 137 29.09 -4.93 -6.85
C TYR A 137 27.97 -5.67 -7.53
N HIS A 138 27.61 -5.21 -8.72
CA HIS A 138 26.53 -5.83 -9.47
C HIS A 138 26.55 -5.37 -10.92
N SER A 139 25.87 -6.12 -11.78
CA SER A 139 25.78 -5.76 -13.18
C SER A 139 24.95 -4.49 -13.31
N HIS A 140 25.16 -3.75 -14.40
CA HIS A 140 24.40 -2.52 -14.66
C HIS A 140 23.80 -2.66 -16.06
N PHE A 141 23.84 -3.88 -16.59
CA PHE A 141 23.28 -4.19 -17.91
C PHE A 141 21.79 -4.43 -17.68
N SER A 142 21.02 -3.35 -17.69
CA SER A 142 19.58 -3.42 -17.42
C SER A 142 19.38 -4.00 -16.02
N ALA A 143 18.42 -4.91 -15.85
CA ALA A 143 18.19 -5.48 -14.52
C ALA A 143 18.91 -6.81 -14.32
N GLN A 144 19.86 -7.10 -15.20
CA GLN A 144 20.61 -8.35 -15.16
C GLN A 144 21.04 -8.86 -13.78
N TYR A 145 21.49 -7.96 -12.90
CA TYR A 145 21.94 -8.38 -11.59
C TYR A 145 20.83 -9.03 -10.79
N GLY A 146 19.62 -9.01 -11.35
CA GLY A 146 18.48 -9.64 -10.70
C GLY A 146 18.49 -11.14 -10.94
N ASN A 147 19.38 -11.58 -11.84
CA ASN A 147 19.50 -13.00 -12.15
C ASN A 147 20.66 -13.63 -11.36
N GLY A 148 21.49 -12.79 -10.75
CA GLY A 148 22.60 -13.33 -9.97
C GLY A 148 23.96 -12.65 -10.05
N VAL A 149 24.17 -11.78 -11.02
CA VAL A 149 25.47 -11.12 -11.13
C VAL A 149 25.63 -10.07 -10.03
N VAL A 150 25.97 -10.53 -8.82
CA VAL A 150 26.13 -9.64 -7.67
C VAL A 150 27.05 -10.23 -6.60
N GLY A 151 27.69 -9.36 -5.82
CA GLY A 151 28.57 -9.81 -4.76
C GLY A 151 28.91 -8.69 -3.79
N THR A 152 29.66 -8.99 -2.72
CA THR A 152 30.04 -8.00 -1.72
C THR A 152 31.51 -7.55 -1.74
N ILE A 153 31.78 -6.44 -1.08
CA ILE A 153 33.11 -5.86 -1.02
C ILE A 153 33.43 -5.47 0.42
N GLN A 154 34.56 -5.96 0.94
CA GLN A 154 34.94 -5.64 2.30
C GLN A 154 36.37 -5.12 2.32
N ILE A 155 36.50 -3.81 2.48
CA ILE A 155 37.80 -3.16 2.55
C ILE A 155 38.06 -2.89 4.01
N ASN A 156 39.08 -3.53 4.55
CA ASN A 156 39.40 -3.35 5.96
C ASN A 156 40.08 -2.03 6.30
N GLY A 157 39.87 -1.57 7.53
CA GLY A 157 40.45 -0.32 7.99
C GLY A 157 40.06 -0.11 9.44
N PRO A 158 40.11 1.14 9.94
CA PRO A 158 39.75 1.44 11.33
C PRO A 158 38.23 1.35 11.57
N ALA A 159 37.81 1.63 12.79
CA ALA A 159 36.39 1.61 13.17
C ALA A 159 36.16 2.61 14.30
N SER A 160 34.95 3.15 14.39
CA SER A 160 34.62 4.15 15.40
C SER A 160 34.31 3.56 16.78
N LEU A 161 34.39 2.23 16.89
CA LEU A 161 34.10 1.55 18.14
C LEU A 161 34.88 0.23 18.21
N PRO A 162 35.37 -0.15 19.41
CA PRO A 162 36.13 -1.40 19.53
C PRO A 162 35.20 -2.62 19.54
N TYR A 163 35.67 -3.71 18.95
CA TYR A 163 34.90 -4.96 18.90
C TYR A 163 35.88 -6.14 18.88
N ASP A 164 35.39 -7.33 19.22
CA ASP A 164 36.24 -8.51 19.27
C ASP A 164 36.28 -9.32 17.99
N ILE A 165 35.11 -9.62 17.43
CA ILE A 165 35.03 -10.43 16.24
C ILE A 165 34.35 -9.73 15.07
N ASP A 166 34.86 -9.97 13.86
CA ASP A 166 34.28 -9.40 12.66
C ASP A 166 33.57 -10.54 11.97
N LEU A 167 32.25 -10.63 12.16
CA LEU A 167 31.47 -11.70 11.57
C LEU A 167 31.46 -11.68 10.03
N GLY A 168 31.84 -10.55 9.44
CA GLY A 168 31.88 -10.45 7.99
C GLY A 168 30.62 -9.92 7.33
N VAL A 169 30.50 -10.11 6.01
CA VAL A 169 29.34 -9.62 5.27
C VAL A 169 28.04 -10.38 5.58
N PHE A 170 26.92 -9.68 5.43
CA PHE A 170 25.60 -10.27 5.70
C PHE A 170 24.60 -9.67 4.70
N PRO A 171 24.68 -10.07 3.43
CA PRO A 171 23.79 -9.57 2.38
C PRO A 171 22.36 -10.10 2.50
N ILE A 172 21.40 -9.18 2.50
CA ILE A 172 19.99 -9.54 2.59
C ILE A 172 19.38 -9.08 1.27
N THR A 173 18.77 -9.99 0.54
CA THR A 173 18.19 -9.64 -0.75
C THR A 173 16.83 -10.26 -0.99
N ASP A 174 16.03 -9.61 -1.83
CA ASP A 174 14.75 -10.18 -2.18
C ASP A 174 15.08 -11.25 -3.21
N TYR A 175 14.17 -12.21 -3.39
CA TYR A 175 14.42 -13.31 -4.30
C TYR A 175 13.17 -13.61 -5.08
N TYR A 176 13.27 -13.54 -6.41
CA TYR A 176 12.15 -13.80 -7.32
C TYR A 176 12.45 -15.03 -8.17
N TYR A 177 11.43 -15.85 -8.43
CA TYR A 177 11.62 -17.04 -9.23
C TYR A 177 11.68 -16.68 -10.70
N ARG A 178 10.95 -15.66 -11.09
CA ARG A 178 10.94 -15.22 -12.48
C ARG A 178 12.25 -14.52 -12.81
N ALA A 179 12.60 -14.50 -14.10
CA ALA A 179 13.85 -13.87 -14.56
C ALA A 179 13.75 -12.36 -14.70
N ALA A 180 14.86 -11.68 -14.50
CA ALA A 180 14.90 -10.22 -14.58
C ALA A 180 14.24 -9.63 -15.83
N ASP A 181 14.60 -10.13 -17.00
CA ASP A 181 14.04 -9.59 -18.24
C ASP A 181 12.53 -9.78 -18.29
N ASP A 182 12.04 -10.85 -17.66
CA ASP A 182 10.62 -11.10 -17.66
C ASP A 182 9.96 -10.11 -16.70
N LEU A 183 10.56 -9.90 -15.53
CA LEU A 183 10.02 -8.96 -14.57
C LEU A 183 10.05 -7.52 -15.11
N VAL A 184 11.08 -7.19 -15.88
CA VAL A 184 11.19 -5.86 -16.46
C VAL A 184 10.00 -5.64 -17.39
N HIS A 185 9.76 -6.63 -18.24
CA HIS A 185 8.66 -6.57 -19.19
C HIS A 185 7.34 -6.46 -18.44
N PHE A 186 7.22 -7.23 -17.36
CA PHE A 186 6.01 -7.23 -16.54
C PHE A 186 5.78 -5.86 -15.87
N THR A 187 6.83 -5.28 -15.31
CA THR A 187 6.72 -3.99 -14.64
C THR A 187 6.56 -2.76 -15.55
N GLN A 188 6.54 -2.98 -16.86
CA GLN A 188 6.36 -1.86 -17.77
C GLN A 188 4.86 -1.57 -17.94
N ASN A 189 4.02 -2.55 -17.60
CA ASN A 189 2.58 -2.37 -17.70
C ASN A 189 1.81 -2.92 -16.50
N ASN A 190 2.53 -3.31 -15.45
CA ASN A 190 1.90 -3.87 -14.25
C ASN A 190 2.64 -3.44 -12.99
N ALA A 191 1.90 -3.34 -11.89
CA ALA A 191 2.50 -2.96 -10.61
C ALA A 191 3.50 -4.05 -10.25
N PRO A 192 4.60 -3.69 -9.57
CA PRO A 192 5.61 -4.67 -9.17
C PRO A 192 5.02 -5.66 -8.18
N PRO A 193 5.49 -6.92 -8.19
CA PRO A 193 5.01 -7.98 -7.31
C PRO A 193 5.81 -8.05 -6.00
N PHE A 194 5.37 -8.93 -5.11
CA PHE A 194 6.07 -9.17 -3.85
C PHE A 194 7.18 -10.15 -4.19
N SER A 195 8.26 -10.12 -3.42
CA SER A 195 9.36 -11.05 -3.66
C SER A 195 8.88 -12.43 -3.17
N ASP A 196 9.26 -13.48 -3.90
CA ASP A 196 8.86 -14.83 -3.51
C ASP A 196 9.51 -15.26 -2.20
N ASN A 197 10.65 -14.66 -1.88
CA ASN A 197 11.33 -14.96 -0.63
C ASN A 197 12.38 -13.89 -0.40
N VAL A 198 12.95 -13.88 0.80
CA VAL A 198 14.01 -12.94 1.12
C VAL A 198 15.14 -13.83 1.60
N LEU A 199 16.32 -13.64 1.00
CA LEU A 199 17.46 -14.44 1.35
C LEU A 199 18.39 -13.71 2.31
N ILE A 200 18.76 -14.40 3.38
CA ILE A 200 19.69 -13.82 4.33
C ILE A 200 20.97 -14.62 4.19
N ASN A 201 21.99 -13.95 3.68
CA ASN A 201 23.31 -14.56 3.46
C ASN A 201 23.20 -15.82 2.61
N GLY A 202 22.43 -15.73 1.53
CA GLY A 202 22.28 -16.84 0.61
C GLY A 202 21.20 -17.87 0.85
N THR A 203 20.60 -17.91 2.04
CA THR A 203 19.57 -18.91 2.32
C THR A 203 18.24 -18.45 2.91
N ALA A 204 17.26 -19.33 2.84
CA ALA A 204 15.93 -19.06 3.36
C ALA A 204 15.08 -20.31 3.30
N VAL A 205 14.10 -20.38 4.20
CA VAL A 205 13.20 -21.52 4.25
C VAL A 205 11.99 -21.18 3.38
N ASN A 206 11.56 -22.12 2.57
CA ASN A 206 10.39 -21.90 1.73
C ASN A 206 9.20 -21.92 2.69
N PRO A 207 8.40 -20.85 2.70
CA PRO A 207 7.23 -20.74 3.59
C PRO A 207 6.09 -21.70 3.25
N ASN A 208 6.20 -22.40 2.12
CA ASN A 208 5.16 -23.33 1.70
C ASN A 208 5.59 -24.79 1.84
N THR A 209 6.82 -25.11 1.45
CA THR A 209 7.31 -26.49 1.52
C THR A 209 8.12 -26.84 2.75
N GLY A 210 8.66 -25.84 3.44
CA GLY A 210 9.47 -26.11 4.61
C GLY A 210 10.91 -26.40 4.20
N GLU A 211 11.16 -26.45 2.89
CA GLU A 211 12.50 -26.70 2.39
C GLU A 211 13.41 -25.50 2.59
N GLY A 212 14.71 -25.69 2.38
CA GLY A 212 15.65 -24.61 2.56
C GLY A 212 16.04 -24.53 4.02
N GLN A 213 16.79 -23.52 4.41
CA GLN A 213 17.20 -23.38 5.80
C GLN A 213 17.53 -21.97 6.26
N TYR A 214 17.48 -21.77 7.58
CA TYR A 214 17.76 -20.47 8.17
C TYR A 214 19.25 -20.17 8.21
N ALA A 215 19.60 -18.91 7.97
CA ALA A 215 20.99 -18.49 8.01
C ALA A 215 21.36 -18.69 9.47
N ASN A 216 22.55 -19.22 9.73
CA ASN A 216 22.96 -19.48 11.11
C ASN A 216 24.21 -18.71 11.54
N VAL A 217 24.02 -17.71 12.40
CA VAL A 217 25.12 -16.90 12.91
C VAL A 217 25.42 -17.26 14.37
N THR A 218 26.67 -17.57 14.66
CA THR A 218 27.07 -17.95 16.01
C THR A 218 27.81 -16.84 16.75
N LEU A 219 27.22 -16.37 17.85
CA LEU A 219 27.81 -15.31 18.66
C LEU A 219 28.63 -15.93 19.78
N THR A 220 29.81 -15.36 20.03
CA THR A 220 30.66 -15.83 21.08
C THR A 220 30.25 -15.15 22.37
N PRO A 221 29.70 -15.91 23.33
CA PRO A 221 29.26 -15.37 24.61
C PRO A 221 30.21 -14.36 25.23
N GLY A 222 29.70 -13.15 25.47
CA GLY A 222 30.51 -12.11 26.07
C GLY A 222 31.33 -11.23 25.15
N LYS A 223 31.40 -11.57 23.87
CA LYS A 223 32.19 -10.78 22.93
C LYS A 223 31.34 -9.83 22.11
N ARG A 224 31.98 -8.79 21.58
CA ARG A 224 31.31 -7.80 20.75
C ARG A 224 31.62 -8.16 19.29
N HIS A 225 30.58 -8.41 18.50
CA HIS A 225 30.75 -8.79 17.10
C HIS A 225 30.37 -7.69 16.10
N ARG A 226 31.14 -7.59 15.02
CA ARG A 226 30.86 -6.62 13.98
C ARG A 226 30.08 -7.35 12.88
N LEU A 227 28.91 -6.83 12.54
CA LEU A 227 28.07 -7.41 11.51
C LEU A 227 27.90 -6.40 10.38
N ARG A 228 28.17 -6.84 9.16
CA ARG A 228 28.07 -5.96 8.00
C ARG A 228 26.81 -6.33 7.21
N ILE A 229 25.75 -5.58 7.43
CA ILE A 229 24.48 -5.82 6.77
C ILE A 229 24.32 -5.01 5.49
N LEU A 230 23.88 -5.67 4.41
CA LEU A 230 23.66 -5.00 3.14
C LEU A 230 22.31 -5.42 2.59
N ASN A 231 21.75 -4.60 1.72
CA ASN A 231 20.49 -4.92 1.06
C ASN A 231 20.82 -4.85 -0.43
N THR A 232 20.95 -6.02 -1.03
CA THR A 232 21.30 -6.11 -2.44
C THR A 232 20.11 -6.46 -3.33
N SER A 233 18.91 -6.12 -2.85
CA SER A 233 17.66 -6.39 -3.58
C SER A 233 17.51 -5.56 -4.85
N THR A 234 16.50 -5.88 -5.65
CA THR A 234 16.20 -5.15 -6.87
C THR A 234 15.00 -4.22 -6.58
N GLU A 235 14.28 -4.50 -5.49
CA GLU A 235 13.12 -3.69 -5.12
C GLU A 235 12.85 -3.64 -3.61
N ASN A 236 12.73 -4.80 -2.96
CA ASN A 236 12.46 -4.85 -1.52
C ASN A 236 13.35 -3.96 -0.64
N HIS A 237 12.71 -3.17 0.22
CA HIS A 237 13.40 -2.30 1.17
C HIS A 237 13.16 -2.96 2.52
N PHE A 238 14.20 -3.15 3.32
CA PHE A 238 14.06 -3.88 4.59
C PHE A 238 14.17 -3.15 5.92
N GLN A 239 13.74 -3.86 6.95
CA GLN A 239 13.77 -3.42 8.33
C GLN A 239 14.33 -4.65 9.04
N VAL A 240 15.38 -4.47 9.84
CA VAL A 240 15.97 -5.62 10.53
C VAL A 240 16.12 -5.41 12.03
N SER A 241 16.13 -6.52 12.77
CA SER A 241 16.26 -6.47 14.22
C SER A 241 16.59 -7.84 14.82
N LEU A 242 17.18 -7.83 16.00
CA LEU A 242 17.55 -9.07 16.67
C LEU A 242 16.78 -9.14 17.99
N VAL A 243 15.91 -10.13 18.11
CA VAL A 243 15.12 -10.30 19.31
C VAL A 243 15.97 -10.16 20.59
N ASN A 244 15.46 -9.33 21.51
CA ASN A 244 16.12 -9.10 22.79
C ASN A 244 17.53 -8.53 22.73
N HIS A 245 17.91 -7.96 21.59
CA HIS A 245 19.24 -7.35 21.41
C HIS A 245 19.15 -6.01 20.71
N THR A 246 20.11 -5.13 20.99
CA THR A 246 20.14 -3.84 20.32
C THR A 246 21.28 -3.92 19.32
N MET A 247 21.42 -2.91 18.48
CA MET A 247 22.48 -2.88 17.50
C MET A 247 23.13 -1.52 17.55
N THR A 248 24.45 -1.47 17.48
CA THR A 248 25.16 -0.19 17.51
C THR A 248 25.83 0.06 16.18
N VAL A 249 25.23 0.95 15.40
CA VAL A 249 25.75 1.30 14.09
C VAL A 249 27.08 2.02 14.21
N ILE A 250 28.04 1.65 13.36
CA ILE A 250 29.34 2.32 13.37
C ILE A 250 29.69 2.77 11.96
N ALA A 251 28.80 2.49 11.00
CA ALA A 251 29.04 2.87 9.61
C ALA A 251 27.76 2.85 8.78
N ALA A 252 27.59 3.87 7.97
CA ALA A 252 26.44 3.98 7.07
C ALA A 252 27.04 3.82 5.68
N ASP A 253 26.59 2.81 4.94
CA ASP A 253 27.15 2.54 3.62
C ASP A 253 28.65 2.38 3.85
N MET A 254 29.47 3.09 3.09
CA MET A 254 30.92 2.97 3.29
C MET A 254 31.53 4.15 4.05
N VAL A 255 30.71 4.87 4.81
CA VAL A 255 31.15 6.02 5.58
C VAL A 255 31.12 5.71 7.09
N PRO A 256 32.28 5.78 7.77
CA PRO A 256 32.26 5.50 9.22
C PRO A 256 31.50 6.58 9.97
N VAL A 257 30.67 6.15 10.93
CA VAL A 257 29.85 7.07 11.72
C VAL A 257 30.01 6.87 13.23
N ASN A 258 29.72 7.91 14.01
CA ASN A 258 29.81 7.84 15.46
C ASN A 258 28.80 6.81 15.99
N ALA A 259 29.19 6.06 17.01
CA ALA A 259 28.34 5.04 17.62
C ALA A 259 26.90 5.49 17.84
N MET A 260 25.96 4.73 17.30
CA MET A 260 24.53 5.02 17.44
C MET A 260 23.77 3.70 17.64
N THR A 261 23.40 3.44 18.90
CA THR A 261 22.68 2.22 19.25
C THR A 261 21.19 2.28 18.90
N VAL A 262 20.70 1.29 18.16
CA VAL A 262 19.30 1.25 17.76
C VAL A 262 18.62 -0.08 18.08
N ASP A 263 17.30 -0.11 17.92
CA ASP A 263 16.50 -1.32 18.15
C ASP A 263 16.30 -2.07 16.84
N SER A 264 16.15 -1.32 15.75
CA SER A 264 15.99 -1.91 14.43
C SER A 264 16.54 -0.93 13.40
N LEU A 265 16.67 -1.37 12.16
CA LEU A 265 17.20 -0.52 11.10
C LEU A 265 16.50 -0.67 9.77
N PHE A 266 16.30 0.45 9.11
CA PHE A 266 15.70 0.43 7.78
C PHE A 266 16.86 0.52 6.80
N LEU A 267 16.91 -0.44 5.88
CA LEU A 267 17.93 -0.46 4.84
C LEU A 267 17.27 -0.40 3.49
N ALA A 268 17.57 0.63 2.72
CA ALA A 268 16.99 0.79 1.38
C ALA A 268 17.80 -0.04 0.39
N VAL A 269 17.26 -0.19 -0.81
CA VAL A 269 17.96 -0.94 -1.85
C VAL A 269 19.35 -0.31 -2.04
N GLY A 270 20.40 -1.11 -1.80
CA GLY A 270 21.76 -0.61 -1.97
C GLY A 270 22.49 -0.07 -0.75
N GLN A 271 21.81 0.07 0.37
CA GLN A 271 22.44 0.58 1.58
C GLN A 271 23.10 -0.52 2.41
N ARG A 272 24.03 -0.11 3.26
CA ARG A 272 24.73 -1.04 4.14
C ARG A 272 24.80 -0.40 5.51
N TYR A 273 25.00 -1.24 6.53
CA TYR A 273 25.13 -0.78 7.90
C TYR A 273 26.09 -1.66 8.66
N ASP A 274 27.19 -1.09 9.13
CA ASP A 274 28.13 -1.88 9.91
C ASP A 274 27.70 -1.69 11.36
N VAL A 275 27.33 -2.81 12.00
CA VAL A 275 26.86 -2.77 13.36
C VAL A 275 27.69 -3.67 14.29
N VAL A 276 27.64 -3.35 15.57
CA VAL A 276 28.35 -4.12 16.58
C VAL A 276 27.33 -4.66 17.56
N ILE A 277 27.17 -5.98 17.58
CA ILE A 277 26.23 -6.63 18.48
C ILE A 277 27.03 -7.25 19.62
N ASP A 278 26.58 -7.01 20.85
CA ASP A 278 27.26 -7.54 22.04
C ASP A 278 26.52 -8.75 22.60
N ALA A 279 27.21 -9.89 22.63
CA ALA A 279 26.62 -11.12 23.14
C ALA A 279 26.57 -11.07 24.67
N SER A 280 25.70 -10.21 25.19
CA SER A 280 25.57 -10.03 26.63
C SER A 280 24.28 -10.59 27.21
N ARG A 281 23.54 -11.36 26.41
CA ARG A 281 22.30 -11.95 26.87
C ARG A 281 22.52 -13.38 27.32
N ALA A 282 21.46 -14.01 27.79
CA ALA A 282 21.55 -15.39 28.24
C ALA A 282 21.78 -16.29 27.03
N PRO A 283 22.72 -17.25 27.14
CA PRO A 283 22.99 -18.16 26.03
C PRO A 283 21.70 -18.80 25.53
N ASP A 284 21.39 -18.59 24.25
CA ASP A 284 20.17 -19.13 23.67
C ASP A 284 20.16 -18.84 22.17
N ASN A 285 19.05 -19.16 21.52
CA ASN A 285 18.92 -18.91 20.08
C ASN A 285 17.93 -17.76 19.90
N TYR A 286 18.36 -16.74 19.18
CA TYR A 286 17.51 -15.58 18.94
C TYR A 286 17.22 -15.36 17.47
N TRP A 287 16.03 -14.86 17.19
CA TRP A 287 15.60 -14.60 15.82
C TRP A 287 16.11 -13.26 15.29
N PHE A 288 16.74 -13.27 14.13
CA PHE A 288 17.17 -12.05 13.47
C PHE A 288 16.03 -11.90 12.47
N ASN A 289 15.18 -10.90 12.66
CA ASN A 289 14.02 -10.68 11.80
C ASN A 289 14.11 -9.61 10.71
N VAL A 290 13.48 -9.91 9.59
CA VAL A 290 13.40 -8.98 8.47
C VAL A 290 11.91 -8.67 8.35
N THR A 291 11.55 -7.40 8.50
CA THR A 291 10.16 -7.00 8.40
C THR A 291 10.00 -5.83 7.46
N PHE A 292 8.78 -5.61 6.99
CA PHE A 292 8.51 -4.49 6.10
C PHE A 292 7.67 -3.48 6.83
N GLY A 293 7.68 -2.25 6.32
CA GLY A 293 6.91 -1.18 6.91
C GLY A 293 6.52 -0.23 5.79
N GLY A 294 5.77 0.81 6.11
CA GLY A 294 5.37 1.74 5.08
C GLY A 294 4.23 1.23 4.24
N GLN A 295 3.44 0.31 4.80
CA GLN A 295 2.29 -0.26 4.11
C GLN A 295 2.56 -0.70 2.66
N ALA A 296 3.61 -1.49 2.46
CA ALA A 296 3.95 -2.00 1.13
C ALA A 296 4.32 -0.94 0.09
N ALA A 297 4.61 0.27 0.51
CA ALA A 297 4.97 1.32 -0.43
C ALA A 297 6.37 1.09 -1.02
N CYS A 298 7.21 0.38 -0.28
CA CYS A 298 8.56 0.08 -0.76
C CYS A 298 8.88 -1.40 -0.64
N GLY A 299 7.95 -2.25 -1.05
CA GLY A 299 8.18 -3.68 -1.03
C GLY A 299 7.41 -4.58 -0.08
N GLY A 300 7.29 -5.83 -0.50
CA GLY A 300 6.62 -6.86 0.29
C GLY A 300 7.10 -8.22 -0.16
N SER A 301 7.01 -9.21 0.71
CA SER A 301 7.41 -10.57 0.37
C SER A 301 6.32 -11.59 0.69
N LEU A 302 6.21 -12.63 -0.16
CA LEU A 302 5.21 -13.68 0.04
C LEU A 302 5.59 -14.57 1.21
N ASN A 303 6.81 -14.39 1.73
CA ASN A 303 7.25 -15.13 2.90
C ASN A 303 6.92 -14.16 4.02
N PRO A 304 5.89 -14.49 4.82
CA PRO A 304 5.49 -13.62 5.93
C PRO A 304 6.53 -13.28 7.00
N HIS A 305 7.51 -14.16 7.20
CA HIS A 305 8.50 -13.89 8.23
C HIS A 305 9.93 -14.29 7.91
N PRO A 306 10.58 -13.56 6.99
CA PRO A 306 11.97 -13.88 6.63
C PRO A 306 12.84 -13.71 7.88
N ALA A 307 13.73 -14.66 8.14
CA ALA A 307 14.57 -14.54 9.32
C ALA A 307 15.75 -15.49 9.35
N ALA A 308 16.69 -15.16 10.22
CA ALA A 308 17.90 -15.95 10.40
C ALA A 308 18.00 -16.21 11.89
N ILE A 309 18.87 -17.15 12.27
CA ILE A 309 19.05 -17.50 13.66
C ILE A 309 20.43 -17.13 14.22
N PHE A 310 20.43 -16.49 15.38
CA PHE A 310 21.67 -16.12 16.04
C PHE A 310 21.82 -17.07 17.23
N HIS A 311 22.73 -18.01 17.10
CA HIS A 311 22.98 -19.03 18.12
C HIS A 311 24.15 -18.71 19.04
N TYR A 312 23.90 -18.76 20.35
CA TYR A 312 24.97 -18.51 21.30
C TYR A 312 25.80 -19.77 21.44
N ALA A 313 27.11 -19.64 21.27
CA ALA A 313 28.02 -20.78 21.38
C ALA A 313 27.88 -21.46 22.74
N GLY A 314 27.41 -22.70 22.75
CA GLY A 314 27.27 -23.42 24.00
C GLY A 314 25.84 -23.78 24.38
N ALA A 315 24.87 -23.08 23.79
CA ALA A 315 23.47 -23.35 24.09
C ALA A 315 22.95 -24.42 23.13
N PRO A 316 21.81 -25.05 23.43
CA PRO A 316 21.28 -26.08 22.54
C PRO A 316 21.10 -25.50 21.14
N GLY A 317 20.89 -26.37 20.14
CA GLY A 317 20.78 -25.87 18.79
C GLY A 317 19.49 -26.09 18.02
N GLY A 318 18.38 -25.57 18.55
CA GLY A 318 17.12 -25.72 17.85
C GLY A 318 16.68 -24.38 17.30
N LEU A 319 15.38 -24.23 17.09
CA LEU A 319 14.85 -22.98 16.58
C LEU A 319 14.61 -22.04 17.75
N PRO A 320 14.79 -20.73 17.55
CA PRO A 320 14.55 -19.80 18.66
C PRO A 320 13.12 -20.00 19.15
N THR A 321 12.86 -19.63 20.40
CA THR A 321 11.52 -19.80 20.96
C THR A 321 10.77 -18.49 21.16
N ASP A 322 11.49 -17.39 21.37
CA ASP A 322 10.84 -16.10 21.56
C ASP A 322 10.66 -15.34 20.25
N GLU A 323 9.39 -15.20 19.84
CA GLU A 323 9.05 -14.51 18.61
C GLU A 323 9.24 -12.99 18.64
N GLY A 324 9.43 -12.44 19.84
CA GLY A 324 9.63 -11.01 19.97
C GLY A 324 8.50 -10.11 19.51
N THR A 325 8.71 -8.80 19.61
CA THR A 325 7.73 -7.80 19.23
C THR A 325 8.11 -7.11 17.93
N PRO A 326 7.12 -6.82 17.06
CA PRO A 326 7.37 -6.16 15.77
C PRO A 326 7.99 -4.78 15.93
N PRO A 327 9.10 -4.51 15.21
CA PRO A 327 9.80 -3.23 15.29
C PRO A 327 8.92 -2.09 14.79
N VAL A 328 9.34 -0.87 15.12
CA VAL A 328 8.62 0.32 14.71
C VAL A 328 8.56 0.39 13.19
N ASP A 329 7.47 0.99 12.67
CA ASP A 329 7.32 1.14 11.23
C ASP A 329 8.23 2.30 10.80
N HIS A 330 9.22 2.00 9.97
CA HIS A 330 10.14 3.05 9.52
C HIS A 330 9.59 3.86 8.35
N GLN A 331 8.41 3.47 7.85
CA GLN A 331 7.76 4.17 6.75
C GLN A 331 8.63 4.44 5.52
N CYS A 332 9.36 3.41 5.07
CA CYS A 332 10.21 3.54 3.90
C CYS A 332 11.23 4.70 3.96
N LEU A 333 11.71 5.01 5.15
CA LEU A 333 12.68 6.08 5.31
C LEU A 333 13.90 5.65 6.12
N ASP A 334 15.07 6.14 5.72
CA ASP A 334 16.28 5.85 6.46
C ASP A 334 16.46 6.95 7.50
N THR A 335 17.23 6.66 8.55
CA THR A 335 17.45 7.63 9.60
C THR A 335 18.49 8.67 9.20
N LEU A 336 18.29 9.90 9.66
CA LEU A 336 19.20 10.97 9.37
C LEU A 336 19.95 11.37 10.63
N ASP A 337 19.96 10.48 11.63
CA ASP A 337 20.65 10.77 12.88
C ASP A 337 22.13 10.38 12.85
N VAL A 338 22.54 9.66 11.81
CA VAL A 338 23.94 9.25 11.72
C VAL A 338 24.83 10.48 11.50
N ARG A 339 25.95 10.51 12.22
CA ARG A 339 26.93 11.60 12.12
C ARG A 339 28.27 10.96 11.75
N PRO A 340 28.82 11.27 10.58
CA PRO A 340 30.11 10.66 10.22
C PRO A 340 31.25 11.09 11.14
N VAL A 341 32.19 10.19 11.36
CA VAL A 341 33.35 10.48 12.21
C VAL A 341 34.13 11.67 11.63
N VAL A 342 34.51 11.57 10.35
CA VAL A 342 35.22 12.66 9.68
C VAL A 342 34.13 13.61 9.19
N PRO A 343 34.06 14.82 9.77
CA PRO A 343 33.05 15.83 9.42
C PRO A 343 33.14 16.57 8.11
N ARG A 344 32.01 17.16 7.73
CA ARG A 344 31.89 17.97 6.53
C ARG A 344 31.00 19.13 6.96
N SER A 345 31.13 20.26 6.29
CA SER A 345 30.33 21.42 6.64
C SER A 345 30.05 22.21 5.38
N VAL A 346 28.78 22.45 5.10
CA VAL A 346 28.39 23.18 3.90
C VAL A 346 27.24 24.13 4.19
N PRO A 347 27.30 25.36 3.66
CA PRO A 347 26.24 26.33 3.90
C PRO A 347 24.94 25.89 3.24
N VAL A 348 23.83 26.21 3.88
CA VAL A 348 22.50 25.87 3.36
C VAL A 348 21.57 27.07 3.44
N ASN A 349 22.05 28.14 4.07
CA ASN A 349 21.31 29.38 4.26
C ASN A 349 21.07 30.09 2.94
N SER A 350 21.92 29.81 1.97
CA SER A 350 21.82 30.47 0.67
C SER A 350 21.18 29.63 -0.43
N PHE A 351 20.63 28.47 -0.11
CA PHE A 351 20.01 27.67 -1.15
C PHE A 351 18.81 28.37 -1.78
N VAL A 352 18.61 28.14 -3.07
CA VAL A 352 17.50 28.74 -3.80
C VAL A 352 17.05 27.82 -4.93
N LYS A 353 15.81 27.39 -4.90
CA LYS A 353 15.29 26.51 -5.94
C LYS A 353 15.44 27.20 -7.30
N ARG A 354 15.99 26.48 -8.27
CA ARG A 354 16.18 27.01 -9.62
C ARG A 354 16.00 25.88 -10.62
N PRO A 355 15.78 26.20 -11.89
CA PRO A 355 15.61 25.13 -12.87
C PRO A 355 16.87 24.28 -13.03
N ASP A 356 18.05 24.89 -12.93
CA ASP A 356 19.28 24.13 -13.10
C ASP A 356 19.84 23.40 -11.86
N ASN A 357 19.07 23.36 -10.77
CA ASN A 357 19.51 22.64 -9.58
C ASN A 357 18.38 21.76 -9.04
N THR A 358 17.30 21.68 -9.80
CA THR A 358 16.10 20.90 -9.44
C THR A 358 15.90 19.74 -10.41
N LEU A 359 15.70 18.55 -9.87
CA LEU A 359 15.46 17.39 -10.72
C LEU A 359 14.07 16.84 -10.41
N PRO A 360 13.07 17.25 -11.19
CA PRO A 360 11.69 16.77 -10.97
C PRO A 360 11.47 15.37 -11.51
N VAL A 361 11.05 14.48 -10.62
CA VAL A 361 10.77 13.10 -10.98
C VAL A 361 9.29 12.96 -11.34
N ALA A 362 8.99 12.33 -12.47
CA ALA A 362 7.61 12.16 -12.86
C ALA A 362 7.32 10.79 -13.46
N LEU A 363 6.08 10.33 -13.27
CA LEU A 363 5.63 9.05 -13.80
C LEU A 363 4.71 9.37 -14.97
N ASP A 364 5.11 8.98 -16.18
CA ASP A 364 4.30 9.25 -17.36
C ASP A 364 3.48 8.04 -17.75
N LEU A 365 2.16 8.17 -17.62
CA LEU A 365 1.24 7.07 -17.94
C LEU A 365 0.52 7.24 -19.28
N THR A 366 0.93 8.23 -20.08
CA THR A 366 0.28 8.51 -21.36
C THR A 366 0.84 7.85 -22.61
N GLY A 367 2.05 7.31 -22.51
CA GLY A 367 2.65 6.68 -23.68
C GLY A 367 2.67 5.17 -23.69
N THR A 368 3.79 4.61 -24.12
CA THR A 368 3.98 3.18 -24.18
C THR A 368 5.44 2.86 -23.90
N PRO A 369 5.72 1.99 -22.93
CA PRO A 369 4.79 1.26 -22.06
C PRO A 369 4.00 2.18 -21.12
N LEU A 370 3.15 1.58 -20.28
CA LEU A 370 2.33 2.32 -19.34
C LEU A 370 3.15 3.08 -18.31
N PHE A 371 4.05 2.37 -17.63
CA PHE A 371 4.88 3.00 -16.60
C PHE A 371 6.24 3.45 -17.13
N VAL A 372 6.38 4.74 -17.33
CA VAL A 372 7.62 5.31 -17.83
C VAL A 372 8.05 6.39 -16.84
N TRP A 373 9.26 6.25 -16.30
CA TRP A 373 9.76 7.24 -15.35
C TRP A 373 10.63 8.25 -16.09
N LYS A 374 10.41 9.52 -15.76
CA LYS A 374 11.13 10.62 -16.38
C LYS A 374 11.71 11.56 -15.33
N VAL A 375 12.82 12.18 -15.67
CA VAL A 375 13.46 13.15 -14.78
C VAL A 375 13.70 14.38 -15.65
N ASN A 376 13.11 15.47 -15.21
CA ASN A 376 13.19 16.75 -15.91
C ASN A 376 12.68 16.60 -17.33
N GLY A 377 11.56 15.89 -17.47
CA GLY A 377 10.93 15.70 -18.76
C GLY A 377 11.35 14.56 -19.64
N SER A 378 12.37 13.80 -19.24
CA SER A 378 12.87 12.71 -20.07
C SER A 378 13.14 11.39 -19.38
N ASP A 379 12.83 10.30 -20.06
CA ASP A 379 13.11 8.98 -19.52
C ASP A 379 14.47 8.65 -20.11
N ILE A 380 15.45 8.39 -19.25
CA ILE A 380 16.80 8.12 -19.73
C ILE A 380 16.87 6.89 -20.61
N ASN A 381 17.73 6.93 -21.61
CA ASN A 381 17.93 5.81 -22.52
C ASN A 381 19.32 5.96 -23.11
N VAL A 382 20.27 5.21 -22.57
CA VAL A 382 21.65 5.28 -23.03
C VAL A 382 21.91 4.36 -24.20
N ASP A 383 22.99 4.65 -24.92
CA ASP A 383 23.38 3.86 -26.08
C ASP A 383 24.55 2.96 -25.71
N TRP A 384 24.31 1.65 -25.69
CA TRP A 384 25.36 0.71 -25.34
C TRP A 384 26.52 0.78 -26.36
N GLY A 385 26.20 1.15 -27.59
CA GLY A 385 27.21 1.23 -28.65
C GLY A 385 28.01 2.52 -28.74
N LYS A 386 27.59 3.54 -28.01
CA LYS A 386 28.31 4.82 -28.01
C LYS A 386 28.09 5.53 -26.68
N PRO A 387 28.80 5.09 -25.63
CA PRO A 387 28.67 5.71 -24.32
C PRO A 387 29.09 7.18 -24.33
N ILE A 388 28.75 7.91 -23.28
CA ILE A 388 29.10 9.31 -23.18
C ILE A 388 30.60 9.54 -23.28
N ILE A 389 31.37 8.63 -22.70
CA ILE A 389 32.82 8.78 -22.74
C ILE A 389 33.36 8.81 -24.17
N ASP A 390 32.65 8.21 -25.12
CA ASP A 390 33.11 8.24 -26.51
C ASP A 390 32.98 9.65 -27.06
N TYR A 391 31.97 10.39 -26.59
CA TYR A 391 31.76 11.76 -27.03
C TYR A 391 32.91 12.61 -26.51
N ILE A 392 33.29 12.35 -25.26
CA ILE A 392 34.36 13.07 -24.60
C ILE A 392 35.68 12.88 -25.35
N LEU A 393 35.96 11.64 -25.75
CA LEU A 393 37.19 11.31 -26.45
C LEU A 393 37.25 11.77 -27.91
N THR A 394 36.10 12.14 -28.47
CA THR A 394 36.07 12.59 -29.87
C THR A 394 35.66 14.05 -30.04
N GLY A 395 35.72 14.83 -28.96
CA GLY A 395 35.34 16.22 -29.04
C GLY A 395 33.95 16.39 -29.63
N ASN A 396 33.01 15.59 -29.14
CA ASN A 396 31.63 15.62 -29.63
C ASN A 396 30.69 16.10 -28.50
N THR A 397 30.02 17.23 -28.71
CA THR A 397 29.11 17.73 -27.68
C THR A 397 27.65 17.57 -28.07
N SER A 398 27.39 16.74 -29.08
CA SER A 398 26.03 16.50 -29.51
C SER A 398 25.41 15.34 -28.73
N TYR A 399 25.30 15.51 -27.41
CA TYR A 399 24.75 14.47 -26.57
C TYR A 399 23.25 14.34 -26.82
N PRO A 400 22.77 13.13 -27.11
CA PRO A 400 21.33 13.00 -27.35
C PRO A 400 20.56 13.30 -26.07
N VAL A 401 19.38 13.91 -26.22
CA VAL A 401 18.52 14.28 -25.09
C VAL A 401 18.25 13.09 -24.15
N SER A 402 18.16 11.90 -24.73
CA SER A 402 17.91 10.67 -23.96
C SER A 402 18.90 10.35 -22.86
N ASP A 403 20.14 10.83 -23.01
CA ASP A 403 21.20 10.58 -22.03
C ASP A 403 21.06 11.41 -20.77
N ASN A 404 20.08 12.30 -20.74
CA ASN A 404 19.84 13.14 -19.57
C ASN A 404 21.16 13.68 -19.00
N ILE A 405 21.94 14.34 -19.85
CA ILE A 405 23.22 14.91 -19.42
C ILE A 405 23.05 16.19 -18.61
N VAL A 406 23.48 16.15 -17.36
CA VAL A 406 23.42 17.31 -16.48
C VAL A 406 24.88 17.76 -16.30
N GLN A 407 25.32 18.73 -17.10
CA GLN A 407 26.71 19.17 -17.03
C GLN A 407 27.03 20.09 -15.86
N VAL A 408 28.04 19.68 -15.08
CA VAL A 408 28.49 20.46 -13.94
C VAL A 408 29.96 20.86 -14.15
N ASP A 409 30.19 22.12 -14.51
CA ASP A 409 31.55 22.61 -14.76
C ASP A 409 32.30 23.04 -13.50
N ALA A 410 31.56 23.34 -12.43
CA ALA A 410 32.18 23.79 -11.17
C ALA A 410 33.38 22.93 -10.77
N VAL A 411 34.47 23.60 -10.42
CA VAL A 411 35.71 22.94 -10.04
C VAL A 411 35.88 22.77 -8.53
N ASP A 412 35.79 21.53 -8.08
CA ASP A 412 35.95 21.17 -6.67
C ASP A 412 35.08 21.99 -5.73
N GLN A 413 33.86 22.26 -6.15
CA GLN A 413 32.91 23.03 -5.35
C GLN A 413 31.66 22.23 -4.98
N TRP A 414 30.97 22.65 -3.92
CA TRP A 414 29.74 21.96 -3.52
C TRP A 414 28.62 22.33 -4.47
N THR A 415 27.88 21.32 -4.93
CA THR A 415 26.74 21.55 -5.81
C THR A 415 25.48 21.04 -5.11
N TYR A 416 24.41 21.80 -5.21
CA TYR A 416 23.16 21.43 -4.56
C TYR A 416 22.11 20.95 -5.53
N TRP A 417 21.42 19.86 -5.15
CA TRP A 417 20.37 19.33 -6.00
C TRP A 417 19.10 19.01 -5.21
N LEU A 418 18.00 19.58 -5.68
CA LEU A 418 16.70 19.37 -5.07
C LEU A 418 15.95 18.41 -5.96
N ILE A 419 15.67 17.22 -5.45
CA ILE A 419 14.92 16.24 -6.24
C ILE A 419 13.47 16.28 -5.75
N GLU A 420 12.55 16.51 -6.68
CA GLU A 420 11.14 16.59 -6.36
C GLU A 420 10.47 15.31 -6.84
N ASN A 421 9.74 14.66 -5.97
CA ASN A 421 9.08 13.39 -6.31
C ASN A 421 7.64 13.44 -6.81
N ASP A 422 7.48 13.85 -8.06
CA ASP A 422 6.15 13.90 -8.69
C ASP A 422 5.08 14.48 -7.75
N PRO A 423 5.32 15.68 -7.21
CA PRO A 423 4.36 16.32 -6.31
C PRO A 423 2.97 16.55 -6.91
N GLU A 424 2.92 16.66 -8.23
CA GLU A 424 1.66 16.91 -8.97
C GLU A 424 0.98 15.71 -9.62
N GLY A 425 1.64 14.56 -9.67
CA GLY A 425 1.02 13.41 -10.31
C GLY A 425 -0.05 12.69 -9.50
N PRO A 426 -0.65 11.63 -10.06
CA PRO A 426 -1.71 10.76 -9.53
C PRO A 426 -1.29 10.11 -8.21
N PHE A 427 -0.06 9.62 -8.17
CA PHE A 427 0.47 8.98 -6.98
C PHE A 427 1.99 8.97 -7.01
N SER A 428 2.59 8.99 -5.82
CA SER A 428 4.03 9.02 -5.68
C SER A 428 4.53 7.88 -4.80
N LEU A 429 5.67 7.30 -5.18
CA LEU A 429 6.26 6.19 -4.44
C LEU A 429 7.62 6.56 -3.86
N PRO A 430 8.04 5.84 -2.81
CA PRO A 430 9.34 6.12 -2.21
C PRO A 430 10.37 5.66 -3.24
N HIS A 431 11.46 6.41 -3.41
CA HIS A 431 12.51 6.06 -4.37
C HIS A 431 13.90 6.14 -3.73
N PRO A 432 14.64 5.02 -3.69
CA PRO A 432 15.99 5.06 -3.11
C PRO A 432 16.92 5.64 -4.17
N MET A 433 17.43 6.84 -3.91
CA MET A 433 18.33 7.52 -4.85
C MET A 433 19.80 7.19 -4.59
N HIS A 434 20.54 6.93 -5.66
CA HIS A 434 21.95 6.59 -5.55
C HIS A 434 22.84 7.34 -6.54
N LEU A 435 24.01 7.74 -6.06
CA LEU A 435 24.96 8.49 -6.87
C LEU A 435 26.31 7.78 -7.04
N HIS A 436 26.76 7.64 -8.30
CA HIS A 436 28.04 7.03 -8.59
C HIS A 436 29.11 8.12 -8.40
N GLY A 437 30.34 7.69 -8.08
CA GLY A 437 31.46 8.61 -7.95
C GLY A 437 31.60 9.49 -6.72
N HIS A 438 30.61 9.49 -5.85
CA HIS A 438 30.66 10.33 -4.65
C HIS A 438 29.77 9.81 -3.54
N ASP A 439 29.91 10.44 -2.38
CA ASP A 439 29.07 10.21 -1.22
C ASP A 439 28.44 11.60 -1.11
N PHE A 440 27.12 11.69 -1.17
CA PHE A 440 26.51 13.00 -1.07
C PHE A 440 26.16 13.32 0.38
N LEU A 441 25.77 14.56 0.63
CA LEU A 441 25.37 14.97 1.96
C LEU A 441 23.85 15.09 1.93
N VAL A 442 23.17 14.51 2.92
CA VAL A 442 21.72 14.61 2.95
C VAL A 442 21.39 15.88 3.73
N LEU A 443 21.21 16.99 3.01
CA LEU A 443 20.93 18.26 3.66
C LEU A 443 19.55 18.33 4.31
N GLY A 444 18.62 17.55 3.80
CA GLY A 444 17.27 17.54 4.34
C GLY A 444 16.26 16.99 3.35
N ARG A 445 15.04 16.74 3.83
CA ARG A 445 13.96 16.21 3.00
C ARG A 445 12.63 16.70 3.54
N SER A 446 11.55 16.40 2.84
CA SER A 446 10.22 16.84 3.29
C SER A 446 9.88 16.12 4.58
N PRO A 447 8.87 16.60 5.31
CA PRO A 447 8.44 16.01 6.59
C PRO A 447 8.12 14.52 6.53
N ASP A 448 8.56 13.79 7.55
CA ASP A 448 8.31 12.36 7.62
C ASP A 448 6.83 12.07 7.90
N VAL A 449 6.14 11.48 6.93
CA VAL A 449 4.73 11.12 7.08
C VAL A 449 4.59 9.68 6.59
N PRO A 450 3.47 9.02 6.93
CA PRO A 450 3.28 7.64 6.49
C PRO A 450 3.50 7.55 4.99
N ALA A 451 4.29 6.57 4.56
CA ALA A 451 4.62 6.40 3.14
C ALA A 451 3.44 6.19 2.19
N ALA A 452 2.32 5.67 2.69
CA ALA A 452 1.16 5.42 1.84
C ALA A 452 0.06 6.50 1.92
N SER A 453 0.18 7.42 2.87
CA SER A 453 -0.83 8.47 3.06
C SER A 453 -1.11 9.31 1.83
N GLN A 454 -0.15 9.35 0.91
CA GLN A 454 -0.27 10.13 -0.32
C GLN A 454 -0.22 11.66 -0.08
N GLN A 455 0.40 12.07 1.02
CA GLN A 455 0.53 13.50 1.30
C GLN A 455 1.66 14.05 0.42
N ARG A 456 1.47 15.26 -0.09
CA ARG A 456 2.47 15.88 -0.97
C ARG A 456 3.11 17.11 -0.33
N PHE A 457 4.30 17.44 -0.80
CA PHE A 457 5.04 18.61 -0.34
C PHE A 457 5.83 19.20 -1.49
N VAL A 458 6.09 20.50 -1.42
CA VAL A 458 6.87 21.20 -2.42
C VAL A 458 7.77 22.13 -1.62
N PHE A 459 9.07 22.07 -1.88
CA PHE A 459 10.02 22.90 -1.16
C PHE A 459 9.52 24.34 -1.00
N ASP A 460 9.47 24.81 0.25
CA ASP A 460 9.05 26.16 0.56
C ASP A 460 10.05 26.81 1.52
N PRO A 461 10.87 27.72 1.01
CA PRO A 461 11.89 28.42 1.78
C PRO A 461 11.41 28.93 3.14
N ALA A 462 10.24 29.56 3.15
CA ALA A 462 9.67 30.11 4.37
C ALA A 462 9.62 29.13 5.54
N VAL A 463 9.62 27.83 5.22
CA VAL A 463 9.56 26.83 6.27
C VAL A 463 10.70 25.82 6.26
N ASP A 464 11.20 25.51 5.07
CA ASP A 464 12.25 24.49 4.94
C ASP A 464 13.71 24.89 5.07
N LEU A 465 14.04 26.15 4.84
CA LEU A 465 15.43 26.57 4.99
C LEU A 465 15.85 26.29 6.42
N ALA A 466 14.88 26.36 7.33
CA ALA A 466 15.13 26.12 8.75
C ALA A 466 15.28 24.63 9.05
N ARG A 467 14.72 23.81 8.17
CA ARG A 467 14.76 22.37 8.32
C ARG A 467 16.04 21.74 7.75
N LEU A 468 16.77 22.49 6.93
CA LEU A 468 18.00 21.99 6.34
C LEU A 468 19.13 22.01 7.36
N ASN A 469 20.07 21.07 7.24
CA ASN A 469 21.20 20.99 8.14
C ASN A 469 22.49 20.73 7.38
N GLY A 470 23.43 21.66 7.48
CA GLY A 470 24.71 21.51 6.80
C GLY A 470 25.86 21.35 7.76
N ASP A 471 25.54 21.00 9.01
CA ASP A 471 26.56 20.81 10.03
C ASP A 471 26.83 19.31 10.18
N ASN A 472 27.72 18.80 9.35
CA ASN A 472 28.09 17.39 9.36
C ASN A 472 26.87 16.46 9.30
N PRO A 473 26.06 16.59 8.24
CA PRO A 473 24.85 15.79 8.03
C PRO A 473 25.25 14.38 7.58
N PRO A 474 24.29 13.44 7.59
CA PRO A 474 24.65 12.10 7.15
C PRO A 474 25.26 12.15 5.75
N ARG A 475 26.41 11.49 5.61
CA ARG A 475 27.10 11.42 4.33
C ARG A 475 27.12 9.95 3.89
N ARG A 476 26.69 9.69 2.66
CA ARG A 476 26.64 8.32 2.13
C ARG A 476 26.32 8.34 0.63
N ASP A 477 26.18 7.17 0.01
CA ASP A 477 25.88 7.11 -1.41
C ASP A 477 24.43 6.78 -1.78
N THR A 478 23.63 6.39 -0.78
CA THR A 478 22.22 6.06 -0.99
C THR A 478 21.32 6.58 0.13
N THR A 479 20.21 7.22 -0.24
CA THR A 479 19.25 7.75 0.74
C THR A 479 17.86 7.76 0.12
N MET A 480 16.83 7.80 0.96
CA MET A 480 15.44 7.77 0.50
C MET A 480 14.81 9.11 0.08
N LEU A 481 14.07 9.06 -1.01
CA LEU A 481 13.35 10.23 -1.50
C LEU A 481 11.92 10.03 -0.99
N PRO A 482 11.46 10.87 -0.05
CA PRO A 482 10.10 10.73 0.49
C PRO A 482 9.02 10.70 -0.59
N ALA A 483 8.04 9.83 -0.41
CA ALA A 483 6.94 9.70 -1.36
C ALA A 483 6.16 11.02 -1.43
N GLY A 484 5.93 11.50 -2.65
CA GLY A 484 5.19 12.74 -2.85
C GLY A 484 5.91 13.98 -2.34
N GLY A 485 7.10 13.80 -1.78
CA GLY A 485 7.85 14.91 -1.25
C GLY A 485 9.02 15.39 -2.08
N TRP A 486 10.08 15.79 -1.38
CA TRP A 486 11.29 16.28 -2.02
C TRP A 486 12.51 15.93 -1.17
N LEU A 487 13.69 16.04 -1.78
CA LEU A 487 14.96 15.74 -1.10
C LEU A 487 16.07 16.69 -1.55
N LEU A 488 16.83 17.24 -0.59
CA LEU A 488 17.93 18.14 -0.94
C LEU A 488 19.31 17.56 -0.63
N LEU A 489 20.09 17.30 -1.68
CA LEU A 489 21.42 16.73 -1.52
C LEU A 489 22.54 17.64 -2.00
N ALA A 490 23.78 17.27 -1.66
CA ALA A 490 24.95 18.03 -2.04
C ALA A 490 26.18 17.15 -2.17
N PHE A 491 26.98 17.39 -3.22
CA PHE A 491 28.22 16.64 -3.40
C PHE A 491 29.26 17.55 -4.04
N ARG A 492 30.50 17.41 -3.59
CA ARG A 492 31.59 18.25 -4.09
C ARG A 492 32.19 17.73 -5.39
N THR A 493 32.30 18.61 -6.38
CA THR A 493 32.85 18.23 -7.68
C THR A 493 34.36 18.01 -7.67
N ASP A 494 34.78 16.96 -6.97
CA ASP A 494 36.19 16.58 -6.82
C ASP A 494 36.56 15.36 -7.65
N ASN A 495 35.78 15.04 -8.67
CA ASN A 495 36.07 13.83 -9.44
C ASN A 495 35.47 13.85 -10.85
N PRO A 496 36.21 14.39 -11.83
CA PRO A 496 35.81 14.50 -13.22
C PRO A 496 35.35 13.17 -13.81
N GLY A 497 34.24 13.20 -14.54
CA GLY A 497 33.73 11.98 -15.14
C GLY A 497 32.25 12.04 -15.38
N ALA A 498 31.70 10.99 -15.98
CA ALA A 498 30.28 10.91 -16.24
C ALA A 498 29.72 10.01 -15.15
N TRP A 499 28.91 10.58 -14.26
CA TRP A 499 28.36 9.82 -13.14
C TRP A 499 26.86 9.70 -13.13
N LEU A 500 26.37 8.47 -13.06
CA LEU A 500 24.94 8.23 -13.01
C LEU A 500 24.42 8.54 -11.62
N PHE A 501 23.17 9.03 -11.58
CA PHE A 501 22.45 9.36 -10.36
C PHE A 501 21.06 8.80 -10.68
N HIS A 502 20.76 7.63 -10.14
CA HIS A 502 19.50 6.97 -10.44
C HIS A 502 18.82 6.37 -9.23
N CYS A 503 17.61 5.86 -9.44
CA CYS A 503 16.86 5.19 -8.38
C CYS A 503 17.36 3.75 -8.47
N HIS A 504 17.66 3.12 -7.33
CA HIS A 504 18.19 1.75 -7.38
C HIS A 504 17.17 0.64 -7.48
N ILE A 505 15.89 0.98 -7.62
CA ILE A 505 14.89 -0.06 -7.80
C ILE A 505 15.04 -0.43 -9.27
N ALA A 506 15.44 -1.67 -9.53
CA ALA A 506 15.66 -2.13 -10.90
C ALA A 506 14.56 -1.74 -11.88
N TRP A 507 13.33 -2.01 -11.50
CA TRP A 507 12.18 -1.73 -12.33
C TRP A 507 12.11 -0.25 -12.76
N HIS A 508 12.49 0.65 -11.85
CA HIS A 508 12.43 2.09 -12.12
C HIS A 508 13.56 2.64 -13.01
N VAL A 509 14.81 2.35 -12.66
CA VAL A 509 15.94 2.82 -13.46
C VAL A 509 15.77 2.25 -14.86
N SER A 510 15.31 1.01 -14.93
CA SER A 510 15.06 0.37 -16.20
C SER A 510 14.04 1.22 -16.95
N GLY A 511 13.03 1.69 -16.23
CA GLY A 511 11.99 2.51 -16.81
C GLY A 511 12.42 3.94 -17.13
N GLY A 512 13.63 4.33 -16.73
CA GLY A 512 14.09 5.67 -17.05
C GLY A 512 14.44 6.63 -15.92
N LEU A 513 14.25 6.22 -14.67
CA LEU A 513 14.53 7.12 -13.55
C LEU A 513 16.03 7.28 -13.33
N SER A 514 16.63 8.25 -14.03
CA SER A 514 18.07 8.50 -13.91
C SER A 514 18.55 9.70 -14.72
N VAL A 515 19.67 10.27 -14.28
CA VAL A 515 20.32 11.36 -15.01
C VAL A 515 21.80 10.99 -15.05
N ASP A 516 22.57 11.71 -15.86
CA ASP A 516 23.99 11.46 -15.99
C ASP A 516 24.76 12.75 -15.74
N PHE A 517 25.35 12.86 -14.55
CA PHE A 517 26.13 14.05 -14.17
C PHE A 517 27.47 14.06 -14.93
N LEU A 518 27.60 14.93 -15.92
CA LEU A 518 28.85 15.03 -16.65
C LEU A 518 29.65 16.06 -15.86
N GLU A 519 30.48 15.55 -14.96
CA GLU A 519 31.27 16.39 -14.09
C GLU A 519 32.65 16.83 -14.61
N ARG A 520 32.82 18.15 -14.74
CA ARG A 520 34.07 18.74 -15.21
C ARG A 520 34.59 18.07 -16.47
N PRO A 521 33.77 18.06 -17.53
CA PRO A 521 34.14 17.46 -18.81
C PRO A 521 35.47 17.90 -19.38
N ALA A 522 35.80 19.19 -19.26
CA ALA A 522 37.06 19.69 -19.81
C ALA A 522 38.27 19.08 -19.13
N ASP A 523 38.17 18.79 -17.83
CA ASP A 523 39.29 18.21 -17.09
C ASP A 523 39.35 16.71 -17.32
N LEU A 524 38.21 16.13 -17.67
CA LEU A 524 38.11 14.69 -17.86
C LEU A 524 39.02 14.07 -18.91
N ARG A 525 39.03 14.62 -20.11
CA ARG A 525 39.86 14.07 -21.18
C ARG A 525 41.34 14.01 -20.81
N GLN A 526 41.86 15.09 -20.25
CA GLN A 526 43.28 15.16 -19.86
C GLN A 526 43.64 14.09 -18.82
N ARG A 527 42.64 13.49 -18.18
CA ARG A 527 42.92 12.49 -17.16
C ARG A 527 42.67 11.04 -17.52
N ILE A 528 42.29 10.79 -18.76
CA ILE A 528 42.05 9.42 -19.22
C ILE A 528 43.33 8.94 -19.91
N SER A 529 43.97 7.93 -19.33
CA SER A 529 45.20 7.36 -19.87
C SER A 529 44.99 6.67 -21.23
N GLN A 530 46.07 6.53 -22.00
CA GLN A 530 46.01 5.89 -23.32
C GLN A 530 45.49 4.47 -23.19
N GLU A 531 45.83 3.83 -22.08
CA GLU A 531 45.41 2.47 -21.83
C GLU A 531 43.90 2.33 -21.62
N ASP A 532 43.33 3.15 -20.74
CA ASP A 532 41.90 3.05 -20.50
C ASP A 532 41.19 3.42 -21.80
N GLU A 533 41.72 4.41 -22.50
CA GLU A 533 41.12 4.84 -23.77
C GLU A 533 41.13 3.71 -24.79
N ASP A 534 42.32 3.20 -25.13
CA ASP A 534 42.43 2.12 -26.10
C ASP A 534 41.55 0.94 -25.75
N ASP A 535 41.61 0.47 -24.50
CA ASP A 535 40.80 -0.67 -24.12
C ASP A 535 39.31 -0.33 -24.19
N PHE A 536 38.99 0.94 -23.98
CA PHE A 536 37.62 1.41 -24.08
C PHE A 536 37.18 1.20 -25.54
N ASN A 537 38.03 1.66 -26.46
CA ASN A 537 37.73 1.52 -27.89
C ASN A 537 37.70 0.04 -28.29
N ARG A 538 38.58 -0.74 -27.68
CA ARG A 538 38.64 -2.16 -27.95
C ARG A 538 37.30 -2.83 -27.63
N VAL A 539 36.87 -2.73 -26.37
CA VAL A 539 35.61 -3.35 -25.96
C VAL A 539 34.42 -2.79 -26.74
N CYS A 540 34.46 -1.51 -27.07
CA CYS A 540 33.37 -0.93 -27.84
C CYS A 540 33.35 -1.48 -29.26
N ASP A 541 34.53 -1.73 -29.82
CA ASP A 541 34.60 -2.29 -31.18
C ASP A 541 34.01 -3.70 -31.20
N GLU A 542 34.36 -4.50 -30.21
CA GLU A 542 33.86 -5.88 -30.13
C GLU A 542 32.35 -5.89 -29.90
N TRP A 543 31.86 -4.99 -29.05
CA TRP A 543 30.44 -4.92 -28.76
C TRP A 543 29.66 -4.48 -30.00
N ARG A 544 30.17 -3.48 -30.72
CA ARG A 544 29.49 -3.00 -31.91
C ARG A 544 29.46 -4.05 -33.00
N ALA A 545 30.48 -4.90 -33.02
CA ALA A 545 30.56 -5.98 -34.00
C ALA A 545 29.55 -7.06 -33.64
N TYR A 546 29.35 -7.26 -32.35
CA TYR A 546 28.43 -8.29 -31.88
C TYR A 546 26.94 -7.94 -31.99
N TRP A 547 26.55 -6.82 -31.40
CA TRP A 547 25.15 -6.37 -31.37
C TRP A 547 24.29 -6.75 -32.55
N PRO A 548 24.71 -6.40 -33.78
CA PRO A 548 23.90 -6.73 -34.94
C PRO A 548 23.47 -8.20 -35.03
N THR A 549 24.17 -9.08 -34.32
CA THR A 549 23.85 -10.49 -34.36
C THR A 549 22.99 -10.94 -33.18
N ASN A 550 22.77 -10.02 -32.24
CA ASN A 550 21.95 -10.34 -31.07
C ASN A 550 20.52 -10.69 -31.49
N PRO A 551 20.00 -11.82 -31.01
CA PRO A 551 18.64 -12.26 -31.35
C PRO A 551 17.53 -11.51 -30.61
N TYR A 552 17.92 -10.63 -29.70
CA TYR A 552 16.92 -9.88 -28.94
C TYR A 552 17.09 -8.38 -29.03
N PRO A 553 16.02 -7.62 -28.77
CA PRO A 553 16.13 -6.17 -28.84
C PRO A 553 16.26 -5.60 -27.42
N LYS A 554 16.72 -4.36 -27.33
CA LYS A 554 16.87 -3.67 -26.05
C LYS A 554 15.47 -3.16 -25.66
N ILE A 555 14.93 -3.67 -24.55
CA ILE A 555 13.59 -3.30 -24.10
C ILE A 555 13.46 -2.09 -23.17
N ASP A 556 14.52 -1.74 -22.46
CA ASP A 556 14.45 -0.60 -21.55
C ASP A 556 15.54 0.42 -21.76
N SER A 557 15.86 1.17 -20.71
CA SER A 557 16.88 2.22 -20.76
C SER A 557 18.29 1.70 -20.86
N GLY A 558 18.48 0.42 -20.57
CA GLY A 558 19.79 -0.18 -20.62
C GLY A 558 20.54 -0.09 -19.31
N LEU A 559 19.96 0.62 -18.35
CA LEU A 559 20.58 0.79 -17.03
C LEU A 559 19.95 -0.06 -15.93
N GLU B 1 -44.02 -5.49 18.78
CA GLU B 1 -44.06 -5.44 20.28
C GLU B 1 -43.83 -6.83 20.87
N PRO B 2 -42.68 -7.03 21.54
CA PRO B 2 -42.36 -8.32 22.15
C PRO B 2 -43.21 -8.60 23.39
N THR B 3 -43.23 -9.86 23.82
CA THR B 3 -43.99 -10.25 25.01
C THR B 3 -43.26 -11.33 25.81
N CYS B 4 -42.21 -11.90 25.20
CA CYS B 4 -41.42 -12.95 25.84
C CYS B 4 -39.93 -12.77 25.60
N ASN B 5 -39.52 -11.57 25.21
CA ASN B 5 -38.11 -11.31 24.97
C ASN B 5 -37.50 -10.81 26.28
N THR B 6 -36.67 -11.66 26.90
CA THR B 6 -36.02 -11.33 28.17
C THR B 6 -34.53 -11.61 28.12
N PRO B 7 -33.77 -11.04 29.07
CA PRO B 7 -32.33 -11.27 29.09
C PRO B 7 -31.98 -12.75 28.96
N SER B 8 -32.72 -13.60 29.67
CA SER B 8 -32.46 -15.02 29.63
C SER B 8 -33.09 -15.74 28.44
N ASN B 9 -33.93 -15.02 27.69
CA ASN B 9 -34.58 -15.63 26.53
C ASN B 9 -34.71 -14.62 25.39
N ARG B 10 -33.61 -14.32 24.71
CA ARG B 10 -33.63 -13.37 23.60
C ARG B 10 -34.08 -14.03 22.30
N ALA B 11 -34.20 -15.36 22.32
CA ALA B 11 -34.63 -16.08 21.14
C ALA B 11 -36.15 -15.94 20.95
N CYS B 12 -36.87 -15.81 22.06
CA CYS B 12 -38.32 -15.65 22.00
C CYS B 12 -38.63 -14.18 21.67
N TRP B 13 -39.74 -13.94 20.99
CA TRP B 13 -40.13 -12.57 20.67
C TRP B 13 -41.63 -12.36 20.80
N SER B 14 -42.41 -13.13 20.05
CA SER B 14 -43.87 -13.04 20.05
C SER B 14 -44.48 -14.34 19.54
N ASP B 15 -45.77 -14.55 19.80
CA ASP B 15 -46.42 -15.76 19.33
C ASP B 15 -46.29 -15.89 17.82
N GLY B 16 -45.67 -16.98 17.39
CA GLY B 16 -45.47 -17.20 15.97
C GLY B 16 -44.19 -16.56 15.46
N PHE B 17 -43.51 -15.79 16.29
CA PHE B 17 -42.27 -15.13 15.86
C PHE B 17 -41.12 -15.29 16.85
N ASP B 18 -40.03 -15.88 16.36
CA ASP B 18 -38.84 -16.08 17.18
C ASP B 18 -37.60 -16.09 16.29
N ILE B 19 -36.44 -16.34 16.90
CA ILE B 19 -35.20 -16.35 16.16
C ILE B 19 -35.18 -17.33 15.00
N ASN B 20 -36.02 -18.35 15.05
CA ASN B 20 -36.06 -19.37 14.00
C ASN B 20 -37.07 -19.13 12.88
N THR B 21 -37.86 -18.07 13.02
CA THR B 21 -38.85 -17.72 12.02
C THR B 21 -38.16 -17.17 10.77
N ASP B 22 -38.60 -17.61 9.60
CA ASP B 22 -38.02 -17.12 8.35
C ASP B 22 -38.56 -15.70 8.12
N TYR B 23 -37.80 -14.71 8.60
CA TYR B 23 -38.18 -13.31 8.50
C TYR B 23 -38.29 -12.77 7.07
N GLU B 24 -37.95 -13.58 6.07
CA GLU B 24 -38.03 -13.12 4.69
C GLU B 24 -39.39 -13.43 4.05
N VAL B 25 -40.19 -14.23 4.74
CA VAL B 25 -41.51 -14.58 4.20
C VAL B 25 -42.60 -14.47 5.25
N SER B 26 -42.24 -14.03 6.44
CA SER B 26 -43.21 -13.89 7.53
C SER B 26 -42.88 -12.63 8.33
N THR B 27 -43.88 -11.77 8.49
CA THR B 27 -43.72 -10.52 9.22
C THR B 27 -44.87 -10.31 10.20
N PRO B 28 -44.55 -9.98 11.46
CA PRO B 28 -45.61 -9.76 12.44
C PRO B 28 -46.20 -8.39 12.17
N ASP B 29 -47.52 -8.28 12.03
CA ASP B 29 -48.05 -6.96 11.79
C ASP B 29 -48.47 -6.33 13.11
N THR B 30 -47.75 -5.28 13.50
CA THR B 30 -48.00 -4.57 14.74
C THR B 30 -49.03 -3.45 14.57
N GLY B 31 -49.21 -2.99 13.34
CA GLY B 31 -50.15 -1.91 13.08
C GLY B 31 -49.54 -0.60 13.55
N VAL B 32 -48.29 -0.68 14.02
CA VAL B 32 -47.57 0.49 14.53
C VAL B 32 -46.69 1.15 13.49
N THR B 33 -46.60 2.47 13.57
CA THR B 33 -45.78 3.27 12.67
C THR B 33 -44.86 4.17 13.50
N GLN B 34 -43.61 4.29 13.06
CA GLN B 34 -42.64 5.12 13.74
C GLN B 34 -42.25 6.22 12.75
N SER B 35 -42.48 7.48 13.12
CA SER B 35 -42.19 8.60 12.25
C SER B 35 -41.04 9.50 12.69
N TYR B 36 -40.39 10.10 11.70
CA TYR B 36 -39.29 11.02 11.92
C TYR B 36 -39.35 12.08 10.83
N VAL B 37 -38.76 13.24 11.11
CA VAL B 37 -38.71 14.32 10.15
C VAL B 37 -37.25 14.75 10.03
N PHE B 38 -36.69 14.60 8.83
CA PHE B 38 -35.30 14.97 8.60
C PHE B 38 -35.20 16.33 7.92
N ASN B 39 -34.61 17.30 8.62
CA ASN B 39 -34.41 18.62 8.07
C ASN B 39 -32.95 18.73 7.61
N LEU B 40 -32.73 18.82 6.30
CA LEU B 40 -31.37 18.90 5.77
C LEU B 40 -30.89 20.33 5.55
N THR B 41 -29.85 20.72 6.28
CA THR B 41 -29.31 22.06 6.12
C THR B 41 -27.83 22.03 5.76
N GLU B 42 -27.39 23.10 5.11
CA GLU B 42 -26.00 23.27 4.68
C GLU B 42 -25.38 24.29 5.65
N VAL B 43 -24.27 23.91 6.29
CA VAL B 43 -23.62 24.78 7.26
C VAL B 43 -22.12 25.03 7.00
N ASP B 44 -21.76 26.29 6.83
CA ASP B 44 -20.37 26.66 6.58
C ASP B 44 -19.59 26.88 7.88
N ASN B 45 -18.29 26.59 7.82
CA ASN B 45 -17.40 26.74 8.96
C ASN B 45 -17.97 26.08 10.21
N TRP B 46 -18.24 24.78 10.09
CA TRP B 46 -18.80 24.00 11.19
C TRP B 46 -17.71 23.53 12.15
N MET B 47 -17.93 23.74 13.44
CA MET B 47 -16.99 23.32 14.48
C MET B 47 -17.10 21.81 14.59
N GLY B 48 -16.03 21.11 14.24
CA GLY B 48 -16.06 19.66 14.28
C GLY B 48 -15.87 19.03 15.66
N PRO B 49 -16.10 17.72 15.78
CA PRO B 49 -15.96 17.02 17.07
C PRO B 49 -14.53 16.88 17.57
N ASP B 50 -13.55 17.11 16.70
CA ASP B 50 -12.16 16.99 17.12
C ASP B 50 -11.43 18.33 17.22
N GLY B 51 -12.19 19.42 17.21
CA GLY B 51 -11.61 20.74 17.32
C GLY B 51 -11.41 21.49 16.00
N VAL B 52 -11.36 20.76 14.89
CA VAL B 52 -11.15 21.37 13.59
C VAL B 52 -12.44 21.88 12.95
N VAL B 53 -12.36 23.03 12.30
CA VAL B 53 -13.52 23.62 11.64
C VAL B 53 -13.58 23.27 10.16
N LYS B 54 -14.57 22.47 9.78
CA LYS B 54 -14.72 22.09 8.38
C LYS B 54 -15.32 23.24 7.58
N GLU B 55 -14.96 23.30 6.31
CA GLU B 55 -15.46 24.35 5.44
C GLU B 55 -16.96 24.28 5.24
N LYS B 56 -17.47 23.09 4.95
CA LYS B 56 -18.90 22.88 4.72
C LYS B 56 -19.38 21.47 5.06
N VAL B 57 -20.50 21.41 5.76
CA VAL B 57 -21.10 20.14 6.12
C VAL B 57 -22.59 20.19 5.80
N MET B 58 -23.20 19.03 5.61
CA MET B 58 -24.62 18.96 5.32
C MET B 58 -25.21 18.08 6.43
N LEU B 59 -26.05 18.68 7.25
CA LEU B 59 -26.61 18.00 8.40
C LEU B 59 -28.11 17.71 8.40
N ILE B 60 -28.48 16.70 9.19
CA ILE B 60 -29.87 16.34 9.36
C ILE B 60 -30.19 16.77 10.78
N ASN B 61 -31.14 17.70 10.89
CA ASN B 61 -31.56 18.22 12.18
C ASN B 61 -30.38 18.80 12.97
N GLY B 62 -29.50 19.48 12.26
CA GLY B 62 -28.35 20.12 12.88
C GLY B 62 -27.36 19.32 13.71
N ASN B 63 -27.27 18.01 13.49
CA ASN B 63 -26.32 17.19 14.24
C ASN B 63 -25.34 16.51 13.28
N ILE B 64 -24.26 15.95 13.81
CA ILE B 64 -23.29 15.30 12.93
C ILE B 64 -23.93 14.12 12.22
N MET B 65 -24.86 13.47 12.90
CA MET B 65 -25.57 12.35 12.30
C MET B 65 -27.06 12.59 12.42
N GLY B 66 -27.82 11.98 11.51
CA GLY B 66 -29.26 12.13 11.56
C GLY B 66 -29.72 11.39 12.80
N PRO B 67 -31.03 11.43 13.12
CA PRO B 67 -31.54 10.74 14.31
C PRO B 67 -31.54 9.22 14.24
N ASN B 68 -31.36 8.59 15.39
CA ASN B 68 -31.36 7.13 15.48
C ASN B 68 -32.77 6.60 15.24
N ILE B 69 -32.96 5.88 14.16
CA ILE B 69 -34.26 5.32 13.88
C ILE B 69 -34.35 4.06 14.73
N VAL B 70 -35.46 3.91 15.45
CA VAL B 70 -35.67 2.76 16.33
C VAL B 70 -37.12 2.29 16.20
N ALA B 71 -37.29 0.98 16.07
CA ALA B 71 -38.62 0.39 15.94
C ALA B 71 -38.53 -1.11 16.18
N ASN B 72 -39.68 -1.78 16.21
CA ASN B 72 -39.71 -3.23 16.40
C ASN B 72 -39.99 -3.92 15.10
N TRP B 73 -39.71 -5.23 15.08
CA TRP B 73 -39.93 -6.07 13.92
C TRP B 73 -41.41 -6.11 13.52
N GLY B 74 -41.72 -5.66 12.30
CA GLY B 74 -43.10 -5.65 11.84
C GLY B 74 -43.76 -4.27 11.78
N ASP B 75 -43.17 -3.31 12.48
CA ASP B 75 -43.69 -1.94 12.47
C ASP B 75 -43.47 -1.36 11.08
N THR B 76 -43.90 -0.12 10.91
CA THR B 76 -43.69 0.60 9.65
C THR B 76 -42.83 1.79 10.05
N VAL B 77 -41.87 2.16 9.20
CA VAL B 77 -41.04 3.31 9.50
C VAL B 77 -41.37 4.35 8.44
N GLU B 78 -41.66 5.57 8.90
CA GLU B 78 -41.99 6.65 8.00
C GLU B 78 -41.06 7.82 8.28
N VAL B 79 -40.55 8.42 7.21
CA VAL B 79 -39.63 9.55 7.34
C VAL B 79 -39.92 10.62 6.31
N THR B 80 -40.14 11.85 6.77
CA THR B 80 -40.38 12.96 5.85
C THR B 80 -39.03 13.65 5.68
N VAL B 81 -38.59 13.78 4.43
CA VAL B 81 -37.31 14.42 4.16
C VAL B 81 -37.52 15.76 3.51
N ILE B 82 -37.06 16.80 4.18
CA ILE B 82 -37.18 18.16 3.68
C ILE B 82 -35.77 18.66 3.33
N ASN B 83 -35.56 18.91 2.05
CA ASN B 83 -34.27 19.35 1.52
C ASN B 83 -34.05 20.86 1.56
N ASN B 84 -33.40 21.34 2.61
CA ASN B 84 -33.11 22.77 2.74
C ASN B 84 -31.66 23.14 2.42
N LEU B 85 -31.04 22.40 1.50
CA LEU B 85 -29.66 22.68 1.10
C LEU B 85 -29.74 23.81 0.07
N VAL B 86 -28.59 24.40 -0.28
CA VAL B 86 -28.60 25.51 -1.22
C VAL B 86 -28.77 25.14 -2.69
N THR B 87 -28.00 24.17 -3.17
CA THR B 87 -28.08 23.75 -4.57
C THR B 87 -28.36 22.27 -4.76
N ASN B 88 -27.73 21.44 -3.92
CA ASN B 88 -27.87 19.99 -4.01
C ASN B 88 -29.28 19.43 -3.96
N GLY B 89 -29.49 18.35 -4.71
CA GLY B 89 -30.76 17.64 -4.67
C GLY B 89 -30.45 16.58 -3.62
N THR B 90 -31.39 15.71 -3.29
CA THR B 90 -31.09 14.68 -2.30
C THR B 90 -32.05 13.50 -2.34
N SER B 91 -31.59 12.37 -1.81
CA SER B 91 -32.38 11.15 -1.75
C SER B 91 -31.79 10.29 -0.64
N ILE B 92 -32.63 9.79 0.26
CA ILE B 92 -32.16 8.95 1.36
C ILE B 92 -32.37 7.47 1.11
N HIS B 93 -31.26 6.73 1.05
CA HIS B 93 -31.28 5.28 0.86
C HIS B 93 -31.18 4.60 2.23
N TRP B 94 -31.95 3.54 2.41
CA TRP B 94 -31.96 2.83 3.69
C TRP B 94 -31.18 1.53 3.51
N HIS B 95 -29.87 1.63 3.69
CA HIS B 95 -28.90 0.54 3.56
C HIS B 95 -29.22 -0.69 4.41
N GLY B 96 -29.65 -1.77 3.77
CA GLY B 96 -29.97 -2.96 4.52
C GLY B 96 -31.46 -3.29 4.53
N ILE B 97 -32.29 -2.32 4.18
CA ILE B 97 -33.73 -2.51 4.13
C ILE B 97 -34.11 -2.94 2.71
N HIS B 98 -34.49 -4.20 2.58
CA HIS B 98 -34.82 -4.79 1.28
C HIS B 98 -35.91 -4.13 0.43
N GLN B 99 -36.81 -3.38 1.07
CA GLN B 99 -37.88 -2.70 0.34
C GLN B 99 -38.72 -3.67 -0.50
N LYS B 100 -39.16 -4.76 0.13
CA LYS B 100 -39.97 -5.77 -0.55
C LYS B 100 -41.21 -5.13 -1.20
N ASP B 101 -41.28 -5.23 -2.52
CA ASP B 101 -42.39 -4.66 -3.29
C ASP B 101 -42.59 -3.17 -3.03
N THR B 102 -41.57 -2.51 -2.46
CA THR B 102 -41.61 -1.06 -2.20
C THR B 102 -40.37 -0.40 -2.79
N ASN B 103 -39.98 -0.84 -3.99
CA ASN B 103 -38.81 -0.34 -4.71
C ASN B 103 -38.75 1.19 -4.85
N LEU B 104 -39.90 1.83 -5.04
CA LEU B 104 -39.95 3.29 -5.20
C LEU B 104 -39.59 4.07 -3.94
N HIS B 105 -39.22 3.36 -2.87
CA HIS B 105 -38.84 3.97 -1.60
C HIS B 105 -37.38 3.68 -1.24
N ASP B 106 -36.64 3.13 -2.20
CA ASP B 106 -35.23 2.76 -2.00
C ASP B 106 -34.27 3.94 -1.87
N GLY B 107 -34.62 5.07 -2.50
CA GLY B 107 -33.77 6.25 -2.39
C GLY B 107 -32.60 6.36 -3.35
N ALA B 108 -32.67 5.65 -4.47
CA ALA B 108 -31.59 5.68 -5.46
C ALA B 108 -31.91 6.64 -6.60
N ASN B 109 -31.53 7.91 -6.45
CA ASN B 109 -31.80 8.88 -7.49
C ASN B 109 -31.23 8.51 -8.86
N GLY B 110 -32.04 8.71 -9.88
CA GLY B 110 -31.67 8.36 -11.24
C GLY B 110 -32.11 6.93 -11.51
N VAL B 111 -32.49 6.22 -10.45
CA VAL B 111 -32.93 4.83 -10.56
C VAL B 111 -34.38 4.65 -10.12
N THR B 112 -34.63 4.78 -8.82
CA THR B 112 -35.98 4.60 -8.28
C THR B 112 -36.70 5.93 -8.07
N GLU B 113 -36.02 7.04 -8.35
CA GLU B 113 -36.62 8.35 -8.14
C GLU B 113 -35.71 9.49 -8.61
N CYS B 114 -36.29 10.68 -8.66
CA CYS B 114 -35.55 11.88 -9.03
C CYS B 114 -35.16 12.46 -7.68
N PRO B 115 -34.11 13.29 -7.64
CA PRO B 115 -33.70 13.88 -6.37
C PRO B 115 -34.75 14.87 -5.86
N ILE B 116 -34.75 15.08 -4.55
CA ILE B 116 -35.65 16.03 -3.91
C ILE B 116 -34.95 17.38 -4.08
N PRO B 117 -35.57 18.30 -4.84
CA PRO B 117 -34.93 19.61 -5.03
C PRO B 117 -34.64 20.36 -3.74
N PRO B 118 -33.61 21.23 -3.77
CA PRO B 118 -33.21 22.02 -2.59
C PRO B 118 -34.23 23.15 -2.32
N LYS B 119 -33.87 24.06 -1.42
CA LYS B 119 -34.72 25.19 -1.06
C LYS B 119 -36.11 24.81 -0.55
N GLY B 120 -36.21 23.70 0.17
CA GLY B 120 -37.51 23.33 0.70
C GLY B 120 -38.23 22.16 0.07
N GLY B 121 -37.58 21.47 -0.86
CA GLY B 121 -38.22 20.32 -1.48
C GLY B 121 -38.46 19.24 -0.44
N GLN B 122 -39.49 18.43 -0.63
CA GLN B 122 -39.75 17.38 0.35
C GLN B 122 -40.44 16.16 -0.25
N ARG B 123 -40.33 15.05 0.47
CA ARG B 123 -40.92 13.79 0.09
C ARG B 123 -40.90 12.90 1.32
N THR B 124 -41.90 12.04 1.45
CA THR B 124 -41.99 11.15 2.60
C THR B 124 -41.73 9.70 2.22
N TYR B 125 -40.76 9.08 2.89
CA TYR B 125 -40.44 7.68 2.63
C TYR B 125 -41.21 6.83 3.62
N ARG B 126 -41.55 5.61 3.21
CA ARG B 126 -42.31 4.70 4.05
C ARG B 126 -41.97 3.25 3.73
N TRP B 127 -41.51 2.50 4.72
CA TRP B 127 -41.17 1.09 4.50
C TRP B 127 -41.49 0.23 5.71
N ARG B 128 -41.82 -1.03 5.45
CA ARG B 128 -42.15 -1.99 6.49
C ARG B 128 -40.85 -2.61 7.03
N ALA B 129 -40.70 -2.65 8.35
CA ALA B 129 -39.51 -3.25 8.94
C ALA B 129 -39.67 -4.76 8.92
N ARG B 130 -39.26 -5.40 7.83
CA ARG B 130 -39.39 -6.84 7.71
C ARG B 130 -38.14 -7.61 8.13
N GLN B 131 -37.18 -6.89 8.71
CA GLN B 131 -35.94 -7.51 9.13
C GLN B 131 -35.43 -6.83 10.39
N TYR B 132 -35.18 -7.61 11.44
CA TYR B 132 -34.71 -7.03 12.69
C TYR B 132 -33.18 -7.11 12.77
N GLY B 133 -32.59 -6.04 13.30
CA GLY B 133 -31.15 -5.98 13.43
C GLY B 133 -30.64 -4.55 13.35
N THR B 134 -29.41 -4.40 12.91
CA THR B 134 -28.78 -3.09 12.79
C THR B 134 -28.43 -2.71 11.36
N SER B 135 -29.00 -1.61 10.88
CA SER B 135 -28.74 -1.11 9.53
C SER B 135 -28.40 0.39 9.60
N TRP B 136 -28.40 1.07 8.45
CA TRP B 136 -28.13 2.50 8.46
C TRP B 136 -28.66 3.16 7.20
N TYR B 137 -28.72 4.49 7.18
CA TYR B 137 -29.20 5.21 6.01
C TYR B 137 -28.22 6.31 5.64
N HIS B 138 -28.26 6.72 4.37
CA HIS B 138 -27.36 7.77 3.88
C HIS B 138 -27.87 8.26 2.55
N SER B 139 -27.41 9.44 2.13
CA SER B 139 -27.80 9.99 0.84
C SER B 139 -27.11 9.20 -0.26
N HIS B 140 -27.69 9.20 -1.46
CA HIS B 140 -27.13 8.51 -2.61
C HIS B 140 -26.96 9.53 -3.73
N PHE B 141 -26.97 10.81 -3.36
CA PHE B 141 -26.80 11.90 -4.31
C PHE B 141 -25.28 12.07 -4.43
N SER B 142 -24.67 11.34 -5.36
CA SER B 142 -23.22 11.38 -5.52
C SER B 142 -22.60 10.98 -4.19
N ALA B 143 -21.56 11.69 -3.75
CA ALA B 143 -20.89 11.36 -2.49
C ALA B 143 -21.35 12.21 -1.30
N GLN B 144 -22.51 12.84 -1.45
CA GLN B 144 -23.07 13.70 -0.42
C GLN B 144 -23.06 13.19 1.03
N TYR B 145 -23.36 11.92 1.25
CA TYR B 145 -23.39 11.44 2.63
C TYR B 145 -22.04 11.64 3.31
N GLY B 146 -21.03 12.00 2.50
CA GLY B 146 -19.71 12.27 3.03
C GLY B 146 -19.68 13.60 3.77
N ASN B 147 -20.69 14.43 3.55
CA ASN B 147 -20.77 15.72 4.21
C ASN B 147 -21.56 15.62 5.51
N GLY B 148 -22.19 14.47 5.76
CA GLY B 148 -22.95 14.29 6.98
C GLY B 148 -24.36 13.74 6.86
N VAL B 149 -24.88 13.57 5.65
CA VAL B 149 -26.24 13.05 5.51
C VAL B 149 -26.25 11.54 5.75
N VAL B 150 -26.18 11.16 7.02
CA VAL B 150 -26.16 9.74 7.40
C VAL B 150 -26.61 9.52 8.84
N GLY B 151 -27.18 8.34 9.10
CA GLY B 151 -27.65 8.00 10.44
C GLY B 151 -27.80 6.49 10.56
N THR B 152 -28.19 6.01 11.74
CA THR B 152 -28.33 4.57 11.95
C THR B 152 -29.77 4.05 12.09
N ILE B 153 -29.93 2.74 11.98
CA ILE B 153 -31.23 2.09 12.10
C ILE B 153 -31.14 0.88 13.03
N GLN B 154 -32.02 0.84 14.03
CA GLN B 154 -32.04 -0.29 14.95
C GLN B 154 -33.46 -0.86 15.03
N ILE B 155 -33.71 -1.97 14.34
CA ILE B 155 -35.03 -2.60 14.38
C ILE B 155 -34.92 -3.77 15.34
N ASN B 156 -35.54 -3.62 16.51
CA ASN B 156 -35.50 -4.64 17.53
C ASN B 156 -36.15 -5.97 17.16
N GLY B 157 -35.72 -7.04 17.85
CA GLY B 157 -36.26 -8.36 17.59
C GLY B 157 -35.53 -9.46 18.37
N PRO B 158 -35.71 -10.73 18.01
CA PRO B 158 -35.05 -11.84 18.71
C PRO B 158 -33.53 -11.80 18.47
N ALA B 159 -32.81 -12.74 19.08
CA ALA B 159 -31.36 -12.84 18.92
C ALA B 159 -30.90 -14.29 19.08
N SER B 160 -29.68 -14.57 18.66
CA SER B 160 -29.14 -15.93 18.74
C SER B 160 -28.45 -16.27 20.07
N LEU B 161 -28.30 -15.28 20.94
CA LEU B 161 -27.69 -15.46 22.25
C LEU B 161 -28.32 -14.53 23.29
N PRO B 162 -28.63 -15.06 24.49
CA PRO B 162 -29.23 -14.19 25.51
C PRO B 162 -28.19 -13.18 25.97
N TYR B 163 -28.64 -11.98 26.29
CA TYR B 163 -27.74 -10.93 26.77
C TYR B 163 -28.50 -10.05 27.72
N ASP B 164 -27.79 -9.48 28.69
CA ASP B 164 -28.42 -8.64 29.70
C ASP B 164 -28.70 -7.20 29.25
N ILE B 165 -27.70 -6.55 28.69
CA ILE B 165 -27.86 -5.15 28.28
C ILE B 165 -27.60 -4.91 26.82
N ASP B 166 -28.38 -4.01 26.23
CA ASP B 166 -28.24 -3.64 24.82
C ASP B 166 -27.69 -2.22 24.79
N LEU B 167 -26.40 -2.09 24.48
CA LEU B 167 -25.75 -0.78 24.46
C LEU B 167 -26.17 0.11 23.31
N GLY B 168 -26.71 -0.47 22.25
CA GLY B 168 -27.15 0.34 21.13
C GLY B 168 -26.20 0.42 19.96
N VAL B 169 -26.37 1.44 19.11
CA VAL B 169 -25.53 1.60 17.93
C VAL B 169 -24.12 2.14 18.20
N PHE B 170 -23.14 1.65 17.44
CA PHE B 170 -21.75 2.08 17.60
C PHE B 170 -21.17 2.37 16.20
N PRO B 171 -21.61 3.46 15.56
CA PRO B 171 -21.14 3.85 14.23
C PRO B 171 -19.69 4.32 14.21
N ILE B 172 -18.86 3.64 13.42
CA ILE B 172 -17.46 4.01 13.29
C ILE B 172 -17.29 4.53 11.86
N THR B 173 -16.77 5.74 11.74
CA THR B 173 -16.61 6.31 10.41
C THR B 173 -15.33 7.10 10.20
N ASP B 174 -14.86 7.15 8.96
CA ASP B 174 -13.68 7.93 8.66
C ASP B 174 -14.16 9.37 8.68
N TYR B 175 -13.23 10.30 8.81
CA TYR B 175 -13.56 11.72 8.88
C TYR B 175 -12.56 12.56 8.09
N TYR B 176 -13.08 13.32 7.12
CA TYR B 176 -12.26 14.18 6.28
C TYR B 176 -12.64 15.63 6.51
N TYR B 177 -11.65 16.52 6.43
CA TYR B 177 -11.91 17.92 6.62
C TYR B 177 -12.45 18.51 5.32
N ARG B 178 -11.92 18.05 4.19
CA ARG B 178 -12.37 18.52 2.88
C ARG B 178 -13.82 18.08 2.63
N ALA B 179 -14.54 18.80 1.77
CA ALA B 179 -15.92 18.46 1.48
C ALA B 179 -15.95 17.35 0.42
N ALA B 180 -17.03 16.57 0.41
CA ALA B 180 -17.18 15.46 -0.54
C ALA B 180 -16.99 15.80 -2.02
N ASP B 181 -17.65 16.85 -2.49
CA ASP B 181 -17.55 17.24 -3.89
C ASP B 181 -16.12 17.56 -4.24
N ASP B 182 -15.40 18.11 -3.27
CA ASP B 182 -14.01 18.45 -3.49
C ASP B 182 -13.21 17.15 -3.61
N LEU B 183 -13.51 16.20 -2.74
CA LEU B 183 -12.83 14.91 -2.73
C LEU B 183 -13.16 14.09 -3.98
N VAL B 184 -14.39 14.16 -4.46
CA VAL B 184 -14.77 13.42 -5.66
C VAL B 184 -13.95 13.95 -6.83
N HIS B 185 -13.73 15.25 -6.86
CA HIS B 185 -12.97 15.89 -7.92
C HIS B 185 -11.49 15.49 -7.84
N PHE B 186 -10.97 15.44 -6.62
CA PHE B 186 -9.58 15.08 -6.38
C PHE B 186 -9.31 13.61 -6.75
N THR B 187 -10.21 12.72 -6.35
CA THR B 187 -10.05 11.30 -6.64
C THR B 187 -10.29 10.91 -8.10
N GLN B 188 -10.73 11.85 -8.92
CA GLN B 188 -10.93 11.53 -10.33
C GLN B 188 -9.58 11.57 -11.05
N ASN B 189 -8.59 12.20 -10.41
CA ASN B 189 -7.26 12.29 -11.01
C ASN B 189 -6.15 12.04 -9.98
N ASN B 190 -6.51 11.54 -8.81
CA ASN B 190 -5.52 11.28 -7.78
C ASN B 190 -5.92 10.11 -6.89
N ALA B 191 -4.93 9.44 -6.32
CA ALA B 191 -5.19 8.33 -5.42
C ALA B 191 -5.84 8.90 -4.15
N PRO B 192 -6.84 8.19 -3.60
CA PRO B 192 -7.54 8.65 -2.39
C PRO B 192 -6.60 8.84 -1.21
N PRO B 193 -6.86 9.88 -0.39
CA PRO B 193 -6.01 10.13 0.78
C PRO B 193 -6.43 9.36 2.01
N PHE B 194 -5.63 9.52 3.07
CA PHE B 194 -5.91 8.91 4.36
C PHE B 194 -6.96 9.81 5.00
N SER B 195 -7.87 9.24 5.78
CA SER B 195 -8.87 10.05 6.44
C SER B 195 -8.12 10.92 7.45
N ASP B 196 -8.64 12.11 7.73
CA ASP B 196 -8.00 12.99 8.69
C ASP B 196 -8.20 12.44 10.09
N ASN B 197 -9.27 11.66 10.26
CA ASN B 197 -9.54 11.07 11.56
C ASN B 197 -10.58 9.98 11.43
N VAL B 198 -10.84 9.30 12.53
CA VAL B 198 -11.83 8.25 12.56
C VAL B 198 -12.67 8.50 13.79
N LEU B 199 -13.96 8.75 13.57
CA LEU B 199 -14.85 9.01 14.69
C LEU B 199 -15.49 7.70 15.16
N ILE B 200 -15.62 7.55 16.47
CA ILE B 200 -16.26 6.37 17.04
C ILE B 200 -17.45 6.95 17.77
N ASN B 201 -18.64 6.59 17.32
CA ASN B 201 -19.90 7.08 17.88
C ASN B 201 -19.90 8.61 17.93
N GLY B 202 -19.60 9.21 16.78
CA GLY B 202 -19.62 10.66 16.66
C GLY B 202 -18.48 11.47 17.24
N THR B 203 -17.51 10.82 17.88
CA THR B 203 -16.43 11.60 18.45
C THR B 203 -15.03 11.01 18.32
N ALA B 204 -14.03 11.82 18.62
CA ALA B 204 -12.63 11.40 18.55
C ALA B 204 -11.71 12.49 19.07
N VAL B 205 -10.45 12.12 19.30
CA VAL B 205 -9.44 13.03 19.79
C VAL B 205 -8.53 13.42 18.63
N ASN B 206 -8.25 14.71 18.50
CA ASN B 206 -7.37 15.19 17.44
C ASN B 206 -5.95 14.76 17.85
N PRO B 207 -5.29 13.96 16.99
CA PRO B 207 -3.93 13.49 17.31
C PRO B 207 -2.87 14.58 17.26
N ASN B 208 -3.29 15.81 16.98
CA ASN B 208 -2.36 16.93 16.89
C ASN B 208 -2.57 18.01 17.95
N THR B 209 -3.82 18.29 18.29
CA THR B 209 -4.13 19.33 19.28
C THR B 209 -4.58 18.77 20.62
N GLY B 210 -4.93 17.49 20.65
CA GLY B 210 -5.38 16.89 21.88
C GLY B 210 -6.82 17.27 22.14
N GLU B 211 -7.42 17.97 21.17
CA GLU B 211 -8.81 18.40 21.27
C GLU B 211 -9.79 17.24 21.02
N GLY B 212 -11.03 17.44 21.46
CA GLY B 212 -12.04 16.39 21.30
C GLY B 212 -11.99 15.43 22.47
N GLN B 213 -12.66 14.29 22.35
CA GLN B 213 -12.66 13.31 23.41
C GLN B 213 -12.93 11.90 22.89
N TYR B 214 -12.53 10.88 23.68
CA TYR B 214 -12.73 9.50 23.30
C TYR B 214 -14.17 9.08 23.58
N ALA B 215 -14.71 8.19 22.77
CA ALA B 215 -16.04 7.69 23.00
C ALA B 215 -15.91 6.95 24.33
N ASN B 216 -16.94 7.04 25.17
CA ASN B 216 -16.89 6.41 26.48
C ASN B 216 -18.04 5.45 26.73
N VAL B 217 -17.78 4.16 26.55
CA VAL B 217 -18.78 3.11 26.77
C VAL B 217 -18.62 2.54 28.17
N THR B 218 -19.70 2.48 28.94
CA THR B 218 -19.63 1.95 30.29
C THR B 218 -20.21 0.55 30.38
N LEU B 219 -19.39 -0.40 30.83
CA LEU B 219 -19.80 -1.79 30.96
C LEU B 219 -20.23 -2.11 32.39
N THR B 220 -21.29 -2.90 32.53
CA THR B 220 -21.79 -3.30 33.84
C THR B 220 -21.12 -4.60 34.24
N PRO B 221 -20.28 -4.56 35.28
CA PRO B 221 -19.54 -5.71 35.81
C PRO B 221 -20.31 -7.03 35.86
N GLY B 222 -19.77 -8.05 35.18
CA GLY B 222 -20.37 -9.37 35.17
C GLY B 222 -21.54 -9.65 34.24
N LYS B 223 -22.05 -8.64 33.54
CA LYS B 223 -23.17 -8.84 32.64
C LYS B 223 -22.75 -8.93 31.17
N ARG B 224 -23.66 -9.41 30.33
CA ARG B 224 -23.38 -9.51 28.90
C ARG B 224 -24.03 -8.33 28.20
N HIS B 225 -23.26 -7.66 27.34
CA HIS B 225 -23.76 -6.49 26.61
C HIS B 225 -23.81 -6.71 25.11
N ARG B 226 -24.83 -6.17 24.46
CA ARG B 226 -24.96 -6.28 23.01
C ARG B 226 -24.44 -4.98 22.43
N LEU B 227 -23.43 -5.07 21.57
CA LEU B 227 -22.83 -3.91 20.92
C LEU B 227 -23.06 -3.98 19.41
N ARG B 228 -23.74 -2.98 18.87
CA ARG B 228 -24.07 -2.89 17.45
C ARG B 228 -23.06 -2.01 16.71
N ILE B 229 -22.07 -2.64 16.10
CA ILE B 229 -21.01 -1.91 15.38
C ILE B 229 -21.25 -1.73 13.88
N LEU B 230 -21.05 -0.51 13.39
CA LEU B 230 -21.21 -0.23 11.96
C LEU B 230 -20.01 0.56 11.43
N ASN B 231 -19.77 0.45 10.12
CA ASN B 231 -18.71 1.21 9.48
C ASN B 231 -19.44 2.05 8.45
N THR B 232 -19.63 3.32 8.77
CA THR B 232 -20.35 4.22 7.86
C THR B 232 -19.45 5.15 7.07
N SER B 233 -18.22 4.71 6.80
CA SER B 233 -17.22 5.49 6.06
C SER B 233 -17.56 5.67 4.59
N THR B 234 -16.74 6.47 3.91
CA THR B 234 -16.89 6.69 2.47
C THR B 234 -15.80 5.85 1.79
N GLU B 235 -14.72 5.57 2.52
CA GLU B 235 -13.61 4.78 1.98
C GLU B 235 -12.90 3.86 2.98
N ASN B 236 -12.67 4.33 4.20
CA ASN B 236 -11.98 3.54 5.22
C ASN B 236 -12.59 2.19 5.61
N HIS B 237 -11.78 1.14 5.52
CA HIS B 237 -12.17 -0.23 5.90
C HIS B 237 -11.49 -0.48 7.26
N PHE B 238 -12.27 -0.86 8.27
CA PHE B 238 -11.72 -1.05 9.61
C PHE B 238 -11.52 -2.45 10.21
N GLN B 239 -10.77 -2.46 11.29
CA GLN B 239 -10.47 -3.66 12.07
C GLN B 239 -10.70 -3.18 13.52
N VAL B 240 -11.48 -3.92 14.29
CA VAL B 240 -11.75 -3.50 15.65
C VAL B 240 -11.46 -4.61 16.66
N SER B 241 -11.11 -4.20 17.87
CA SER B 241 -10.81 -5.15 18.93
C SER B 241 -10.81 -4.44 20.28
N LEU B 242 -11.11 -5.19 21.34
CA LEU B 242 -11.15 -4.65 22.69
C LEU B 242 -10.08 -5.32 23.54
N VAL B 243 -9.12 -4.54 24.02
CA VAL B 243 -8.02 -5.04 24.84
C VAL B 243 -8.50 -5.93 25.99
N ASN B 244 -7.92 -7.13 26.06
CA ASN B 244 -8.24 -8.10 27.10
C ASN B 244 -9.63 -8.74 27.03
N HIS B 245 -10.32 -8.63 25.90
CA HIS B 245 -11.66 -9.23 25.75
C HIS B 245 -11.87 -9.87 24.39
N THR B 246 -12.85 -10.75 24.31
CA THR B 246 -13.21 -11.39 23.05
C THR B 246 -14.57 -10.81 22.71
N MET B 247 -15.04 -11.06 21.49
CA MET B 247 -16.35 -10.57 21.08
C MET B 247 -17.07 -11.75 20.42
N THR B 248 -18.36 -11.86 20.67
CA THR B 248 -19.12 -12.95 20.09
C THR B 248 -20.15 -12.38 19.13
N VAL B 249 -19.92 -12.59 17.84
CA VAL B 249 -20.83 -12.13 16.81
C VAL B 249 -22.16 -12.86 16.89
N ILE B 250 -23.26 -12.13 16.83
CA ILE B 250 -24.56 -12.77 16.84
C ILE B 250 -25.36 -12.38 15.59
N ALA B 251 -24.71 -11.61 14.72
CA ALA B 251 -25.31 -11.15 13.46
C ALA B 251 -24.32 -10.41 12.57
N ALA B 252 -24.52 -10.54 11.26
CA ALA B 252 -23.67 -9.88 10.26
C ALA B 252 -24.63 -9.00 9.46
N ASP B 253 -24.33 -7.71 9.39
CA ASP B 253 -25.20 -6.76 8.70
C ASP B 253 -26.56 -6.94 9.36
N MET B 254 -27.63 -7.15 8.60
CA MET B 254 -28.92 -7.31 9.24
C MET B 254 -29.39 -8.76 9.27
N VAL B 255 -28.43 -9.68 9.26
CA VAL B 255 -28.75 -11.12 9.29
C VAL B 255 -28.22 -11.80 10.55
N PRO B 256 -29.13 -12.31 11.41
CA PRO B 256 -28.71 -12.99 12.64
C PRO B 256 -27.94 -14.27 12.32
N VAL B 257 -26.85 -14.53 13.04
CA VAL B 257 -26.07 -15.75 12.81
C VAL B 257 -25.69 -16.43 14.13
N ASN B 258 -25.26 -17.68 14.03
CA ASN B 258 -24.87 -18.46 15.22
C ASN B 258 -23.61 -17.86 15.86
N ALA B 259 -23.62 -17.79 17.19
CA ALA B 259 -22.50 -17.23 17.94
C ALA B 259 -21.12 -17.61 17.38
N MET B 260 -20.24 -16.61 17.31
CA MET B 260 -18.90 -16.81 16.80
C MET B 260 -17.96 -15.89 17.57
N THR B 261 -17.25 -16.46 18.56
CA THR B 261 -16.33 -15.68 19.37
C THR B 261 -15.03 -15.35 18.62
N VAL B 262 -14.62 -14.08 18.67
CA VAL B 262 -13.42 -13.66 17.97
C VAL B 262 -12.58 -12.72 18.84
N ASP B 263 -11.41 -12.33 18.32
CA ASP B 263 -10.50 -11.43 19.03
C ASP B 263 -10.54 -10.06 18.37
N SER B 264 -10.95 -10.03 17.10
CA SER B 264 -11.06 -8.80 16.35
C SER B 264 -11.94 -9.04 15.12
N LEU B 265 -12.47 -7.96 14.55
CA LEU B 265 -13.36 -8.07 13.39
C LEU B 265 -13.00 -7.09 12.28
N PHE B 266 -13.20 -7.53 11.04
CA PHE B 266 -12.94 -6.66 9.92
C PHE B 266 -14.29 -6.14 9.40
N LEU B 267 -14.42 -4.81 9.38
CA LEU B 267 -15.65 -4.21 8.88
C LEU B 267 -15.41 -3.42 7.59
N ALA B 268 -16.02 -3.89 6.51
CA ALA B 268 -15.91 -3.21 5.22
C ALA B 268 -16.81 -1.98 5.27
N VAL B 269 -16.67 -1.09 4.30
CA VAL B 269 -17.50 0.10 4.25
C VAL B 269 -18.96 -0.34 4.14
N GLY B 270 -19.78 0.07 5.11
CA GLY B 270 -21.19 -0.29 5.06
C GLY B 270 -21.61 -1.55 5.79
N GLN B 271 -20.66 -2.37 6.25
CA GLN B 271 -21.00 -3.60 6.98
C GLN B 271 -21.27 -3.33 8.47
N ARG B 272 -21.93 -4.27 9.14
CA ARG B 272 -22.21 -4.13 10.56
C ARG B 272 -22.01 -5.49 11.23
N TYR B 273 -21.90 -5.48 12.55
CA TYR B 273 -21.77 -6.71 13.34
C TYR B 273 -22.40 -6.53 14.70
N ASP B 274 -23.33 -7.41 15.06
CA ASP B 274 -23.93 -7.33 16.38
C ASP B 274 -23.01 -8.21 17.23
N VAL B 275 -22.47 -7.62 18.29
CA VAL B 275 -21.53 -8.30 19.17
C VAL B 275 -22.01 -8.39 20.61
N VAL B 276 -21.52 -9.39 21.33
CA VAL B 276 -21.87 -9.56 22.73
C VAL B 276 -20.58 -9.61 23.54
N ILE B 277 -20.42 -8.64 24.43
CA ILE B 277 -19.23 -8.55 25.27
C ILE B 277 -19.57 -8.84 26.73
N ASP B 278 -18.75 -9.68 27.36
CA ASP B 278 -18.96 -10.04 28.74
C ASP B 278 -17.97 -9.26 29.60
N ALA B 279 -18.49 -8.48 30.54
CA ALA B 279 -17.63 -7.71 31.42
C ALA B 279 -17.14 -8.61 32.55
N SER B 280 -16.37 -9.64 32.19
CA SER B 280 -15.84 -10.59 33.15
C SER B 280 -14.34 -10.44 33.40
N ARG B 281 -13.85 -9.21 33.36
CA ARG B 281 -12.43 -8.96 33.60
C ARG B 281 -12.34 -8.06 34.82
N ALA B 282 -11.12 -7.76 35.24
CA ALA B 282 -10.91 -6.91 36.40
C ALA B 282 -11.41 -5.50 36.10
N PRO B 283 -12.25 -4.93 36.99
CA PRO B 283 -12.78 -3.58 36.81
C PRO B 283 -11.66 -2.62 36.45
N ASP B 284 -11.75 -2.02 35.27
CA ASP B 284 -10.71 -1.11 34.81
C ASP B 284 -11.17 -0.47 33.50
N ASN B 285 -10.27 0.27 32.87
CA ASN B 285 -10.55 0.92 31.59
C ASN B 285 -9.78 0.19 30.52
N TYR B 286 -10.46 -0.15 29.43
CA TYR B 286 -9.83 -0.86 28.33
C TYR B 286 -10.01 -0.16 26.98
N TRP B 287 -8.94 -0.20 26.18
CA TRP B 287 -8.93 0.43 24.86
C TRP B 287 -9.69 -0.38 23.83
N PHE B 288 -10.55 0.30 23.07
CA PHE B 288 -11.30 -0.30 21.97
C PHE B 288 -10.53 0.27 20.80
N ASN B 289 -9.76 -0.58 20.11
CA ASN B 289 -8.93 -0.11 19.01
C ASN B 289 -9.41 -0.30 17.58
N VAL B 290 -9.19 0.74 16.78
CA VAL B 290 -9.51 0.71 15.36
C VAL B 290 -8.15 0.62 14.66
N THR B 291 -7.94 -0.39 13.84
CA THR B 291 -6.68 -0.57 13.14
C THR B 291 -6.88 -0.88 11.65
N PHE B 292 -5.82 -0.72 10.86
CA PHE B 292 -5.92 -1.00 9.44
C PHE B 292 -5.04 -2.18 9.05
N GLY B 293 -5.47 -2.90 8.02
CA GLY B 293 -4.71 -4.04 7.52
C GLY B 293 -4.62 -3.97 6.01
N GLY B 294 -4.12 -5.05 5.39
CA GLY B 294 -3.99 -5.07 3.95
C GLY B 294 -3.03 -4.02 3.42
N GLN B 295 -2.09 -3.60 4.25
CA GLN B 295 -1.08 -2.60 3.86
C GLN B 295 -1.64 -1.37 3.13
N ALA B 296 -2.71 -0.78 3.69
CA ALA B 296 -3.33 0.40 3.09
C ALA B 296 -4.05 0.13 1.76
N ALA B 297 -4.29 -1.14 1.45
CA ALA B 297 -4.98 -1.47 0.21
C ALA B 297 -6.42 -1.00 0.31
N CYS B 298 -6.96 -0.95 1.53
CA CYS B 298 -8.32 -0.48 1.70
C CYS B 298 -8.45 0.62 2.77
N GLY B 299 -7.62 1.64 2.64
CA GLY B 299 -7.69 2.77 3.55
C GLY B 299 -6.65 2.94 4.66
N GLY B 300 -6.65 4.14 5.22
CA GLY B 300 -5.74 4.49 6.30
C GLY B 300 -6.15 5.83 6.89
N SER B 301 -5.65 6.13 8.09
CA SER B 301 -5.98 7.40 8.75
C SER B 301 -4.72 8.12 9.22
N LEU B 302 -4.76 9.45 9.21
CA LEU B 302 -3.61 10.24 9.65
C LEU B 302 -3.57 10.21 11.16
N ASN B 303 -4.61 9.64 11.76
CA ASN B 303 -4.63 9.48 13.21
C ASN B 303 -4.05 8.08 13.33
N PRO B 304 -2.87 7.96 13.94
CA PRO B 304 -2.28 6.61 14.05
C PRO B 304 -3.00 5.63 14.98
N HIS B 305 -3.79 6.11 15.93
CA HIS B 305 -4.45 5.20 16.86
C HIS B 305 -5.88 5.55 17.26
N PRO B 306 -6.82 5.57 16.31
CA PRO B 306 -8.19 5.91 16.71
C PRO B 306 -8.73 4.88 17.70
N ALA B 307 -9.33 5.35 18.79
CA ALA B 307 -9.83 4.41 19.78
C ALA B 307 -10.88 5.00 20.71
N ALA B 308 -11.58 4.10 21.40
CA ALA B 308 -12.61 4.47 22.37
C ALA B 308 -12.26 3.81 23.70
N ILE B 309 -12.99 4.18 24.75
CA ILE B 309 -12.74 3.63 26.07
C ILE B 309 -13.91 2.86 26.63
N PHE B 310 -13.64 1.67 27.14
CA PHE B 310 -14.68 0.86 27.75
C PHE B 310 -14.42 0.87 29.25
N HIS B 311 -15.26 1.63 29.94
CA HIS B 311 -15.16 1.83 31.38
C HIS B 311 -16.04 0.89 32.22
N TYR B 312 -15.40 0.04 33.00
CA TYR B 312 -16.15 -0.87 33.87
C TYR B 312 -16.75 0.03 34.94
N ALA B 313 -18.04 -0.15 35.22
CA ALA B 313 -18.68 0.67 36.23
C ALA B 313 -18.00 0.45 37.58
N GLY B 314 -17.82 1.53 38.34
CA GLY B 314 -17.17 1.41 39.63
C GLY B 314 -15.66 1.52 39.55
N ALA B 315 -15.13 1.41 38.34
CA ALA B 315 -13.69 1.53 38.15
C ALA B 315 -13.34 3.00 38.20
N PRO B 316 -12.07 3.33 38.39
CA PRO B 316 -11.65 4.74 38.45
C PRO B 316 -11.76 5.35 37.06
N GLY B 317 -11.58 6.66 36.97
CA GLY B 317 -11.67 7.34 35.69
C GLY B 317 -10.37 7.27 34.92
N GLY B 318 -10.13 8.26 34.06
CA GLY B 318 -8.89 8.29 33.30
C GLY B 318 -8.85 7.41 32.06
N LEU B 319 -7.70 7.40 31.40
CA LEU B 319 -7.50 6.63 30.20
C LEU B 319 -7.01 5.23 30.50
N PRO B 320 -7.24 4.29 29.59
CA PRO B 320 -6.80 2.90 29.80
C PRO B 320 -5.28 2.91 29.85
N THR B 321 -4.69 1.96 30.58
CA THR B 321 -3.25 1.91 30.69
C THR B 321 -2.60 0.78 29.91
N ASP B 322 -3.40 -0.19 29.50
CA ASP B 322 -2.88 -1.33 28.75
C ASP B 322 -3.03 -1.12 27.24
N GLU B 323 -1.93 -0.83 26.57
CA GLU B 323 -1.95 -0.61 25.13
C GLU B 323 -2.31 -1.84 24.33
N GLY B 324 -2.44 -2.98 25.00
CA GLY B 324 -2.79 -4.21 24.32
C GLY B 324 -1.84 -4.64 23.20
N THR B 325 -2.23 -5.70 22.51
CA THR B 325 -1.44 -6.24 21.42
C THR B 325 -2.18 -6.11 20.09
N PRO B 326 -1.50 -5.61 19.05
CA PRO B 326 -2.12 -5.43 17.73
C PRO B 326 -2.80 -6.69 17.21
N PRO B 327 -3.98 -6.53 16.59
CA PRO B 327 -4.75 -7.66 16.05
C PRO B 327 -4.18 -8.21 14.75
N VAL B 328 -4.64 -9.40 14.39
CA VAL B 328 -4.21 -10.05 13.17
C VAL B 328 -4.52 -9.12 11.99
N ASP B 329 -3.76 -9.23 10.91
CA ASP B 329 -3.99 -8.42 9.73
C ASP B 329 -5.06 -9.15 8.93
N HIS B 330 -6.22 -8.51 8.75
CA HIS B 330 -7.31 -9.14 8.02
C HIS B 330 -7.20 -9.04 6.49
N GLN B 331 -6.18 -8.30 6.02
CA GLN B 331 -5.95 -8.15 4.58
C GLN B 331 -7.17 -7.69 3.79
N CYS B 332 -7.88 -6.68 4.29
CA CYS B 332 -9.05 -6.17 3.56
C CYS B 332 -10.09 -7.24 3.19
N LEU B 333 -10.22 -8.27 4.00
CA LEU B 333 -11.20 -9.34 3.72
C LEU B 333 -12.10 -9.63 4.90
N ASP B 334 -13.40 -9.72 4.65
CA ASP B 334 -14.33 -10.05 5.73
C ASP B 334 -14.36 -11.58 5.87
N THR B 335 -14.66 -12.06 7.07
CA THR B 335 -14.71 -13.50 7.33
C THR B 335 -15.92 -14.19 6.70
N LEU B 336 -15.73 -15.40 6.23
CA LEU B 336 -16.82 -16.15 5.62
C LEU B 336 -17.27 -17.30 6.49
N ASP B 337 -16.89 -17.27 7.77
CA ASP B 337 -17.27 -18.36 8.68
C ASP B 337 -18.63 -18.16 9.32
N VAL B 338 -19.20 -16.95 9.20
CA VAL B 338 -20.51 -16.66 9.78
C VAL B 338 -21.60 -17.53 9.17
N ARG B 339 -22.40 -18.14 10.03
CA ARG B 339 -23.48 -19.00 9.57
C ARG B 339 -24.81 -18.47 10.12
N PRO B 340 -25.68 -17.98 9.23
CA PRO B 340 -26.98 -17.44 9.66
C PRO B 340 -27.84 -18.48 10.40
N VAL B 341 -28.67 -18.02 11.33
CA VAL B 341 -29.54 -18.91 12.08
C VAL B 341 -30.55 -19.56 11.12
N VAL B 342 -31.23 -18.73 10.31
CA VAL B 342 -32.19 -19.24 9.33
C VAL B 342 -31.34 -19.55 8.10
N PRO B 343 -31.22 -20.84 7.77
CA PRO B 343 -30.43 -21.32 6.64
C PRO B 343 -30.95 -21.16 5.22
N ARG B 344 -30.04 -21.37 4.28
CA ARG B 344 -30.32 -21.32 2.86
C ARG B 344 -29.45 -22.40 2.24
N SER B 345 -29.97 -23.06 1.22
CA SER B 345 -29.22 -24.11 0.57
C SER B 345 -29.34 -23.87 -0.92
N VAL B 346 -28.20 -23.87 -1.62
CA VAL B 346 -28.20 -23.64 -3.05
C VAL B 346 -27.13 -24.51 -3.74
N PRO B 347 -27.44 -25.06 -4.92
CA PRO B 347 -26.47 -25.89 -5.62
C PRO B 347 -25.35 -25.05 -6.22
N VAL B 348 -24.12 -25.55 -6.13
CA VAL B 348 -22.97 -24.82 -6.66
C VAL B 348 -22.24 -25.61 -7.75
N ASN B 349 -22.52 -26.90 -7.80
CA ASN B 349 -21.90 -27.81 -8.78
C ASN B 349 -22.24 -27.47 -10.22
N SER B 350 -23.37 -26.82 -10.40
CA SER B 350 -23.84 -26.47 -11.73
C SER B 350 -23.37 -25.14 -12.29
N PHE B 351 -22.64 -24.34 -11.51
CA PHE B 351 -22.21 -23.05 -12.03
C PHE B 351 -21.25 -23.12 -13.22
N VAL B 352 -21.46 -22.22 -14.17
CA VAL B 352 -20.65 -22.14 -15.37
C VAL B 352 -20.46 -20.67 -15.77
N LYS B 353 -19.22 -20.23 -15.80
CA LYS B 353 -18.90 -18.85 -16.18
C LYS B 353 -19.49 -18.55 -17.56
N ARG B 354 -20.34 -17.53 -17.61
CA ARG B 354 -20.99 -17.10 -18.85
C ARG B 354 -20.97 -15.59 -18.88
N PRO B 355 -20.97 -15.01 -20.09
CA PRO B 355 -20.97 -13.54 -20.16
C PRO B 355 -22.19 -12.95 -19.48
N ASP B 356 -23.33 -13.61 -19.62
CA ASP B 356 -24.57 -13.12 -19.02
C ASP B 356 -24.64 -13.26 -17.50
N ASN B 357 -23.61 -13.80 -16.87
CA ASN B 357 -23.58 -13.92 -15.42
C ASN B 357 -22.24 -13.49 -14.85
N THR B 358 -21.46 -12.80 -15.67
CA THR B 358 -20.13 -12.34 -15.26
C THR B 358 -20.05 -10.81 -15.33
N LEU B 359 -19.59 -10.19 -14.24
CA LEU B 359 -19.44 -8.74 -14.20
C LEU B 359 -17.97 -8.36 -14.06
N PRO B 360 -17.28 -8.15 -15.19
CA PRO B 360 -15.86 -7.78 -15.14
C PRO B 360 -15.66 -6.31 -14.78
N VAL B 361 -14.97 -6.09 -13.66
CA VAL B 361 -14.67 -4.74 -13.18
C VAL B 361 -13.34 -4.29 -13.78
N ALA B 362 -13.32 -3.13 -14.43
CA ALA B 362 -12.09 -2.66 -15.04
C ALA B 362 -11.80 -1.18 -14.80
N LEU B 363 -10.56 -0.87 -14.45
CA LEU B 363 -10.14 0.51 -14.21
C LEU B 363 -9.61 1.04 -15.53
N ASP B 364 -10.19 2.14 -16.00
CA ASP B 364 -9.78 2.73 -17.27
C ASP B 364 -8.98 4.01 -17.08
N LEU B 365 -7.77 4.04 -17.64
CA LEU B 365 -6.86 5.19 -17.52
C LEU B 365 -6.61 5.89 -18.85
N THR B 366 -7.36 5.51 -19.88
CA THR B 366 -7.18 6.07 -21.21
C THR B 366 -8.01 7.32 -21.52
N GLY B 367 -8.95 7.67 -20.66
CA GLY B 367 -9.80 8.82 -20.93
C GLY B 367 -9.71 10.03 -20.03
N THR B 368 -10.86 10.63 -19.75
CA THR B 368 -10.94 11.81 -18.90
C THR B 368 -12.22 11.76 -18.05
N PRO B 369 -12.08 11.84 -16.72
CA PRO B 369 -10.84 11.97 -15.94
C PRO B 369 -9.95 10.73 -16.02
N LEU B 370 -8.88 10.71 -15.21
CA LEU B 370 -7.95 9.59 -15.20
C LEU B 370 -8.51 8.31 -14.61
N PHE B 371 -9.13 8.38 -13.44
CA PHE B 371 -9.69 7.20 -12.80
C PHE B 371 -11.17 7.00 -13.05
N VAL B 372 -11.49 6.19 -14.06
CA VAL B 372 -12.87 5.90 -14.42
C VAL B 372 -13.09 4.40 -14.24
N TRP B 373 -14.07 4.03 -13.43
CA TRP B 373 -14.37 2.62 -13.19
C TRP B 373 -15.50 2.11 -14.09
N LYS B 374 -15.31 0.93 -14.67
CA LYS B 374 -16.31 0.35 -15.56
C LYS B 374 -16.61 -1.08 -15.19
N VAL B 375 -17.88 -1.45 -15.37
CA VAL B 375 -18.30 -2.81 -15.10
C VAL B 375 -18.88 -3.28 -16.42
N ASN B 376 -18.29 -4.35 -16.94
CA ASN B 376 -18.69 -4.93 -18.21
C ASN B 376 -18.63 -3.93 -19.36
N GLY B 377 -17.56 -3.14 -19.38
CA GLY B 377 -17.35 -2.18 -20.45
C GLY B 377 -18.00 -0.82 -20.34
N SER B 378 -18.64 -0.54 -19.22
CA SER B 378 -19.32 0.74 -19.06
C SER B 378 -19.34 1.32 -17.67
N ASP B 379 -18.92 2.57 -17.56
CA ASP B 379 -18.96 3.26 -16.28
C ASP B 379 -20.39 3.77 -16.20
N ILE B 380 -21.09 3.39 -15.13
CA ILE B 380 -22.47 3.78 -14.95
C ILE B 380 -22.64 5.30 -14.80
N ASN B 381 -23.75 5.81 -15.31
CA ASN B 381 -24.04 7.23 -15.22
C ASN B 381 -25.55 7.42 -15.36
N VAL B 382 -26.24 7.42 -14.23
CA VAL B 382 -27.70 7.58 -14.22
C VAL B 382 -28.11 9.00 -14.54
N ASP B 383 -29.39 9.16 -14.89
CA ASP B 383 -29.97 10.45 -15.21
C ASP B 383 -30.95 10.85 -14.10
N TRP B 384 -30.58 11.88 -13.35
CA TRP B 384 -31.42 12.35 -12.25
C TRP B 384 -32.82 12.81 -12.68
N GLY B 385 -32.94 13.31 -13.90
CA GLY B 385 -34.21 13.80 -14.40
C GLY B 385 -35.04 12.79 -15.17
N LYS B 386 -34.56 11.55 -15.23
CA LYS B 386 -35.28 10.50 -15.94
C LYS B 386 -34.80 9.16 -15.42
N PRO B 387 -35.29 8.76 -14.23
CA PRO B 387 -34.93 7.50 -13.59
C PRO B 387 -35.41 6.30 -14.41
N ILE B 388 -34.90 5.12 -14.09
CA ILE B 388 -35.29 3.91 -14.79
C ILE B 388 -36.77 3.62 -14.50
N ILE B 389 -37.23 3.97 -13.31
CA ILE B 389 -38.63 3.75 -12.98
C ILE B 389 -39.55 4.52 -13.95
N ASP B 390 -39.04 5.60 -14.54
CA ASP B 390 -39.85 6.35 -15.48
C ASP B 390 -40.07 5.54 -16.76
N TYR B 391 -39.12 4.67 -17.09
CA TYR B 391 -39.25 3.82 -18.28
C TYR B 391 -40.28 2.72 -17.99
N ILE B 392 -40.22 2.18 -16.78
CA ILE B 392 -41.13 1.12 -16.34
C ILE B 392 -42.58 1.59 -16.36
N LEU B 393 -42.79 2.86 -16.04
CA LEU B 393 -44.11 3.43 -16.00
C LEU B 393 -44.66 3.73 -17.39
N THR B 394 -43.79 4.18 -18.29
CA THR B 394 -44.22 4.50 -19.65
C THR B 394 -44.00 3.32 -20.58
N GLY B 395 -43.60 2.19 -20.01
CA GLY B 395 -43.36 0.99 -20.80
C GLY B 395 -42.18 1.08 -21.75
N ASN B 396 -41.35 2.12 -21.62
CA ASN B 396 -40.19 2.28 -22.48
C ASN B 396 -39.12 1.27 -22.06
N THR B 397 -38.53 0.56 -23.02
CA THR B 397 -37.50 -0.42 -22.68
C THR B 397 -36.15 -0.11 -23.32
N SER B 398 -36.07 1.01 -24.04
CA SER B 398 -34.82 1.41 -24.68
C SER B 398 -33.95 2.13 -23.67
N TYR B 399 -33.42 1.38 -22.70
CA TYR B 399 -32.59 1.96 -21.65
C TYR B 399 -31.24 2.36 -22.19
N PRO B 400 -30.73 3.53 -21.76
CA PRO B 400 -29.42 3.98 -22.25
C PRO B 400 -28.28 3.11 -21.69
N VAL B 401 -27.27 2.87 -22.52
CA VAL B 401 -26.12 2.05 -22.12
C VAL B 401 -25.50 2.51 -20.81
N SER B 402 -25.47 3.82 -20.59
CA SER B 402 -24.90 4.42 -19.38
C SER B 402 -25.49 3.93 -18.05
N ASP B 403 -26.69 3.36 -18.10
CA ASP B 403 -27.36 2.86 -16.91
C ASP B 403 -26.89 1.48 -16.50
N ASN B 404 -26.14 0.80 -17.35
CA ASN B 404 -25.64 -0.53 -17.03
C ASN B 404 -26.76 -1.45 -16.55
N ILE B 405 -27.80 -1.60 -17.36
CA ILE B 405 -28.92 -2.45 -16.99
C ILE B 405 -28.65 -3.92 -17.26
N VAL B 406 -28.87 -4.73 -16.23
CA VAL B 406 -28.71 -6.18 -16.31
C VAL B 406 -30.09 -6.74 -15.98
N GLN B 407 -30.88 -7.01 -17.02
CA GLN B 407 -32.23 -7.52 -16.82
C GLN B 407 -32.26 -8.98 -16.40
N VAL B 408 -32.98 -9.24 -15.30
CA VAL B 408 -33.14 -10.59 -14.76
C VAL B 408 -34.64 -10.93 -14.74
N ASP B 409 -35.09 -11.70 -15.74
CA ASP B 409 -36.50 -12.06 -15.85
C ASP B 409 -36.96 -13.25 -15.01
N ALA B 410 -36.02 -14.07 -14.54
CA ALA B 410 -36.36 -15.24 -13.72
C ALA B 410 -37.28 -14.87 -12.56
N VAL B 411 -38.31 -15.68 -12.35
CA VAL B 411 -39.27 -15.43 -11.27
C VAL B 411 -39.00 -16.25 -10.01
N ASP B 412 -38.50 -15.58 -8.98
CA ASP B 412 -38.21 -16.21 -7.69
C ASP B 412 -37.19 -17.35 -7.79
N GLN B 413 -36.25 -17.22 -8.72
CA GLN B 413 -35.22 -18.24 -8.93
C GLN B 413 -33.86 -17.69 -8.48
N TRP B 414 -32.97 -18.58 -8.06
CA TRP B 414 -31.63 -18.17 -7.65
C TRP B 414 -30.81 -17.74 -8.85
N THR B 415 -30.11 -16.63 -8.74
CA THR B 415 -29.25 -16.17 -9.83
C THR B 415 -27.83 -16.07 -9.31
N TYR B 416 -26.88 -16.50 -10.12
CA TYR B 416 -25.47 -16.50 -9.74
C TYR B 416 -24.69 -15.47 -10.50
N TRP B 417 -23.84 -14.73 -9.80
CA TRP B 417 -23.04 -13.72 -10.44
C TRP B 417 -21.59 -13.81 -10.04
N LEU B 418 -20.73 -13.84 -11.05
CA LEU B 418 -19.29 -13.90 -10.85
C LEU B 418 -18.74 -12.53 -11.15
N ILE B 419 -18.17 -11.88 -10.14
CA ILE B 419 -17.59 -10.55 -10.31
C ILE B 419 -16.08 -10.71 -10.36
N GLU B 420 -15.46 -10.14 -11.40
CA GLU B 420 -14.03 -10.22 -11.58
C GLU B 420 -13.36 -8.89 -11.32
N ASN B 421 -12.32 -8.90 -10.50
CA ASN B 421 -11.62 -7.67 -10.14
C ASN B 421 -10.43 -7.31 -11.04
N ASP B 422 -10.73 -6.75 -12.22
CA ASP B 422 -9.71 -6.30 -13.17
C ASP B 422 -8.51 -7.27 -13.23
N PRO B 423 -8.76 -8.56 -13.46
CA PRO B 423 -7.70 -9.57 -13.52
C PRO B 423 -6.48 -9.19 -14.38
N GLU B 424 -6.75 -8.64 -15.56
CA GLU B 424 -5.70 -8.28 -16.52
C GLU B 424 -5.20 -6.83 -16.46
N GLY B 425 -5.66 -6.06 -15.49
CA GLY B 425 -5.23 -4.67 -15.38
C GLY B 425 -3.84 -4.52 -14.76
N PRO B 426 -3.32 -3.29 -14.69
CA PRO B 426 -1.99 -3.05 -14.11
C PRO B 426 -2.03 -2.99 -12.60
N PHE B 427 -3.14 -2.50 -12.08
CA PHE B 427 -3.33 -2.29 -10.66
C PHE B 427 -4.74 -2.75 -10.27
N SER B 428 -4.87 -3.48 -9.16
CA SER B 428 -6.19 -3.92 -8.71
C SER B 428 -6.35 -3.68 -7.21
N LEU B 429 -7.50 -3.15 -6.82
CA LEU B 429 -7.77 -2.84 -5.41
C LEU B 429 -8.98 -3.59 -4.86
N PRO B 430 -9.06 -3.70 -3.52
CA PRO B 430 -10.18 -4.39 -2.86
C PRO B 430 -11.43 -3.50 -3.01
N HIS B 431 -12.57 -4.10 -3.26
CA HIS B 431 -13.82 -3.34 -3.43
C HIS B 431 -14.94 -3.95 -2.61
N PRO B 432 -15.58 -3.16 -1.72
CA PRO B 432 -16.69 -3.70 -0.92
C PRO B 432 -17.97 -3.64 -1.75
N MET B 433 -18.42 -4.79 -2.27
CA MET B 433 -19.61 -4.84 -3.11
C MET B 433 -20.92 -4.89 -2.30
N HIS B 434 -21.87 -4.06 -2.68
CA HIS B 434 -23.15 -3.98 -1.97
C HIS B 434 -24.36 -4.07 -2.89
N LEU B 435 -25.35 -4.83 -2.44
CA LEU B 435 -26.57 -5.05 -3.21
C LEU B 435 -27.81 -4.44 -2.57
N HIS B 436 -28.54 -3.64 -3.36
CA HIS B 436 -29.78 -3.05 -2.86
C HIS B 436 -30.89 -4.10 -3.05
N GLY B 437 -31.95 -3.98 -2.25
CA GLY B 437 -33.10 -4.86 -2.34
C GLY B 437 -33.00 -6.32 -1.95
N HIS B 438 -31.80 -6.77 -1.60
CA HIS B 438 -31.63 -8.18 -1.24
C HIS B 438 -30.45 -8.39 -0.31
N ASP B 439 -30.37 -9.61 0.19
CA ASP B 439 -29.23 -10.06 0.99
C ASP B 439 -28.72 -11.14 0.03
N PHE B 440 -27.42 -11.16 -0.25
CA PHE B 440 -26.92 -12.19 -1.14
C PHE B 440 -26.19 -13.29 -0.38
N LEU B 441 -25.98 -14.40 -1.07
CA LEU B 441 -25.26 -15.52 -0.50
C LEU B 441 -23.84 -15.41 -1.05
N VAL B 442 -22.86 -15.47 -0.15
CA VAL B 442 -21.47 -15.41 -0.59
C VAL B 442 -21.02 -16.86 -0.80
N LEU B 443 -21.06 -17.32 -2.04
CA LEU B 443 -20.68 -18.70 -2.37
C LEU B 443 -19.17 -18.95 -2.38
N GLY B 444 -18.40 -17.93 -2.73
CA GLY B 444 -16.96 -18.09 -2.77
C GLY B 444 -16.25 -16.93 -3.42
N ARG B 445 -14.94 -16.86 -3.23
CA ARG B 445 -14.09 -15.82 -3.79
C ARG B 445 -12.72 -16.44 -4.00
N SER B 446 -11.84 -15.75 -4.74
CA SER B 446 -10.49 -16.26 -4.97
C SER B 446 -9.74 -16.37 -3.64
N PRO B 447 -8.71 -17.23 -3.58
CA PRO B 447 -7.88 -17.48 -2.39
C PRO B 447 -7.40 -16.23 -1.64
N ASP B 448 -7.58 -16.23 -0.32
CA ASP B 448 -7.17 -15.11 0.50
C ASP B 448 -5.66 -14.94 0.41
N VAL B 449 -5.20 -13.79 -0.09
CA VAL B 449 -3.79 -13.51 -0.19
C VAL B 449 -3.55 -12.11 0.35
N PRO B 450 -2.29 -11.69 0.49
CA PRO B 450 -2.05 -10.34 1.00
C PRO B 450 -2.61 -9.31 0.03
N ALA B 451 -3.45 -8.42 0.54
CA ALA B 451 -4.11 -7.39 -0.27
C ALA B 451 -3.15 -6.57 -1.14
N ALA B 452 -1.93 -6.35 -0.66
CA ALA B 452 -0.96 -5.57 -1.42
C ALA B 452 -0.06 -6.42 -2.34
N SER B 453 -0.28 -7.73 -2.35
CA SER B 453 0.50 -8.66 -3.16
C SER B 453 0.48 -8.39 -4.65
N GLN B 454 -0.70 -8.10 -5.18
CA GLN B 454 -0.88 -7.88 -6.61
C GLN B 454 -0.96 -9.23 -7.33
N GLN B 455 -1.23 -10.28 -6.56
CA GLN B 455 -1.38 -11.63 -7.12
C GLN B 455 -2.78 -11.71 -7.70
N ARG B 456 -2.89 -12.22 -8.93
CA ARG B 456 -4.16 -12.30 -9.60
C ARG B 456 -4.72 -13.73 -9.64
N PHE B 457 -6.00 -13.82 -9.98
CA PHE B 457 -6.71 -15.09 -10.11
C PHE B 457 -7.87 -14.92 -11.09
N VAL B 458 -8.15 -15.97 -11.84
CA VAL B 458 -9.25 -15.99 -12.78
C VAL B 458 -9.98 -17.29 -12.46
N PHE B 459 -11.30 -17.24 -12.42
CA PHE B 459 -12.08 -18.42 -12.09
C PHE B 459 -11.71 -19.61 -12.97
N ASP B 460 -11.43 -20.74 -12.32
CA ASP B 460 -11.10 -21.98 -13.02
C ASP B 460 -11.84 -23.13 -12.37
N PRO B 461 -12.77 -23.75 -13.11
CA PRO B 461 -13.60 -24.87 -12.67
C PRO B 461 -12.81 -26.02 -12.04
N ALA B 462 -11.70 -26.39 -12.68
CA ALA B 462 -10.85 -27.49 -12.23
C ALA B 462 -10.46 -27.40 -10.76
N VAL B 463 -10.39 -26.19 -10.22
CA VAL B 463 -10.01 -26.04 -8.82
C VAL B 463 -10.99 -25.23 -7.99
N ASP B 464 -11.69 -24.30 -8.63
CA ASP B 464 -12.62 -23.46 -7.88
C ASP B 464 -14.03 -23.98 -7.61
N LEU B 465 -14.56 -24.85 -8.44
CA LEU B 465 -15.89 -25.38 -8.18
C LEU B 465 -15.90 -26.06 -6.81
N ALA B 466 -14.78 -26.65 -6.44
CA ALA B 466 -14.67 -27.35 -5.17
C ALA B 466 -14.50 -26.37 -4.00
N ARG B 467 -14.21 -25.12 -4.33
CA ARG B 467 -14.03 -24.09 -3.32
C ARG B 467 -15.34 -23.36 -3.00
N LEU B 468 -16.36 -23.60 -3.80
CA LEU B 468 -17.65 -22.95 -3.58
C LEU B 468 -18.43 -23.68 -2.47
N ASN B 469 -19.29 -22.95 -1.78
CA ASN B 469 -20.11 -23.53 -0.71
C ASN B 469 -21.54 -23.01 -0.78
N GLY B 470 -22.48 -23.95 -0.92
CA GLY B 470 -23.90 -23.59 -0.98
C GLY B 470 -24.65 -24.11 0.22
N ASP B 471 -23.92 -24.65 1.20
CA ASP B 471 -24.56 -25.18 2.39
C ASP B 471 -24.62 -24.09 3.45
N ASN B 472 -25.70 -23.31 3.39
CA ASN B 472 -25.94 -22.18 4.30
C ASN B 472 -24.72 -21.32 4.48
N PRO B 473 -24.22 -20.72 3.38
CA PRO B 473 -23.05 -19.86 3.45
C PRO B 473 -23.43 -18.51 4.04
N PRO B 474 -22.42 -17.66 4.32
CA PRO B 474 -22.75 -16.36 4.89
C PRO B 474 -23.69 -15.58 3.97
N ARG B 475 -24.72 -15.00 4.58
CA ARG B 475 -25.74 -14.23 3.86
C ARG B 475 -25.73 -12.80 4.42
N ARG B 476 -25.62 -11.81 3.54
CA ARG B 476 -25.59 -10.42 3.98
C ARG B 476 -25.77 -9.45 2.80
N ASP B 477 -25.61 -8.14 3.04
CA ASP B 477 -25.78 -7.19 1.95
C ASP B 477 -24.47 -6.55 1.45
N THR B 478 -23.36 -6.89 2.10
CA THR B 478 -22.05 -6.37 1.71
C THR B 478 -20.95 -7.38 2.01
N THR B 479 -20.04 -7.57 1.06
CA THR B 479 -18.92 -8.48 1.24
C THR B 479 -17.79 -7.97 0.37
N MET B 480 -16.57 -8.42 0.67
CA MET B 480 -15.39 -7.99 -0.06
C MET B 480 -15.08 -8.73 -1.36
N LEU B 481 -14.65 -7.96 -2.36
CA LEU B 481 -14.24 -8.51 -3.64
C LEU B 481 -12.72 -8.41 -3.55
N PRO B 482 -12.02 -9.54 -3.42
CA PRO B 482 -10.54 -9.55 -3.31
C PRO B 482 -9.84 -8.79 -4.45
N ALA B 483 -8.78 -8.08 -4.11
CA ALA B 483 -8.02 -7.36 -5.12
C ALA B 483 -7.48 -8.38 -6.13
N GLY B 484 -7.54 -8.03 -7.41
CA GLY B 484 -7.04 -8.90 -8.47
C GLY B 484 -7.66 -10.28 -8.61
N GLY B 485 -8.70 -10.57 -7.83
CA GLY B 485 -9.35 -11.87 -7.89
C GLY B 485 -10.78 -11.87 -8.42
N TRP B 486 -11.64 -12.65 -7.76
CA TRP B 486 -13.04 -12.75 -8.15
C TRP B 486 -13.94 -13.09 -6.96
N LEU B 487 -15.24 -12.90 -7.17
CA LEU B 487 -16.24 -13.15 -6.13
C LEU B 487 -17.52 -13.73 -6.77
N LEU B 488 -18.01 -14.83 -6.21
CA LEU B 488 -19.22 -15.46 -6.75
C LEU B 488 -20.38 -15.27 -5.77
N LEU B 489 -21.42 -14.57 -6.23
CA LEU B 489 -22.58 -14.28 -5.39
C LEU B 489 -23.88 -14.86 -5.94
N ALA B 490 -24.87 -14.99 -5.05
CA ALA B 490 -26.17 -15.50 -5.43
C ALA B 490 -27.28 -14.78 -4.65
N PHE B 491 -28.40 -14.53 -5.33
CA PHE B 491 -29.55 -13.92 -4.68
C PHE B 491 -30.81 -14.35 -5.42
N ARG B 492 -31.85 -14.66 -4.67
CA ARG B 492 -33.12 -15.10 -5.23
C ARG B 492 -33.98 -13.91 -5.66
N THR B 493 -34.52 -13.98 -6.86
CA THR B 493 -35.33 -12.90 -7.41
C THR B 493 -36.77 -12.87 -6.88
N ASP B 494 -36.90 -12.46 -5.62
CA ASP B 494 -38.19 -12.38 -4.95
C ASP B 494 -38.65 -10.95 -4.72
N ASN B 495 -38.06 -10.00 -5.44
CA ASN B 495 -38.41 -8.60 -5.21
C ASN B 495 -38.31 -7.75 -6.48
N PRO B 496 -39.39 -7.69 -7.28
CA PRO B 496 -39.39 -6.89 -8.50
C PRO B 496 -38.97 -5.44 -8.25
N GLY B 497 -38.17 -4.89 -9.15
CA GLY B 497 -37.70 -3.52 -9.02
C GLY B 497 -36.32 -3.31 -9.60
N ALA B 498 -35.87 -2.06 -9.68
CA ALA B 498 -34.55 -1.76 -10.20
C ALA B 498 -33.64 -1.64 -8.98
N TRP B 499 -32.63 -2.50 -8.92
CA TRP B 499 -31.72 -2.49 -7.78
C TRP B 499 -30.27 -2.28 -8.15
N LEU B 500 -29.64 -1.31 -7.50
CA LEU B 500 -28.24 -1.03 -7.76
C LEU B 500 -27.34 -2.08 -7.08
N PHE B 501 -26.23 -2.37 -7.74
CA PHE B 501 -25.23 -3.30 -7.24
C PHE B 501 -23.95 -2.52 -7.50
N HIS B 502 -23.32 -2.05 -6.43
CA HIS B 502 -22.15 -1.22 -6.61
C HIS B 502 -21.14 -1.33 -5.47
N CYS B 503 -19.93 -0.82 -5.72
CA CYS B 503 -18.90 -0.81 -4.68
C CYS B 503 -19.33 0.34 -3.77
N HIS B 504 -19.17 0.19 -2.46
CA HIS B 504 -19.60 1.25 -1.55
C HIS B 504 -18.55 2.29 -1.21
N ILE B 505 -17.44 2.31 -1.94
CA ILE B 505 -16.43 3.33 -1.71
C ILE B 505 -16.92 4.50 -2.55
N ALA B 506 -17.36 5.56 -1.88
CA ALA B 506 -17.91 6.73 -2.56
C ALA B 506 -17.16 7.15 -3.83
N TRP B 507 -15.85 7.24 -3.73
CA TRP B 507 -15.04 7.63 -4.87
C TRP B 507 -15.26 6.70 -6.06
N HIS B 508 -15.33 5.41 -5.78
CA HIS B 508 -15.52 4.38 -6.83
C HIS B 508 -16.88 4.36 -7.52
N VAL B 509 -17.97 4.33 -6.73
CA VAL B 509 -19.29 4.32 -7.33
C VAL B 509 -19.45 5.64 -8.08
N SER B 510 -18.87 6.69 -7.51
CA SER B 510 -18.92 8.01 -8.12
C SER B 510 -18.30 7.93 -9.52
N GLY B 511 -17.22 7.16 -9.61
CA GLY B 511 -16.51 6.99 -10.87
C GLY B 511 -17.12 5.95 -11.80
N GLY B 512 -18.35 5.51 -11.52
CA GLY B 512 -19.00 4.54 -12.41
C GLY B 512 -19.02 3.06 -12.03
N LEU B 513 -18.42 2.69 -10.91
CA LEU B 513 -18.38 1.28 -10.51
C LEU B 513 -19.72 0.80 -9.96
N SER B 514 -20.62 0.39 -10.85
CA SER B 514 -21.95 -0.08 -10.47
C SER B 514 -22.79 -0.57 -11.64
N VAL B 515 -23.76 -1.43 -11.34
CA VAL B 515 -24.70 -1.93 -12.35
C VAL B 515 -26.08 -1.73 -11.76
N ASP B 516 -27.11 -1.86 -12.59
CA ASP B 516 -28.49 -1.69 -12.16
C ASP B 516 -29.24 -2.98 -12.48
N PHE B 517 -29.53 -3.77 -11.45
CA PHE B 517 -30.26 -5.03 -11.63
C PHE B 517 -31.75 -4.76 -11.83
N LEU B 518 -32.22 -4.89 -13.06
CA LEU B 518 -33.64 -4.69 -13.35
C LEU B 518 -34.31 -6.05 -13.20
N GLU B 519 -34.84 -6.30 -12.01
CA GLU B 519 -35.47 -7.55 -11.66
C GLU B 519 -36.96 -7.67 -12.00
N ARG B 520 -37.31 -8.65 -12.83
CA ARG B 520 -38.70 -8.88 -13.20
C ARG B 520 -39.44 -7.60 -13.56
N PRO B 521 -38.93 -6.86 -14.56
CA PRO B 521 -39.56 -5.60 -14.99
C PRO B 521 -41.01 -5.73 -15.42
N ALA B 522 -41.42 -6.93 -15.83
CA ALA B 522 -42.80 -7.15 -16.26
C ALA B 522 -43.77 -7.10 -15.08
N ASP B 523 -43.33 -7.61 -13.94
CA ASP B 523 -44.16 -7.64 -12.74
C ASP B 523 -44.08 -6.32 -11.99
N LEU B 524 -42.95 -5.65 -12.09
CA LEU B 524 -42.71 -4.40 -11.38
C LEU B 524 -43.82 -3.35 -11.50
N ARG B 525 -44.29 -3.07 -12.70
CA ARG B 525 -45.31 -2.04 -12.87
C ARG B 525 -46.66 -2.36 -12.21
N GLN B 526 -47.07 -3.62 -12.21
CA GLN B 526 -48.33 -4.04 -11.61
C GLN B 526 -48.33 -3.87 -10.09
N ARG B 527 -47.16 -3.60 -9.51
CA ARG B 527 -47.07 -3.47 -8.07
C ARG B 527 -46.78 -2.07 -7.53
N ILE B 528 -46.69 -1.11 -8.43
CA ILE B 528 -46.42 0.27 -8.05
C ILE B 528 -47.76 0.96 -7.77
N SER B 529 -48.03 1.27 -6.51
CA SER B 529 -49.28 1.92 -6.13
C SER B 529 -49.49 3.23 -6.90
N GLN B 530 -50.70 3.77 -6.83
CA GLN B 530 -50.97 5.04 -7.50
C GLN B 530 -50.35 6.19 -6.70
N GLU B 531 -50.26 6.04 -5.38
CA GLU B 531 -49.66 7.09 -4.56
C GLU B 531 -48.16 7.19 -4.89
N ASP B 532 -47.47 6.05 -4.93
CA ASP B 532 -46.04 6.06 -5.23
C ASP B 532 -45.76 6.63 -6.61
N GLU B 533 -46.55 6.21 -7.59
CA GLU B 533 -46.39 6.68 -8.96
C GLU B 533 -46.62 8.20 -9.09
N ASP B 534 -47.71 8.70 -8.52
CA ASP B 534 -47.99 10.12 -8.61
C ASP B 534 -46.91 10.92 -7.90
N ASP B 535 -46.60 10.53 -6.66
CA ASP B 535 -45.58 11.25 -5.93
C ASP B 535 -44.23 11.14 -6.64
N PHE B 536 -44.05 10.10 -7.44
CA PHE B 536 -42.81 9.91 -8.20
C PHE B 536 -42.78 10.94 -9.33
N ASN B 537 -43.92 11.08 -10.01
CA ASN B 537 -44.05 12.03 -11.11
C ASN B 537 -43.97 13.44 -10.55
N ARG B 538 -44.45 13.60 -9.32
CA ARG B 538 -44.45 14.89 -8.66
C ARG B 538 -43.04 15.40 -8.36
N VAL B 539 -42.25 14.58 -7.68
CA VAL B 539 -40.88 14.97 -7.33
C VAL B 539 -40.02 15.15 -8.57
N CYS B 540 -40.24 14.32 -9.57
CA CYS B 540 -39.46 14.43 -10.78
C CYS B 540 -39.74 15.75 -11.49
N ASP B 541 -41.00 16.19 -11.49
CA ASP B 541 -41.36 17.45 -12.14
C ASP B 541 -40.67 18.62 -11.44
N GLU B 542 -40.72 18.61 -10.11
CA GLU B 542 -40.11 19.69 -9.33
C GLU B 542 -38.61 19.74 -9.55
N TRP B 543 -37.99 18.57 -9.71
CA TRP B 543 -36.56 18.49 -9.94
C TRP B 543 -36.19 18.98 -11.34
N ARG B 544 -36.93 18.52 -12.35
CA ARG B 544 -36.68 18.91 -13.73
C ARG B 544 -36.83 20.42 -13.95
N ALA B 545 -37.65 21.06 -13.14
CA ALA B 545 -37.87 22.49 -13.25
C ALA B 545 -36.73 23.20 -12.55
N TYR B 546 -36.27 22.63 -11.44
CA TYR B 546 -35.18 23.23 -10.69
C TYR B 546 -33.81 23.12 -11.38
N TRP B 547 -33.46 21.92 -11.83
CA TRP B 547 -32.15 21.65 -12.45
C TRP B 547 -31.56 22.74 -13.34
N PRO B 548 -32.33 23.20 -14.34
CA PRO B 548 -31.78 24.23 -15.21
C PRO B 548 -31.26 25.46 -14.45
N THR B 549 -31.78 25.67 -13.23
CA THR B 549 -31.38 26.82 -12.43
C THR B 549 -30.15 26.55 -11.58
N ASN B 550 -29.69 25.31 -11.58
CA ASN B 550 -28.53 24.93 -10.79
C ASN B 550 -27.26 25.53 -11.40
N PRO B 551 -26.45 26.21 -10.57
CA PRO B 551 -25.19 26.85 -10.98
C PRO B 551 -23.99 25.92 -11.10
N TYR B 552 -24.13 24.70 -10.59
CA TYR B 552 -23.04 23.73 -10.66
C TYR B 552 -23.43 22.60 -11.60
N PRO B 553 -22.45 21.93 -12.19
CA PRO B 553 -22.75 20.83 -13.10
C PRO B 553 -22.59 19.50 -12.38
N LYS B 554 -23.08 18.43 -13.00
CA LYS B 554 -22.95 17.09 -12.44
C LYS B 554 -21.67 16.54 -13.05
N ILE B 555 -20.65 16.37 -12.22
CA ILE B 555 -19.34 15.90 -12.67
C ILE B 555 -19.05 14.40 -12.54
N ASP B 556 -19.95 13.64 -11.92
CA ASP B 556 -19.73 12.20 -11.77
C ASP B 556 -20.95 11.39 -12.18
N SER B 557 -20.98 10.11 -11.79
CA SER B 557 -22.08 9.21 -12.17
C SER B 557 -23.44 9.59 -11.58
N GLY B 558 -23.45 10.44 -10.56
CA GLY B 558 -24.70 10.82 -9.94
C GLY B 558 -25.07 9.90 -8.79
N LEU B 559 -24.25 8.87 -8.59
CA LEU B 559 -24.48 7.91 -7.52
C LEU B 559 -23.38 8.00 -6.44
C1 NAG C . 19.57 -11.12 -21.98
C2 NAG C . 18.69 -10.57 -23.11
C3 NAG C . 17.23 -10.82 -22.77
C4 NAG C . 16.98 -12.31 -22.45
C5 NAG C . 18.01 -12.84 -21.43
C6 NAG C . 17.92 -14.35 -21.26
C7 NAG C . 19.39 -8.69 -24.45
C8 NAG C . 19.39 -7.19 -24.66
N2 NAG C . 18.94 -9.15 -23.29
O3 NAG C . 16.43 -10.43 -23.87
O4 NAG C . 15.66 -12.48 -21.90
O5 NAG C . 19.36 -12.52 -21.85
O6 NAG C . 17.73 -15.00 -22.51
O7 NAG C . 19.80 -9.43 -25.35
C1 NAG C . 14.71 -13.04 -22.75
C2 NAG C . 13.51 -13.51 -21.92
C3 NAG C . 12.35 -13.94 -22.84
C4 NAG C . 12.07 -12.90 -23.92
C5 NAG C . 13.36 -12.53 -24.65
C6 NAG C . 13.16 -11.45 -25.69
C7 NAG C . 14.09 -14.51 -19.80
C8 NAG C . 14.25 -15.80 -19.00
N2 NAG C . 13.89 -14.64 -21.11
O3 NAG C . 11.18 -14.13 -22.06
O4 NAG C . 11.12 -13.43 -24.86
O5 NAG C . 14.33 -12.04 -23.71
O6 NAG C . 12.99 -10.18 -25.08
O7 NAG C . 14.13 -13.43 -19.23
C1 BMA C . 10.10 -12.59 -25.26
C2 BMA C . 9.33 -13.24 -26.41
C3 BMA C . 8.15 -12.35 -26.80
C4 BMA C . 7.29 -12.04 -25.58
C5 BMA C . 8.14 -11.48 -24.43
C6 BMA C . 7.35 -11.33 -23.14
O2 BMA C . 8.85 -14.50 -26.00
O3 BMA C . 7.37 -13.02 -27.81
O4 BMA C . 6.29 -11.08 -25.93
O5 BMA C . 9.24 -12.38 -24.13
O6 BMA C . 7.02 -12.63 -22.62
C1 MAN C . 6.91 -12.64 -21.22
C2 MAN C . 6.90 -14.08 -20.72
C3 MAN C . 5.70 -14.80 -21.33
C4 MAN C . 4.41 -14.07 -20.94
C5 MAN C . 4.48 -12.56 -21.24
C6 MAN C . 3.35 -11.79 -20.56
O2 MAN C . 6.78 -14.07 -19.30
O3 MAN C . 5.65 -16.15 -20.86
O4 MAN C . 3.33 -14.63 -21.66
O5 MAN C . 5.73 -11.98 -20.77
O6 MAN C . 3.84 -11.13 -19.36
C1 MAN C . 6.49 -17.07 -21.51
C2 MAN C . 6.19 -18.49 -21.03
C3 MAN C . 6.58 -18.64 -19.56
C4 MAN C . 8.05 -18.27 -19.37
C5 MAN C . 8.31 -16.87 -19.91
C6 MAN C . 9.78 -16.48 -19.87
O2 MAN C . 6.89 -19.43 -21.83
O3 MAN C . 6.36 -19.98 -19.13
O4 MAN C . 8.38 -18.31 -17.98
O5 MAN C . 7.88 -16.78 -21.29
O6 MAN C . 10.54 -17.19 -20.84
C1 BMA C . 3.23 -9.89 -19.06
C2 BMA C . 3.42 -8.86 -20.18
C3 BMA C . 2.84 -7.53 -19.73
C4 BMA C . 1.38 -7.70 -19.35
C5 BMA C . 1.25 -8.78 -18.27
C6 BMA C . -0.19 -9.09 -17.91
O2 BMA C . 2.75 -9.29 -21.36
O3 BMA C . 2.97 -6.57 -20.78
O4 BMA C . 0.85 -6.46 -18.88
O5 BMA C . 1.85 -10.01 -18.72
O6 BMA C . -0.27 -10.18 -17.00
C1 MAN C . 6.84 -12.19 -28.80
C2 MAN C . 5.75 -12.94 -29.60
C3 MAN C . 6.38 -13.96 -30.56
C4 MAN C . 7.44 -13.29 -31.43
C5 MAN C . 8.48 -12.61 -30.53
C6 MAN C . 9.53 -11.87 -31.33
O2 MAN C . 4.96 -12.01 -30.33
O3 MAN C . 5.38 -14.54 -31.38
O4 MAN C . 8.07 -14.26 -32.26
O5 MAN C . 7.84 -11.64 -29.67
O6 MAN C . 9.13 -10.52 -31.57
C1 NAG D . 23.51 -23.19 14.28
C2 NAG D . 22.83 -24.52 14.57
C3 NAG D . 23.28 -25.03 15.94
C4 NAG D . 24.81 -25.05 16.05
C5 NAG D . 25.41 -23.71 15.61
C6 NAG D . 26.93 -23.75 15.53
C7 NAG D . 20.67 -24.84 13.54
C8 NAG D . 19.19 -24.45 13.49
N2 NAG D . 21.38 -24.35 14.55
O3 NAG D . 22.77 -26.35 16.13
O4 NAG D . 25.18 -25.30 17.42
O5 NAG D . 24.92 -23.35 14.30
O6 NAG D . 27.38 -24.96 14.94
O7 NAG D . 21.14 -25.56 12.66
C1 NAG D . 25.60 -26.58 17.73
C2 NAG D . 26.51 -26.55 18.96
C3 NAG D . 26.89 -27.98 19.36
C4 NAG D . 25.62 -28.82 19.56
C5 NAG D . 24.73 -28.74 18.32
C6 NAG D . 23.41 -29.46 18.49
C7 NAG D . 28.02 -24.74 19.45
C8 NAG D . 29.50 -24.52 19.74
N2 NAG D . 27.70 -25.76 18.67
O3 NAG D . 27.65 -27.94 20.57
O4 NAG D . 25.97 -30.19 19.83
O5 NAG D . 24.43 -27.37 18.00
O6 NAG D . 22.40 -28.87 17.69
O7 NAG D . 27.19 -23.99 19.97
C1 BMA D . 25.25 -30.82 20.83
C2 BMA D . 25.14 -32.33 20.51
C3 BMA D . 24.48 -33.08 21.66
C4 BMA D . 25.20 -32.76 22.98
C5 BMA D . 25.28 -31.25 23.19
C6 BMA D . 26.04 -30.87 24.44
O2 BMA D . 26.43 -32.86 20.26
O3 BMA D . 24.53 -34.47 21.41
O4 BMA D . 24.50 -33.36 24.07
O5 BMA D . 25.94 -30.63 22.08
O6 BMA D . 27.35 -31.43 24.43
C1 NAG E . 10.81 -13.49 13.38
C2 NAG E . 9.34 -13.18 13.74
C3 NAG E . 8.63 -14.41 14.28
C4 NAG E . 8.84 -15.62 13.37
C5 NAG E . 10.34 -15.83 13.11
C6 NAG E . 10.63 -16.98 12.18
C7 NAG E . 9.03 -10.90 14.39
C8 NAG E . 8.92 -9.87 15.50
N2 NAG E . 9.29 -12.14 14.75
O3 NAG E . 7.24 -14.12 14.37
O4 NAG E . 8.30 -16.80 13.99
O5 NAG E . 10.88 -14.63 12.52
O6 NAG E . 9.96 -16.82 10.93
O7 NAG E . 8.85 -10.55 13.22
C1 NAG E . 7.07 -17.23 13.51
C2 NAG E . 6.87 -18.70 13.86
C3 NAG E . 5.48 -19.16 13.39
C4 NAG E . 4.39 -18.21 13.91
C5 NAG E . 4.73 -16.74 13.65
C6 NAG E . 3.77 -15.82 14.38
C7 NAG E . 8.77 -20.19 13.95
C8 NAG E . 9.58 -21.26 13.23
N2 NAG E . 7.90 -19.50 13.23
O3 NAG E . 5.25 -20.49 13.85
O4 NAG E . 3.13 -18.52 13.27
O5 NAG E . 6.05 -16.43 14.13
O6 NAG E . 3.55 -14.63 13.65
O7 NAG E . 8.94 -20.00 15.16
C1 BMA E . 2.10 -18.90 14.09
C2 BMA E . 0.76 -18.49 13.47
C3 BMA E . -0.38 -18.95 14.38
C4 BMA E . -0.28 -20.46 14.62
C5 BMA E . 1.13 -20.85 15.12
C6 BMA E . 1.34 -22.36 15.18
O2 BMA E . 0.63 -19.09 12.19
O3 BMA E . -1.64 -18.65 13.77
O4 BMA E . -1.24 -20.84 15.59
O5 BMA E . 2.15 -20.33 14.24
O6 BMA E . 0.26 -23.01 15.84
C1 MAN E . -2.26 -17.49 14.25
C2 MAN E . -3.73 -17.44 13.80
C3 MAN E . -3.85 -17.08 12.30
C4 MAN E . -3.05 -15.81 11.99
C5 MAN E . -1.61 -15.98 12.46
C6 MAN E . -0.77 -14.72 12.25
O2 MAN E . -4.44 -16.47 14.58
O3 MAN E . -5.22 -16.88 11.96
O4 MAN E . -3.09 -15.53 10.60
O5 MAN E . -1.57 -16.28 13.87
O6 MAN E . 0.60 -15.04 12.11
C1 MAN E . -5.01 -16.94 15.77
C2 MAN E . -6.52 -16.76 15.72
C3 MAN E . -6.88 -15.27 15.76
C4 MAN E . -6.24 -14.60 16.97
C5 MAN E . -4.72 -14.85 16.96
C6 MAN E . -4.02 -14.30 18.18
O2 MAN E . -7.13 -17.43 16.82
O3 MAN E . -8.28 -15.11 15.81
O4 MAN E . -6.49 -13.20 16.94
O5 MAN E . -4.47 -16.28 16.91
O6 MAN E . -3.15 -15.26 18.75
C1 NAG F . 15.71 20.84 -16.70
C2 NAG F . 17.11 21.36 -16.39
C3 NAG F . 17.12 22.89 -16.47
C4 NAG F . 16.42 23.43 -17.74
C5 NAG F . 15.14 22.67 -18.09
C6 NAG F . 14.68 22.95 -19.50
C7 NAG F . 18.59 20.16 -14.91
C8 NAG F . 19.30 20.19 -13.57
N2 NAG F . 17.52 20.93 -15.07
O3 NAG F . 18.46 23.36 -16.43
O4 NAG F . 16.06 24.82 -17.52
O5 NAG F . 15.35 21.25 -18.01
O6 NAG F . 13.26 22.94 -19.59
O7 NAG F . 19.02 19.43 -15.81
C1 NAG F . 16.72 25.80 -18.23
C2 NAG F . 15.92 27.10 -18.14
C3 NAG F . 16.69 28.25 -18.78
C4 NAG F . 18.08 28.37 -18.15
C5 NAG F . 18.81 27.01 -18.26
C6 NAG F . 20.14 27.05 -17.55
C7 NAG F . 13.52 26.94 -18.02
C8 NAG F . 12.66 25.69 -18.05
N2 NAG F . 14.63 26.94 -18.77
O3 NAG F . 15.98 29.47 -18.60
O4 NAG F . 18.83 29.38 -18.81
O5 NAG F . 18.02 25.97 -17.63
O6 NAG F . 19.98 27.30 -16.16
O7 NAG F . 13.20 27.90 -17.31
C1 NAG G . 28.67 13.18 -32.62
C2 NAG G . 29.02 12.82 -34.08
C3 NAG G . 27.74 12.57 -34.86
C4 NAG G . 26.85 11.53 -34.17
C5 NAG G . 26.61 11.96 -32.71
C6 NAG G . 25.82 10.95 -31.91
C7 NAG G . 30.24 14.94 -34.10
C8 NAG G . 29.23 16.06 -33.83
N2 NAG G . 29.80 13.85 -34.74
O3 NAG G . 28.07 12.13 -36.17
O4 NAG G . 25.58 11.48 -34.86
O5 NAG G . 27.88 12.14 -32.04
O6 NAG G . 24.78 11.57 -31.17
O7 NAG G . 31.42 15.08 -33.76
C1 NAG G . 25.37 10.40 -35.70
C2 NAG G . 23.91 10.40 -36.16
C3 NAG G . 23.68 9.23 -37.11
C4 NAG G . 24.62 9.37 -38.31
C5 NAG G . 26.08 9.48 -37.82
C6 NAG G . 27.02 9.80 -38.98
C7 NAG G . 22.62 11.47 -34.45
C8 NAG G . 22.16 11.39 -33.00
N2 NAG G . 23.01 10.34 -35.02
O3 NAG G . 22.33 9.24 -37.55
O4 NAG G . 24.49 8.25 -39.16
O5 NAG G . 26.22 10.55 -36.85
O6 NAG G . 28.27 9.16 -38.81
O7 NAG G . 22.61 12.56 -35.02
C1 NAG H . -23.66 20.22 -4.10
C2 NAG H . -23.22 20.57 -5.52
C3 NAG H . -21.69 20.74 -5.54
C4 NAG H . -21.23 21.75 -4.46
C5 NAG H . -21.84 21.41 -3.10
C6 NAG H . -21.56 22.45 -2.04
C7 NAG H . -24.39 19.78 -7.47
C8 NAG H . -24.47 18.71 -8.55
N2 NAG H . -23.61 19.51 -6.42
O3 NAG H . -21.29 21.20 -6.83
O4 NAG H . -19.79 21.67 -4.34
O5 NAG H . -23.28 21.26 -3.19
O6 NAG H . -21.46 23.74 -2.62
O7 NAG H . -25.01 20.83 -7.58
C1 NAG H . -19.03 22.69 -4.91
C2 NAG H . -17.64 22.64 -4.26
C3 NAG H . -16.66 23.58 -4.97
C4 NAG H . -16.69 23.38 -6.49
C5 NAG H . -18.14 23.43 -7.00
C6 NAG H . -18.23 23.11 -8.48
C7 NAG H . -17.47 22.11 -1.92
C8 NAG H . -17.19 22.66 -0.52
N2 NAG H . -17.74 23.00 -2.87
O3 NAG H . -15.35 23.34 -4.51
O4 NAG H . -15.93 24.42 -7.12
O5 NAG H . -18.94 22.44 -6.31
O6 NAG H . -18.16 21.71 -8.71
O7 NAG H . -17.43 20.90 -2.12
C1 BMA H . -15.07 24.03 -8.14
C2 BMA H . -14.50 25.25 -8.85
C3 BMA H . -13.49 24.82 -9.93
C4 BMA H . -12.45 23.86 -9.35
C5 BMA H . -13.12 22.72 -8.57
C6 BMA H . -12.11 21.83 -7.87
O2 BMA H . -13.84 26.09 -7.90
O3 BMA H . -12.83 25.98 -10.45
O4 BMA H . -11.66 23.33 -10.40
O5 BMA H . -14.00 23.26 -7.57
O6 BMA H . -11.27 22.62 -7.01
C1 MAN H . -11.11 22.01 -5.75
C2 MAN H . -11.01 23.08 -4.66
C3 MAN H . -9.67 23.81 -4.73
C4 MAN H . -8.52 22.79 -4.68
C5 MAN H . -8.70 21.76 -5.80
C6 MAN H . -7.65 20.67 -5.73
O2 MAN H . -11.15 22.47 -3.38
O3 MAN H . -9.53 24.75 -3.64
O4 MAN H . -7.29 23.46 -4.83
O5 MAN H . -10.00 21.12 -5.70
O6 MAN H . -8.21 19.38 -6.00
C1 MAN H . -10.34 25.89 -3.68
C2 MAN H . -9.82 26.92 -2.68
C3 MAN H . -10.01 26.40 -1.25
C4 MAN H . -11.47 26.01 -1.01
C5 MAN H . -11.96 25.04 -2.09
C6 MAN H . -13.45 24.77 -2.00
O2 MAN H . -10.52 28.15 -2.85
O3 MAN H . -9.62 27.40 -0.31
O4 MAN H . -11.59 25.39 0.26
O5 MAN H . -11.72 25.60 -3.41
O6 MAN H . -13.72 23.38 -2.02
C1 MAN H . -12.79 26.07 -11.86
C2 MAN H . -11.77 27.15 -12.27
C3 MAN H . -12.29 28.55 -11.88
C4 MAN H . -13.71 28.77 -12.42
C5 MAN H . -14.64 27.62 -11.99
C6 MAN H . -16.03 27.72 -12.58
O2 MAN H . -11.54 27.09 -13.67
O3 MAN H . -11.42 29.54 -12.42
O4 MAN H . -14.22 30.00 -11.90
O5 MAN H . -14.07 26.35 -12.41
O6 MAN H . -15.98 27.83 -14.00
C1 NAG I . -16.09 7.41 31.23
C2 NAG I . -15.30 8.44 32.03
C3 NAG I . -15.27 8.02 33.50
C4 NAG I . -16.70 7.74 34.04
C5 NAG I . -17.49 6.85 33.07
C6 NAG I . -18.96 6.71 33.43
C7 NAG I . -13.60 9.59 30.76
C8 NAG I . -12.28 9.50 30.02
N2 NAG I . -13.95 8.54 31.51
O3 NAG I . -14.65 9.03 34.27
O4 NAG I . -16.62 7.07 35.31
O5 NAG I . -17.42 7.36 31.72
O6 NAG I . -19.52 7.98 33.75
O7 NAG I . -14.29 10.60 30.66
C1 NAG I . -16.77 7.84 36.46
C2 NAG I . -17.29 6.95 37.60
C3 NAG I . -17.31 7.72 38.92
C4 NAG I . -15.94 8.34 39.20
C5 NAG I . -15.52 9.18 37.99
C6 NAG I . -14.14 9.79 38.15
C7 NAG I . -18.85 5.17 37.19
C8 NAG I . -20.28 4.73 36.88
N2 NAG I . -18.63 6.48 37.28
O3 NAG I . -17.65 6.83 39.98
O4 NAG I . -16.01 9.15 40.37
O5 NAG I . -15.50 8.38 36.80
O6 NAG I . -13.57 10.09 36.88
O7 NAG I . -17.97 4.31 37.34
C1 NAG J . -5.14 1.43 21.03
C2 NAG J . -3.67 1.10 20.72
C3 NAG J . -2.70 1.81 21.67
C4 NAG J . -3.05 3.29 21.77
C5 NAG J . -4.52 3.45 22.16
C6 NAG J . -4.96 4.90 22.30
C7 NAG J . -3.56 -1.13 19.80
C8 NAG J . -3.61 -2.62 20.07
N2 NAG J . -3.46 -0.33 20.85
O3 NAG J . -1.38 1.65 21.18
O4 NAG J . -2.20 3.93 22.75
O5 NAG J . -5.33 2.85 21.13
O6 NAG J . -5.07 5.53 21.04
O7 NAG J . -3.60 -0.71 18.63
C1 NAG J . -1.23 4.76 22.24
C2 NAG J . -0.79 5.76 23.32
C3 NAG J . 0.44 6.56 22.86
C4 NAG J . 1.53 5.63 22.33
C5 NAG J . 0.93 4.73 21.25
C6 NAG J . 1.91 3.77 20.61
C7 NAG J . -2.42 6.78 24.79
C8 NAG J . -3.19 8.06 25.08
N2 NAG J . -1.89 6.68 23.57
O3 NAG J . 0.95 7.32 23.95
O4 NAG J . 2.61 6.40 21.78
O5 NAG J . -0.14 3.95 21.81
O6 NAG J . 2.38 2.82 21.56
O7 NAG J . -2.29 5.92 25.66
C1 BMA J . 3.85 6.16 22.33
C2 BMA J . 4.94 6.37 21.27
C3 BMA J . 6.31 6.15 21.90
C4 BMA J . 6.48 7.05 23.13
C5 BMA J . 5.30 6.87 24.10
C6 BMA J . 5.34 7.85 25.26
O2 BMA J . 4.85 7.69 20.76
O3 BMA J . 7.33 6.45 20.93
O4 BMA J . 7.69 6.72 23.79
O5 BMA J . 4.04 7.07 23.41
O6 BMA J . 5.88 9.11 24.86
C1 MAN J . 7.96 5.32 20.38
C2 MAN J . 9.20 5.76 19.57
C3 MAN J . 8.80 6.36 18.20
C4 MAN J . 7.81 5.47 17.46
C5 MAN J . 6.62 5.15 18.37
C6 MAN J . 5.64 4.18 17.71
O2 MAN J . 10.07 4.62 19.36
O3 MAN J . 9.96 6.54 17.40
O4 MAN J . 7.36 6.13 16.29
O5 MAN J . 7.08 4.52 19.59
O6 MAN J . 4.35 4.30 18.27
C1 MAN J . 10.72 4.15 20.51
C2 MAN J . 12.23 4.25 20.33
C3 MAN J . 12.69 3.27 19.24
C4 MAN J . 12.22 1.85 19.56
C5 MAN J . 10.70 1.83 19.81
C6 MAN J . 10.20 0.48 20.29
O2 MAN J . 12.88 3.93 21.55
O3 MAN J . 14.11 3.29 19.15
O4 MAN J . 12.54 0.97 18.49
O5 MAN J . 10.35 2.81 20.83
O6 MAN J . 9.96 0.49 21.68
O1 OXY K . 24.61 1.49 -8.52
O2 OXY K . 23.87 0.86 -9.25
CU CU L . 12.28 4.34 -7.91
CU CU M . 24.22 2.63 -10.81
CU CU N . 24.28 -0.40 -6.94
CU CU O . 26.70 2.87 -7.78
CL CL P . 28.69 3.98 -6.80
C1 NAG Q . 33.56 -20.64 -17.20
C2 NAG Q . 34.63 -21.11 -18.20
C3 NAG Q . 34.03 -22.13 -19.17
C4 NAG Q . 33.38 -23.27 -18.39
C5 NAG Q . 32.36 -22.71 -17.38
C6 NAG Q . 31.76 -23.79 -16.51
C7 NAG Q . 36.33 -19.43 -18.54
C8 NAG Q . 37.19 -18.78 -19.63
N2 NAG Q . 35.17 -19.97 -18.92
O3 NAG Q . 35.06 -22.64 -20.01
O4 NAG Q . 32.71 -24.15 -19.29
O5 NAG Q . 33.02 -21.77 -16.50
O6 NAG Q . 31.84 -23.45 -15.15
O7 NAG Q . 36.72 -19.44 -17.38
C1 NAG R . 27.52 -16.00 5.53
C2 NAG R . 28.14 -15.94 6.93
C3 NAG R . 29.63 -16.20 6.83
C4 NAG R . 29.86 -17.56 6.16
C5 NAG R . 29.19 -17.56 4.78
C6 NAG R . 29.31 -18.90 4.08
C7 NAG R . 27.68 -14.57 8.84
C8 NAG R . 28.34 -13.43 9.59
N2 NAG R . 27.89 -14.65 7.53
O3 NAG R . 30.19 -16.19 8.15
O4 NAG R . 31.25 -17.81 6.02
O5 NAG R . 27.77 -17.28 4.92
O6 NAG R . 28.11 -19.23 3.39
O7 NAG R . 26.99 -15.38 9.45
S SO4 S . 47.91 8.39 -4.12
O1 SO4 S . 49.06 9.29 -3.86
O2 SO4 S . 47.97 7.24 -3.19
O3 SO4 S . 47.96 7.90 -5.50
O4 SO4 S . 46.66 9.14 -3.89
S SO4 T . 41.93 18.80 -8.72
O1 SO4 T . 42.11 18.33 -7.34
O2 SO4 T . 43.14 19.53 -9.14
O3 SO4 T . 40.76 19.69 -8.79
O4 SO4 T . 41.72 17.64 -9.60
O1 OXY U . -26.04 1.49 -0.55
O2 OXY U . -25.33 2.46 -0.78
CU CU V . -14.39 0.11 -5.21
CU CU W . -26.26 2.10 -2.93
CU CU X . -25.17 2.08 1.72
CU CU Y . -27.82 -0.10 -0.05
CL CL Z . -29.54 -1.74 0.46
C1 NAG AA . -34.92 23.47 8.98
C2 NAG AA . -36.18 24.34 8.89
C3 NAG AA . -35.80 25.82 8.69
C4 NAG AA . -34.73 26.27 9.70
C5 NAG AA . -33.55 25.29 9.69
C6 NAG AA . -32.48 25.63 10.70
C7 NAG AA . -38.07 23.14 8.00
C8 NAG AA . -39.27 23.34 7.08
N2 NAG AA . -36.99 23.89 7.77
O3 NAG AA . -36.96 26.62 8.84
O4 NAG AA . -34.28 27.57 9.36
O5 NAG AA . -34.02 23.96 9.98
O6 NAG AA . -32.72 24.96 11.93
O7 NAG AA . -38.12 22.32 8.93
C1 NAG BA . -21.74 -7.87 -20.57
C2 NAG BA . -23.06 -8.61 -20.28
C3 NAG BA . -23.28 -9.69 -21.34
C4 NAG BA . -23.22 -9.08 -22.74
C5 NAG BA . -21.91 -8.31 -22.92
C6 NAG BA . -21.85 -7.57 -24.24
C7 NAG BA . -23.92 -8.90 -18.05
C8 NAG BA . -24.02 -9.82 -16.84
N2 NAG BA . -23.01 -9.21 -18.96
O3 NAG BA . -24.55 -10.31 -21.15
O4 NAG BA . -23.31 -10.11 -23.71
O5 NAG BA . -21.77 -7.31 -21.88
O6 NAG BA . -22.98 -6.71 -24.39
O7 NAG BA . -24.68 -7.94 -18.16
C1 NAG CA . -38.03 5.86 -24.98
C2 NAG CA . -38.60 7.16 -25.55
C3 NAG CA . -37.61 7.78 -26.53
C4 NAG CA . -36.24 7.97 -25.84
C5 NAG CA . -35.77 6.65 -25.21
C6 NAG CA . -34.52 6.83 -24.40
C7 NAG CA . -40.19 5.75 -26.74
C8 NAG CA . -39.52 5.36 -28.04
N2 NAG CA . -39.87 6.95 -26.21
O3 NAG CA . -38.09 9.04 -26.98
O4 NAG CA . -35.29 8.42 -26.80
O5 NAG CA . -36.79 6.11 -24.32
O6 NAG CA . -34.77 7.63 -23.25
O7 NAG CA . -40.98 4.98 -26.19
C1 NAG DA . -23.25 6.72 21.48
C2 NAG DA . -23.49 5.84 22.73
C3 NAG DA . -24.83 6.16 23.41
C4 NAG DA . -24.95 7.67 23.65
C5 NAG DA . -24.76 8.40 22.32
C6 NAG DA . -24.86 9.90 22.48
C7 NAG DA . -22.69 3.59 23.09
C8 NAG DA . -22.64 2.14 22.64
N2 NAG DA . -23.44 4.43 22.38
O3 NAG DA . -24.92 5.47 24.64
O4 NAG DA . -26.22 7.99 24.20
O5 NAG DA . -23.45 8.11 21.79
O6 NAG DA . -23.97 10.58 21.62
O7 NAG DA . -22.04 3.95 24.07
C1 NAG EA . -6.60 -10.55 30.13
C2 NAG EA . -6.31 -11.86 29.38
C3 NAG EA . -5.83 -12.93 30.36
C4 NAG EA . -4.65 -12.40 31.18
C5 NAG EA . -5.02 -11.06 31.85
C6 NAG EA . -3.84 -10.45 32.58
C7 NAG EA . -7.64 -12.13 27.39
C8 NAG EA . -8.63 -13.03 26.65
N2 NAG EA . -7.52 -12.31 28.69
O3 NAG EA . -5.43 -14.08 29.65
O4 NAG EA . -4.28 -13.36 32.17
O5 NAG EA . -5.45 -10.12 30.86
O6 NAG EA . -3.84 -10.79 33.96
O7 NAG EA . -7.01 -11.28 26.76
S SO4 FA . -47.88 -8.57 5.21
O1 SO4 FA . -46.53 -9.13 4.97
O2 SO4 FA . -48.15 -7.50 4.22
O3 SO4 FA . -47.94 -8.02 6.58
O4 SO4 FA . -48.88 -9.64 5.06
#